data_7NN1
#
_entry.id   7NN1
#
_cell.length_a   65.055
_cell.length_b   184.265
_cell.length_c   71.545
_cell.angle_alpha   90.000
_cell.angle_beta   106.100
_cell.angle_gamma   90.000
#
_symmetry.space_group_name_H-M   'P 1 21 1'
#
loop_
_entity.id
_entity.type
_entity.pdbx_description
1 polymer 'Acetylornithine aminotransferase'
2 non-polymer 'NITRATE ION'
3 water water
#
_entity_poly.entity_id   1
_entity_poly.type   'polypeptide(L)'
_entity_poly.pdbx_seq_one_letter_code
;GSMTGASTTTATMRQRWQAVMMNNYGTPPIALASGDGAVVTDVDGRTYIDLLGGIAVNVLGHRHPAVIEAVTRQMSTLGH
TSNLYATEPGIALAEELVALLGADQRTRVFFCNSGAEANEAAFKLSRLTGRTKLVAAHDAFHGRTMGSLALTGQPAKQTP
FAPLPGDVTHVGYGDVDALAAAVDDHTAAVFLEPIMGESGVVVPPAGYLAAARDITARRGALLVLDEVQTGMGRTGAFFA
HQHDGITPDVVTLA(LLP)GLGGGLPIGACLAVGPAAELLTPGLHGSTFGGNPVCAAAALAVLRVLASDGLVRRAEVLGK
SLRHGIEALGHPLIDHVRGRGLLLGIALTAPHAKDAEATARDAGYLVNAAAPDVIRLAPPLIIAEAQLDGFVAALPAILD
RAVGAP
;
_entity_poly.pdbx_strand_id   A,B,C,D
#
loop_
_chem_comp.id
_chem_comp.type
_chem_comp.name
_chem_comp.formula
NO3 non-polymer 'NITRATE ION' 'N O3 -1'
#
# COMPACT_ATOMS: atom_id res chain seq x y z
N THR A 9 15.30 -5.10 51.54
CA THR A 9 16.77 -5.06 51.34
C THR A 9 17.08 -4.93 49.85
N THR A 10 18.35 -4.66 49.56
CA THR A 10 18.80 -4.56 48.17
C THR A 10 18.70 -5.94 47.55
N ALA A 11 19.05 -6.99 48.29
CA ALA A 11 19.00 -8.38 47.79
C ALA A 11 17.57 -8.77 47.43
N THR A 12 16.59 -8.36 48.22
CA THR A 12 15.20 -8.74 47.91
C THR A 12 14.74 -8.05 46.64
N MET A 13 15.04 -6.77 46.51
CA MET A 13 14.62 -6.02 45.33
C MET A 13 15.29 -6.57 44.07
N ARG A 14 16.59 -6.86 44.15
CA ARG A 14 17.29 -7.43 43.00
C ARG A 14 16.77 -8.82 42.67
N GLN A 15 16.40 -9.60 43.69
CA GLN A 15 15.82 -10.92 43.43
C GLN A 15 14.47 -10.79 42.72
N ARG A 16 13.66 -9.82 43.13
CA ARG A 16 12.39 -9.61 42.43
C ARG A 16 12.62 -9.15 41.00
N TRP A 17 13.59 -8.25 40.79
CA TRP A 17 13.92 -7.84 39.42
C TRP A 17 14.28 -9.05 38.56
N GLN A 18 15.12 -9.94 39.08
CA GLN A 18 15.60 -11.05 38.29
C GLN A 18 14.51 -12.07 37.99
N ALA A 19 13.43 -12.06 38.76
CA ALA A 19 12.33 -13.00 38.55
C ALA A 19 11.32 -12.53 37.51
N VAL A 20 11.24 -11.22 37.21
CA VAL A 20 10.17 -10.73 36.34
C VAL A 20 10.68 -9.92 35.17
N MET A 21 11.82 -9.25 35.33
CA MET A 21 12.27 -8.34 34.29
C MET A 21 13.00 -9.09 33.20
N MET A 22 12.82 -8.64 31.95
CA MET A 22 13.71 -9.11 30.91
C MET A 22 15.13 -8.69 31.23
N ASN A 23 16.09 -9.47 30.72
CA ASN A 23 17.48 -9.26 31.10
C ASN A 23 18.24 -8.39 30.11
N ASN A 24 17.58 -7.44 29.45
CA ASN A 24 18.24 -6.59 28.47
C ASN A 24 19.11 -5.52 29.10
N TYR A 25 19.00 -5.29 30.41
CA TYR A 25 19.85 -4.36 31.14
C TYR A 25 20.82 -5.05 32.08
N GLY A 26 20.79 -6.38 32.15
CA GLY A 26 21.41 -7.00 33.30
C GLY A 26 20.60 -6.67 34.55
N THR A 27 21.21 -6.96 35.70
CA THR A 27 20.55 -6.69 36.97
C THR A 27 21.16 -5.47 37.61
N PRO A 28 20.37 -4.44 37.91
CA PRO A 28 20.93 -3.21 38.51
C PRO A 28 21.62 -3.54 39.83
N PRO A 29 22.77 -2.92 40.10
CA PRO A 29 23.49 -3.23 41.34
C PRO A 29 22.88 -2.62 42.58
N ILE A 30 22.13 -1.51 42.46
CA ILE A 30 21.47 -0.91 43.61
C ILE A 30 20.00 -0.68 43.29
N ALA A 31 19.21 -0.56 44.35
CA ALA A 31 17.78 -0.33 44.25
C ALA A 31 17.48 0.97 44.97
N LEU A 32 16.89 1.92 44.26
CA LEU A 32 16.66 3.25 44.78
C LEU A 32 15.24 3.36 45.32
N ALA A 33 15.10 4.06 46.45
CA ALA A 33 13.84 4.20 47.16
C ALA A 33 13.27 5.61 47.10
N SER A 34 14.13 6.64 47.14
CA SER A 34 13.66 8.00 47.13
C SER A 34 14.74 8.91 46.57
N GLY A 35 14.34 10.13 46.24
CA GLY A 35 15.26 11.10 45.70
C GLY A 35 14.75 12.50 45.97
N ASP A 36 15.68 13.42 46.16
CA ASP A 36 15.32 14.81 46.41
C ASP A 36 16.49 15.67 45.94
N GLY A 37 16.23 16.51 44.94
CA GLY A 37 17.31 17.28 44.33
C GLY A 37 18.30 16.35 43.67
N ALA A 38 19.57 16.51 44.02
CA ALA A 38 20.65 15.70 43.47
C ALA A 38 21.06 14.56 44.40
N VAL A 39 20.24 14.24 45.39
CA VAL A 39 20.55 13.17 46.34
C VAL A 39 19.48 12.08 46.20
N VAL A 40 19.93 10.84 46.04
CA VAL A 40 19.02 9.70 46.01
C VAL A 40 19.38 8.76 47.15
N THR A 41 18.37 8.05 47.65
CA THR A 41 18.52 7.13 48.76
C THR A 41 18.14 5.72 48.34
N ASP A 42 18.99 4.74 48.63
CA ASP A 42 18.65 3.38 48.22
C ASP A 42 17.77 2.72 49.30
N VAL A 43 17.35 1.48 49.02
CA VAL A 43 16.41 0.79 49.90
C VAL A 43 17.00 0.46 51.26
N ASP A 44 18.32 0.56 51.41
CA ASP A 44 18.99 0.33 52.68
C ASP A 44 19.26 1.63 53.44
N GLY A 45 18.87 2.77 52.89
CA GLY A 45 19.04 4.05 53.56
C GLY A 45 20.30 4.81 53.18
N ARG A 46 21.15 4.22 52.34
CA ARG A 46 22.37 4.91 51.92
C ARG A 46 22.02 6.03 50.93
N THR A 47 22.66 7.17 51.10
CA THR A 47 22.46 8.28 50.17
C THR A 47 23.63 8.41 49.21
N TYR A 48 23.33 8.92 48.01
CA TYR A 48 24.31 9.13 46.97
C TYR A 48 24.11 10.49 46.33
N ILE A 49 25.21 11.13 45.98
CA ILE A 49 25.16 12.33 45.16
C ILE A 49 25.03 11.88 43.71
N ASP A 50 23.99 12.35 43.04
CA ASP A 50 23.65 11.92 41.69
C ASP A 50 24.37 12.81 40.70
N LEU A 51 25.51 12.34 40.18
CA LEU A 51 26.25 13.08 39.16
C LEU A 51 25.89 12.65 37.75
N LEU A 52 24.89 11.78 37.61
CA LEU A 52 24.50 11.24 36.29
C LEU A 52 23.09 11.68 35.87
N GLY A 53 22.24 12.01 36.85
CA GLY A 53 20.87 12.50 36.63
C GLY A 53 19.99 11.50 35.92
N GLY A 54 20.22 10.21 36.14
CA GLY A 54 19.46 9.16 35.45
C GLY A 54 19.74 9.19 33.97
N ILE A 55 21.00 9.49 33.62
CA ILE A 55 21.57 9.65 32.25
C ILE A 55 21.06 10.95 31.62
N ALA A 56 21.37 12.06 32.25
CA ALA A 56 21.07 13.44 31.78
C ALA A 56 19.58 13.78 31.71
N VAL A 57 18.71 13.03 32.35
CA VAL A 57 17.26 13.29 32.30
C VAL A 57 16.84 14.25 33.40
N ASN A 58 17.35 14.01 34.60
CA ASN A 58 16.89 14.79 35.75
C ASN A 58 17.57 16.13 35.78
N VAL A 59 17.22 16.99 34.81
CA VAL A 59 17.72 18.40 34.73
CA VAL A 59 17.75 18.39 34.74
C VAL A 59 17.52 19.37 35.95
N LEU A 60 16.42 19.03 36.61
CA LEU A 60 16.04 19.82 37.81
C LEU A 60 16.08 18.93 39.05
N GLY A 61 16.69 17.76 38.93
CA GLY A 61 16.77 16.81 40.06
C GLY A 61 15.44 16.17 40.39
N HIS A 62 15.35 15.60 41.58
CA HIS A 62 14.09 14.97 42.04
C HIS A 62 13.28 15.94 42.88
N ARG A 63 11.97 15.75 42.84
CA ARG A 63 10.98 16.53 43.63
C ARG A 63 11.12 18.04 43.40
N HIS A 64 11.36 18.47 42.18
CA HIS A 64 11.43 19.94 41.97
C HIS A 64 10.03 20.51 42.13
N PRO A 65 9.83 21.50 43.01
CA PRO A 65 8.51 22.03 43.25
C PRO A 65 7.77 22.53 42.00
N ALA A 66 8.50 23.13 41.08
CA ALA A 66 7.83 23.66 39.89
C ALA A 66 7.28 22.54 39.03
N VAL A 67 8.01 21.43 38.91
CA VAL A 67 7.52 20.31 38.11
C VAL A 67 6.36 19.63 38.81
N ILE A 68 6.50 19.39 40.12
CA ILE A 68 5.39 18.81 40.88
C ILE A 68 4.14 19.66 40.74
N GLU A 69 4.28 20.98 40.86
CA GLU A 69 3.09 21.83 40.78
C GLU A 69 2.46 21.78 39.39
N ALA A 70 3.27 21.86 38.33
CA ALA A 70 2.74 21.82 36.98
C ALA A 70 2.01 20.51 36.71
N VAL A 71 2.58 19.39 37.16
CA VAL A 71 1.98 18.09 36.90
C VAL A 71 0.69 17.92 37.70
N THR A 72 0.74 18.22 39.00
CA THR A 72 -0.46 18.08 39.82
C THR A 72 -1.57 19.00 39.33
N ARG A 73 -1.23 20.24 38.96
CA ARG A 73 -2.24 21.16 38.42
C ARG A 73 -2.87 20.60 37.14
N GLN A 74 -2.04 20.14 36.21
CA GLN A 74 -2.59 19.68 34.93
C GLN A 74 -3.41 18.41 35.10
N MET A 75 -2.97 17.50 35.96
CA MET A 75 -3.73 16.27 36.19
C MET A 75 -5.10 16.56 36.75
N SER A 76 -5.24 17.63 37.52
CA SER A 76 -6.52 18.05 38.07
C SER A 76 -7.29 18.98 37.13
N THR A 77 -6.79 19.17 35.90
CA THR A 77 -7.48 20.00 34.91
C THR A 77 -7.91 19.17 33.71
N LEU A 78 -6.96 18.56 33.01
CA LEU A 78 -7.25 17.80 31.79
C LEU A 78 -6.05 16.92 31.53
N GLY A 79 -6.28 15.61 31.41
CA GLY A 79 -5.24 14.65 31.09
C GLY A 79 -5.12 14.40 29.60
N HIS A 80 -4.65 13.22 29.27
CA HIS A 80 -4.49 12.79 27.87
C HIS A 80 -5.76 13.03 27.04
N THR A 81 -5.62 13.59 25.85
CA THR A 81 -6.82 13.70 25.00
C THR A 81 -6.64 13.04 23.64
N SER A 82 -5.38 12.93 23.18
CA SER A 82 -4.88 12.56 21.82
C SER A 82 -4.85 13.81 20.93
N ASN A 83 -4.19 13.69 19.80
CA ASN A 83 -4.05 14.82 18.85
C ASN A 83 -5.29 14.98 17.97
N LEU A 84 -6.35 14.25 18.27
CA LEU A 84 -7.63 14.59 17.68
C LEU A 84 -8.16 15.90 18.24
N TYR A 85 -7.54 16.43 19.29
CA TYR A 85 -8.02 17.61 19.98
C TYR A 85 -6.83 18.52 20.25
N ALA A 86 -7.03 19.83 20.11
CA ALA A 86 -5.98 20.77 20.46
C ALA A 86 -6.02 21.04 21.96
N THR A 87 -4.84 21.09 22.59
CA THR A 87 -4.77 21.40 24.00
C THR A 87 -3.61 22.37 24.27
N GLU A 88 -3.82 23.22 25.27
CA GLU A 88 -2.91 24.35 25.53
C GLU A 88 -1.47 23.95 25.81
N PRO A 89 -1.17 23.01 26.73
CA PRO A 89 0.23 22.84 27.13
C PRO A 89 1.14 22.45 25.99
N GLY A 90 0.70 21.56 25.11
CA GLY A 90 1.51 21.18 23.97
C GLY A 90 1.76 22.31 23.00
N ILE A 91 0.71 23.09 22.71
CA ILE A 91 0.88 24.25 21.83
C ILE A 91 1.86 25.25 22.47
N ALA A 92 1.68 25.52 23.76
CA ALA A 92 2.57 26.48 24.44
C ALA A 92 4.00 25.97 24.45
N LEU A 93 4.18 24.67 24.69
CA LEU A 93 5.54 24.10 24.68
C LEU A 93 6.17 24.22 23.31
N ALA A 94 5.42 23.92 22.25
CA ALA A 94 5.92 24.07 20.89
C ALA A 94 6.33 25.51 20.62
N GLU A 95 5.51 26.47 21.08
CA GLU A 95 5.85 27.87 20.91
C GLU A 95 7.16 28.20 21.63
N GLU A 96 7.29 27.74 22.87
CA GLU A 96 8.51 28.06 23.66
C GLU A 96 9.75 27.44 23.01
N LEU A 97 9.65 26.20 22.54
CA LEU A 97 10.80 25.52 21.94
C LEU A 97 11.22 26.19 20.64
N VAL A 98 10.25 26.60 19.82
CA VAL A 98 10.58 27.31 18.58
C VAL A 98 11.26 28.63 18.90
N ALA A 99 10.83 29.32 19.96
CA ALA A 99 11.47 30.56 20.36
C ALA A 99 12.92 30.32 20.78
N LEU A 100 13.16 29.27 21.56
CA LEU A 100 14.51 28.97 22.02
C LEU A 100 15.43 28.56 20.88
N LEU A 101 14.89 27.91 19.84
CA LEU A 101 15.73 27.56 18.71
C LEU A 101 16.14 28.79 17.92
N GLY A 102 15.25 29.76 17.79
CA GLY A 102 15.58 31.03 17.17
C GLY A 102 15.95 30.96 15.71
N ALA A 103 15.33 30.05 14.94
CA ALA A 103 15.65 29.94 13.53
C ALA A 103 15.06 31.09 12.74
N ASP A 104 15.68 31.40 11.60
CA ASP A 104 15.21 32.50 10.77
C ASP A 104 13.90 32.15 10.07
N GLN A 105 13.73 30.89 9.68
CA GLN A 105 12.53 30.46 8.96
C GLN A 105 11.52 29.83 9.90
N ARG A 106 10.34 29.57 9.36
CA ARG A 106 9.30 28.95 10.17
C ARG A 106 9.76 27.58 10.65
N THR A 107 9.49 27.30 11.92
CA THR A 107 9.83 26.05 12.59
C THR A 107 8.55 25.39 13.05
N ARG A 108 8.43 24.08 12.83
CA ARG A 108 7.27 23.32 13.29
C ARG A 108 7.71 22.16 14.17
N VAL A 109 6.82 21.74 15.06
CA VAL A 109 7.12 20.81 16.14
C VAL A 109 6.27 19.55 16.03
N PHE A 110 6.88 18.39 16.26
CA PHE A 110 6.16 17.13 16.46
C PHE A 110 6.58 16.54 17.80
N PHE A 111 5.60 16.17 18.64
CA PHE A 111 5.89 15.61 19.95
C PHE A 111 5.78 14.09 19.95
N CYS A 112 6.62 13.45 20.74
CA CYS A 112 6.57 12.00 20.92
C CYS A 112 7.02 11.70 22.34
N ASN A 113 7.47 10.46 22.59
CA ASN A 113 7.70 10.05 23.98
C ASN A 113 9.14 9.77 24.33
N SER A 114 10.06 9.78 23.37
CA SER A 114 11.41 9.31 23.65
C SER A 114 12.37 9.87 22.61
N GLY A 115 13.67 9.75 22.91
CA GLY A 115 14.68 10.09 21.92
C GLY A 115 14.65 9.19 20.69
N ALA A 116 14.48 7.88 20.88
CA ALA A 116 14.36 7.01 19.72
C ALA A 116 13.20 7.45 18.84
N GLU A 117 12.05 7.76 19.45
CA GLU A 117 10.89 8.16 18.65
C GLU A 117 11.11 9.51 17.98
N ALA A 118 11.84 10.42 18.62
CA ALA A 118 12.12 11.69 17.96
C ALA A 118 13.00 11.49 16.75
N ASN A 119 14.00 10.60 16.86
CA ASN A 119 14.85 10.33 15.70
C ASN A 119 14.14 9.48 14.65
N GLU A 120 13.18 8.65 15.06
CA GLU A 120 12.33 7.97 14.07
C GLU A 120 11.53 8.99 13.26
N ALA A 121 10.98 10.00 13.93
CA ALA A 121 10.29 11.06 13.20
C ALA A 121 11.22 11.75 12.22
N ALA A 122 12.46 12.06 12.66
CA ALA A 122 13.42 12.69 11.75
C ALA A 122 13.79 11.75 10.60
N PHE A 123 13.94 10.45 10.88
CA PHE A 123 14.21 9.46 9.84
C PHE A 123 13.10 9.47 8.78
N LYS A 124 11.84 9.48 9.23
CA LYS A 124 10.73 9.48 8.30
C LYS A 124 10.66 10.80 7.53
N LEU A 125 10.91 11.92 8.20
CA LEU A 125 11.08 13.19 7.51
C LEU A 125 12.06 13.06 6.35
N SER A 126 13.20 12.40 6.60
CA SER A 126 14.24 12.30 5.59
C SER A 126 13.78 11.50 4.38
N ARG A 127 12.88 10.53 4.60
CA ARG A 127 12.31 9.80 3.47
C ARG A 127 11.54 10.73 2.54
N LEU A 128 10.90 11.76 3.09
CA LEU A 128 10.05 12.63 2.29
C LEU A 128 10.85 13.61 1.43
N THR A 129 12.19 13.58 1.51
CA THR A 129 13.04 14.31 0.57
C THR A 129 13.15 13.63 -0.78
N GLY A 130 12.66 12.40 -0.92
CA GLY A 130 12.86 11.63 -2.13
C GLY A 130 14.14 10.84 -2.16
N ARG A 131 14.98 10.94 -1.12
CA ARG A 131 16.23 10.21 -1.04
C ARG A 131 16.18 9.21 0.10
N THR A 132 16.97 8.14 -0.02
CA THR A 132 16.98 7.07 0.97
C THR A 132 18.35 6.84 1.59
N LYS A 133 19.38 7.57 1.16
CA LYS A 133 20.73 7.42 1.70
C LYS A 133 20.90 8.32 2.91
N LEU A 134 21.48 7.77 3.98
CA LEU A 134 21.68 8.51 5.23
C LEU A 134 23.12 8.34 5.71
N VAL A 135 23.61 9.35 6.43
CA VAL A 135 24.97 9.33 6.96
C VAL A 135 24.93 9.62 8.44
N ALA A 136 25.65 8.83 9.23
CA ALA A 136 25.80 9.06 10.66
C ALA A 136 27.23 8.73 11.03
N ALA A 137 27.56 8.85 12.32
CA ALA A 137 28.95 8.69 12.77
C ALA A 137 29.16 7.35 13.46
N HIS A 138 30.34 6.75 13.24
CA HIS A 138 30.76 5.62 14.07
C HIS A 138 30.67 5.99 15.54
N ASP A 139 30.11 5.09 16.34
CA ASP A 139 29.93 5.20 17.79
C ASP A 139 28.81 6.16 18.19
N ALA A 140 28.12 6.79 17.24
CA ALA A 140 26.99 7.64 17.59
C ALA A 140 25.87 6.80 18.22
N PHE A 141 25.09 7.44 19.09
CA PHE A 141 23.93 6.79 19.68
C PHE A 141 22.69 7.61 19.37
N HIS A 142 21.73 7.02 18.67
CA HIS A 142 20.52 7.74 18.31
C HIS A 142 19.24 7.01 18.76
N GLY A 143 19.38 5.91 19.47
CA GLY A 143 18.22 5.16 19.96
C GLY A 143 18.26 3.71 19.51
N ARG A 144 17.28 2.96 20.01
CA ARG A 144 17.33 1.51 19.90
C ARG A 144 16.13 0.88 19.20
N THR A 145 15.17 1.67 18.72
CA THR A 145 14.14 1.17 17.82
C THR A 145 14.75 0.93 16.43
N MET A 146 14.02 0.25 15.54
CA MET A 146 14.68 -0.28 14.33
C MET A 146 15.22 0.84 13.44
N GLY A 147 14.47 1.93 13.29
CA GLY A 147 14.98 3.05 12.52
C GLY A 147 16.13 3.77 13.20
N SER A 148 15.95 4.12 14.47
CA SER A 148 17.03 4.82 15.19
CA SER A 148 17.03 4.83 15.17
C SER A 148 18.24 3.93 15.39
N LEU A 149 18.03 2.61 15.48
CA LEU A 149 19.16 1.71 15.63
C LEU A 149 20.00 1.67 14.36
N ALA A 150 19.37 1.81 13.19
CA ALA A 150 20.13 1.89 11.94
C ALA A 150 21.03 3.10 11.94
N LEU A 151 20.62 4.18 12.59
CA LEU A 151 21.43 5.39 12.65
C LEU A 151 22.53 5.26 13.69
N THR A 152 22.23 4.64 14.82
CA THR A 152 23.23 4.36 15.85
C THR A 152 24.44 3.67 15.24
N GLY A 153 25.63 4.15 15.58
CA GLY A 153 26.86 3.65 14.96
C GLY A 153 27.55 2.59 15.77
N GLN A 154 26.81 1.57 16.16
CA GLN A 154 27.37 0.54 17.06
C GLN A 154 27.07 -0.84 16.50
N PRO A 155 27.95 -1.39 15.65
CA PRO A 155 27.74 -2.69 15.01
C PRO A 155 27.43 -3.84 15.95
N ALA A 156 28.02 -3.84 17.14
CA ALA A 156 27.77 -4.89 18.16
C ALA A 156 26.30 -4.88 18.60
N LYS A 157 25.65 -3.72 18.63
CA LYS A 157 24.23 -3.60 19.01
C LYS A 157 23.35 -3.74 17.77
N GLN A 158 23.87 -3.53 16.58
CA GLN A 158 23.04 -3.58 15.34
C GLN A 158 22.98 -4.99 14.75
N THR A 159 24.13 -5.65 14.70
CA THR A 159 24.32 -6.98 14.08
C THR A 159 23.22 -7.98 14.43
N PRO A 160 22.84 -8.21 15.70
CA PRO A 160 21.81 -9.19 16.03
C PRO A 160 20.40 -8.96 15.48
N PHE A 161 20.10 -7.74 15.04
CA PHE A 161 18.77 -7.33 14.56
C PHE A 161 18.77 -7.05 13.05
N ALA A 162 19.88 -7.31 12.36
CA ALA A 162 19.95 -7.07 10.91
C ALA A 162 18.97 -7.99 10.18
N PRO A 163 18.33 -7.55 9.08
CA PRO A 163 18.61 -6.27 8.47
C PRO A 163 17.89 -5.08 9.09
N LEU A 164 18.57 -3.94 9.11
CA LEU A 164 17.96 -2.70 9.64
C LEU A 164 17.53 -1.83 8.47
N PRO A 165 16.65 -0.85 8.68
CA PRO A 165 16.28 0.07 7.61
C PRO A 165 17.51 0.74 6.99
N GLY A 166 17.51 0.90 5.67
CA GLY A 166 18.66 1.50 4.97
C GLY A 166 18.40 2.90 4.47
N ASP A 167 19.35 3.47 3.72
CA ASP A 167 20.70 2.92 3.47
C ASP A 167 21.67 3.84 4.22
N VAL A 168 22.26 3.35 5.28
CA VAL A 168 23.05 4.23 6.16
C VAL A 168 24.53 3.94 6.03
N THR A 169 25.30 5.00 5.87
CA THR A 169 26.75 4.93 5.83
C THR A 169 27.27 5.57 7.11
N HIS A 170 28.24 4.95 7.77
CA HIS A 170 28.81 5.59 8.97
C HIS A 170 30.23 6.08 8.67
N VAL A 171 30.59 7.24 9.22
CA VAL A 171 31.91 7.82 9.06
C VAL A 171 32.49 8.16 10.42
N GLY A 172 33.80 8.40 10.45
CA GLY A 172 34.44 8.76 11.71
C GLY A 172 33.97 10.11 12.20
N TYR A 173 33.57 10.17 13.46
CA TYR A 173 33.08 11.42 14.03
C TYR A 173 34.16 12.49 14.00
N GLY A 174 33.78 13.70 13.59
CA GLY A 174 34.70 14.82 13.59
C GLY A 174 35.60 14.92 12.37
N ASP A 175 35.50 13.98 11.44
CA ASP A 175 36.39 13.93 10.27
C ASP A 175 35.70 14.63 9.11
N VAL A 176 36.16 15.84 8.79
CA VAL A 176 35.49 16.67 7.79
C VAL A 176 35.53 16.00 6.42
N ASP A 177 36.69 15.52 5.99
CA ASP A 177 36.77 14.99 4.63
C ASP A 177 36.06 13.64 4.49
N ALA A 178 36.06 12.82 5.55
CA ALA A 178 35.27 11.59 5.50
C ALA A 178 33.79 11.90 5.36
N LEU A 179 33.31 12.91 6.06
CA LEU A 179 31.91 13.32 5.91
C LEU A 179 31.63 13.81 4.50
N ALA A 180 32.51 14.67 3.96
CA ALA A 180 32.28 15.19 2.62
C ALA A 180 32.32 14.08 1.58
N ALA A 181 33.14 13.05 1.79
CA ALA A 181 33.19 11.96 0.82
C ALA A 181 31.92 11.11 0.87
N ALA A 182 31.32 11.01 2.05
CA ALA A 182 30.15 10.15 2.23
C ALA A 182 28.84 10.83 1.81
N VAL A 183 28.79 12.15 1.85
CA VAL A 183 27.56 12.89 1.53
C VAL A 183 27.58 13.23 0.04
N ASP A 184 26.56 12.78 -0.69
CA ASP A 184 26.45 13.13 -2.11
C ASP A 184 25.04 13.61 -2.44
N ASP A 185 24.76 13.79 -3.72
CA ASP A 185 23.46 14.30 -4.16
C ASP A 185 22.34 13.28 -4.03
N HIS A 186 22.63 12.10 -3.47
CA HIS A 186 21.61 11.12 -3.15
C HIS A 186 21.37 10.99 -1.64
N THR A 187 22.03 11.82 -0.85
CA THR A 187 21.95 11.72 0.60
C THR A 187 20.73 12.48 1.11
N ALA A 188 19.83 11.77 1.81
CA ALA A 188 18.64 12.40 2.37
C ALA A 188 19.01 13.27 3.56
N ALA A 189 19.86 12.77 4.46
CA ALA A 189 20.11 13.47 5.71
C ALA A 189 21.40 12.98 6.32
N VAL A 190 22.02 13.86 7.11
CA VAL A 190 23.14 13.55 7.99
C VAL A 190 22.66 13.72 9.42
N PHE A 191 22.89 12.72 10.26
CA PHE A 191 22.56 12.75 11.68
C PHE A 191 23.85 12.92 12.46
N LEU A 192 23.88 13.93 13.34
CA LEU A 192 25.03 14.14 14.21
C LEU A 192 24.57 14.55 15.61
N GLU A 193 25.24 13.99 16.63
CA GLU A 193 25.25 14.53 17.99
C GLU A 193 26.28 15.67 18.08
N PRO A 194 25.93 16.81 18.67
CA PRO A 194 26.92 17.89 18.83
C PRO A 194 28.09 17.49 19.70
N ILE A 195 27.84 16.61 20.67
CA ILE A 195 28.84 15.89 21.44
C ILE A 195 28.31 14.49 21.56
N MET A 196 29.14 13.48 21.26
CA MET A 196 28.67 12.10 21.35
C MET A 196 28.67 11.67 22.82
N GLY A 197 27.49 11.49 23.38
CA GLY A 197 27.39 11.29 24.82
C GLY A 197 27.65 9.86 25.24
N GLU A 198 26.84 8.95 24.77
CA GLU A 198 26.89 7.53 25.18
C GLU A 198 28.26 6.91 24.91
N SER A 199 28.96 7.37 23.89
CA SER A 199 30.26 6.73 23.58
C SER A 199 31.39 7.30 24.43
N GLY A 200 31.15 8.35 25.21
CA GLY A 200 32.23 8.87 26.06
C GLY A 200 32.41 10.35 25.99
N VAL A 201 31.33 11.10 25.80
CA VAL A 201 31.38 12.58 25.76
C VAL A 201 32.47 13.01 24.78
N VAL A 202 32.33 12.56 23.55
CA VAL A 202 33.32 12.83 22.52
C VAL A 202 33.00 14.16 21.85
N VAL A 203 33.91 15.12 21.98
CA VAL A 203 33.71 16.46 21.46
C VAL A 203 34.32 16.53 20.07
N PRO A 204 33.64 17.10 19.09
CA PRO A 204 34.21 17.20 17.75
C PRO A 204 35.19 18.35 17.65
N PRO A 205 36.04 18.35 16.63
CA PRO A 205 36.94 19.49 16.43
C PRO A 205 36.17 20.78 16.15
N ALA A 206 36.82 21.90 16.47
CA ALA A 206 36.25 23.20 16.14
C ALA A 206 35.90 23.26 14.66
N GLY A 207 34.74 23.84 14.35
CA GLY A 207 34.30 23.98 12.98
C GLY A 207 33.59 22.77 12.38
N TYR A 208 33.56 21.63 13.06
CA TYR A 208 33.06 20.41 12.43
C TYR A 208 31.57 20.51 12.11
N LEU A 209 30.75 20.93 13.08
CA LEU A 209 29.31 21.04 12.82
C LEU A 209 29.03 22.08 11.74
N ALA A 210 29.79 23.19 11.75
CA ALA A 210 29.68 24.17 10.68
C ALA A 210 30.04 23.55 9.33
N ALA A 211 31.08 22.71 9.28
CA ALA A 211 31.40 22.03 8.03
C ALA A 211 30.27 21.09 7.63
N ALA A 212 29.69 20.39 8.61
CA ALA A 212 28.58 19.50 8.30
C ALA A 212 27.41 20.28 7.72
N ARG A 213 27.16 21.48 8.27
CA ARG A 213 26.07 22.31 7.74
C ARG A 213 26.37 22.74 6.31
N ASP A 214 27.63 23.08 6.02
CA ASP A 214 27.99 23.50 4.66
C ASP A 214 27.95 22.33 3.69
N ILE A 215 28.46 21.16 4.11
CA ILE A 215 28.47 19.99 3.24
C ILE A 215 27.05 19.57 2.88
N THR A 216 26.17 19.49 3.88
CA THR A 216 24.79 19.09 3.61
C THR A 216 24.07 20.12 2.75
N ALA A 217 24.26 21.41 3.02
CA ALA A 217 23.58 22.43 2.23
C ALA A 217 23.99 22.35 0.77
N ARG A 218 25.29 22.19 0.49
CA ARG A 218 25.75 22.16 -0.89
C ARG A 218 25.26 20.93 -1.64
N ARG A 219 24.98 19.83 -0.94
CA ARG A 219 24.53 18.60 -1.58
C ARG A 219 23.03 18.39 -1.48
N GLY A 220 22.29 19.32 -0.90
CA GLY A 220 20.85 19.17 -0.81
C GLY A 220 20.39 18.15 0.21
N ALA A 221 21.21 17.86 1.22
CA ALA A 221 20.85 16.94 2.30
C ALA A 221 20.40 17.70 3.52
N LEU A 222 19.51 17.10 4.30
CA LEU A 222 19.18 17.66 5.60
C LEU A 222 20.31 17.44 6.60
N LEU A 223 20.50 18.43 7.47
CA LEU A 223 21.33 18.26 8.66
C LEU A 223 20.41 18.07 9.85
N VAL A 224 20.51 16.91 10.49
CA VAL A 224 19.71 16.57 11.67
C VAL A 224 20.65 16.53 12.87
N LEU A 225 20.37 17.38 13.85
CA LEU A 225 21.18 17.42 15.07
C LEU A 225 20.39 16.79 16.22
N ASP A 226 20.98 15.75 16.79
CA ASP A 226 20.37 15.00 17.89
C ASP A 226 20.85 15.67 19.17
N GLU A 227 19.97 16.45 19.78
CA GLU A 227 20.23 17.15 21.02
C GLU A 227 19.55 16.49 22.21
N VAL A 228 19.26 15.19 22.10
CA VAL A 228 18.54 14.49 23.16
C VAL A 228 19.32 14.54 24.46
N GLN A 229 20.64 14.39 24.38
CA GLN A 229 21.47 14.43 25.57
C GLN A 229 22.18 15.77 25.75
N THR A 230 22.49 16.47 24.66
CA THR A 230 23.23 17.73 24.78
C THR A 230 22.33 18.94 24.99
N GLY A 231 21.00 18.80 24.89
CA GLY A 231 20.11 19.94 24.98
C GLY A 231 19.76 20.32 26.40
N MET A 232 18.67 21.09 26.51
CA MET A 232 18.10 21.51 27.78
C MET A 232 19.08 22.40 28.56
N GLY A 233 19.92 23.13 27.83
CA GLY A 233 20.83 24.07 28.46
C GLY A 233 22.03 23.45 29.13
N ARG A 234 22.21 22.13 29.00
CA ARG A 234 23.25 21.44 29.75
C ARG A 234 24.64 21.99 29.44
N THR A 235 24.89 22.41 28.19
CA THR A 235 26.24 22.84 27.81
C THR A 235 26.46 24.34 27.93
N GLY A 236 25.51 25.09 28.48
CA GLY A 236 25.64 26.53 28.56
C GLY A 236 24.97 27.31 27.46
N ALA A 237 24.37 26.63 26.48
CA ALA A 237 23.41 27.22 25.57
C ALA A 237 22.25 26.25 25.53
N PHE A 238 21.04 26.73 25.20
CA PHE A 238 19.89 25.82 25.30
C PHE A 238 20.09 24.59 24.42
N PHE A 239 20.43 24.81 23.15
CA PHE A 239 20.90 23.75 22.27
C PHE A 239 22.42 23.86 22.15
N ALA A 240 23.10 22.71 22.25
CA ALA A 240 24.57 22.75 22.18
C ALA A 240 25.04 23.30 20.83
N HIS A 241 24.28 23.08 19.76
CA HIS A 241 24.72 23.56 18.45
C HIS A 241 24.70 25.07 18.34
N GLN A 242 24.03 25.77 19.27
CA GLN A 242 23.99 27.22 19.22
C GLN A 242 25.34 27.83 19.56
N HIS A 243 26.24 27.08 20.20
CA HIS A 243 27.61 27.56 20.37
C HIS A 243 28.32 27.73 19.03
N ASP A 244 27.85 27.05 17.99
CA ASP A 244 28.54 27.02 16.70
C ASP A 244 27.89 27.90 15.64
N GLY A 245 26.81 28.60 15.97
CA GLY A 245 26.21 29.55 15.06
C GLY A 245 25.59 28.97 13.81
N ILE A 246 25.20 27.70 13.84
CA ILE A 246 24.53 27.07 12.71
C ILE A 246 23.07 26.84 13.06
N THR A 247 22.26 26.70 12.01
CA THR A 247 20.87 26.31 12.15
C THR A 247 20.69 25.02 11.36
N PRO A 248 20.41 23.91 12.00
CA PRO A 248 20.17 22.67 11.27
C PRO A 248 18.78 22.69 10.66
N ASP A 249 18.50 21.67 9.85
CA ASP A 249 17.15 21.53 9.31
C ASP A 249 16.21 20.85 10.31
N VAL A 250 16.73 19.91 11.10
CA VAL A 250 15.93 19.16 12.06
C VAL A 250 16.72 19.09 13.36
N VAL A 251 16.01 19.21 14.49
CA VAL A 251 16.63 19.02 15.82
C VAL A 251 15.74 18.07 16.61
N THR A 252 16.36 17.10 17.29
CA THR A 252 15.59 16.21 18.14
C THR A 252 15.99 16.38 19.61
N LEU A 253 14.98 16.25 20.45
CA LEU A 253 15.11 16.44 21.91
C LEU A 253 14.34 15.34 22.62
N ALA A 254 14.79 15.00 23.82
CA ALA A 254 14.12 14.06 24.73
C ALA A 254 14.82 14.15 26.08
N1 LLP A 255 19.95 10.08 21.17
C2 LLP A 255 20.81 10.44 22.11
C2' LLP A 255 21.93 11.35 21.75
C3 LLP A 255 20.66 9.98 23.41
O3 LLP A 255 21.58 10.38 24.30
C4 LLP A 255 19.60 9.14 23.74
C4' LLP A 255 19.43 8.76 25.14
C5 LLP A 255 18.71 8.77 22.72
C6 LLP A 255 18.94 9.26 21.47
C5' LLP A 255 17.59 7.79 22.92
OP4 LLP A 255 16.56 8.15 23.85
P LLP A 255 15.53 7.09 24.37
OP1 LLP A 255 16.29 6.24 25.26
OP2 LLP A 255 14.56 7.94 25.01
OP3 LLP A 255 14.99 6.34 23.24
N LLP A 255 15.05 13.03 26.72
CA LLP A 255 15.72 12.94 28.04
CB LLP A 255 17.23 12.81 27.88
CG LLP A 255 17.64 11.41 27.47
CD LLP A 255 19.11 11.07 27.64
CE LLP A 255 19.38 9.62 27.37
NZ LLP A 255 19.98 9.45 26.04
C LLP A 255 15.24 14.04 29.01
O LLP A 255 14.18 13.89 29.56
N GLY A 256 16.01 15.11 29.17
CA GLY A 256 15.66 16.13 30.16
C GLY A 256 14.51 17.04 29.76
N LEU A 257 13.96 16.86 28.58
CA LEU A 257 12.90 17.76 28.12
C LEU A 257 11.74 17.84 29.11
N GLY A 258 11.39 16.73 29.73
CA GLY A 258 10.27 16.72 30.65
C GLY A 258 10.64 16.71 32.11
N GLY A 259 11.89 16.98 32.46
CA GLY A 259 12.34 16.93 33.84
C GLY A 259 12.21 15.58 34.50
N GLY A 260 12.04 14.52 33.72
CA GLY A 260 11.73 13.23 34.29
C GLY A 260 10.51 12.59 33.63
N LEU A 261 9.58 13.39 33.20
CA LEU A 261 8.40 12.80 32.56
C LEU A 261 8.72 12.48 31.11
N PRO A 262 8.17 11.39 30.57
CA PRO A 262 8.55 10.97 29.21
C PRO A 262 7.96 11.90 28.16
N ILE A 263 8.85 12.53 27.39
CA ILE A 263 8.45 13.40 26.27
C ILE A 263 9.67 13.61 25.41
N GLY A 264 9.45 13.60 24.09
CA GLY A 264 10.48 13.95 23.14
C GLY A 264 9.89 14.89 22.09
N ALA A 265 10.77 15.46 21.28
CA ALA A 265 10.28 16.38 20.25
C ALA A 265 11.16 16.34 19.02
N CYS A 266 10.54 16.52 17.87
CA CYS A 266 11.26 16.74 16.63
C CYS A 266 10.90 18.13 16.11
N LEU A 267 11.90 19.00 16.00
CA LEU A 267 11.72 20.34 15.42
C LEU A 267 12.30 20.36 14.01
N ALA A 268 11.56 20.96 13.08
CA ALA A 268 11.99 21.04 11.69
C ALA A 268 11.86 22.48 11.21
N VAL A 269 12.83 22.92 10.42
CA VAL A 269 13.01 24.33 10.07
C VAL A 269 12.86 24.49 8.56
N GLY A 270 12.10 25.49 8.14
CA GLY A 270 11.98 25.81 6.73
C GLY A 270 11.24 24.75 5.94
N PRO A 271 11.72 24.44 4.74
CA PRO A 271 11.04 23.42 3.92
C PRO A 271 10.85 22.10 4.64
N ALA A 272 11.78 21.72 5.52
CA ALA A 272 11.64 20.47 6.26
C ALA A 272 10.42 20.48 7.16
N ALA A 273 9.95 21.66 7.58
CA ALA A 273 8.81 21.75 8.47
C ALA A 273 7.49 21.43 7.76
N GLU A 274 7.47 21.47 6.44
CA GLU A 274 6.27 21.25 5.66
C GLU A 274 6.19 19.85 5.07
N LEU A 275 7.18 19.00 5.32
CA LEU A 275 7.20 17.70 4.66
C LEU A 275 6.09 16.79 5.17
N LEU A 276 5.84 16.77 6.48
CA LEU A 276 4.84 15.88 7.05
C LEU A 276 3.46 16.47 6.84
N THR A 277 2.60 15.73 6.15
CA THR A 277 1.25 16.14 5.83
C THR A 277 0.26 15.25 6.57
N PRO A 278 -1.03 15.62 6.60
CA PRO A 278 -1.98 14.90 7.46
C PRO A 278 -2.01 13.40 7.19
N GLY A 279 -1.95 12.63 8.27
CA GLY A 279 -2.01 11.19 8.21
C GLY A 279 -0.68 10.48 8.07
N LEU A 280 0.42 11.20 7.85
CA LEU A 280 1.69 10.55 7.55
C LEU A 280 2.51 10.23 8.79
N HIS A 281 2.18 10.77 9.96
CA HIS A 281 2.87 10.35 11.17
C HIS A 281 2.02 10.69 12.38
N GLY A 282 2.36 10.08 13.50
CA GLY A 282 1.66 10.37 14.74
C GLY A 282 2.20 9.51 15.85
N SER A 283 1.76 9.85 17.08
CA SER A 283 2.06 9.10 18.29
C SER A 283 0.93 9.35 19.27
N THR A 284 0.31 8.28 19.78
CA THR A 284 -0.90 8.43 20.59
C THR A 284 -0.70 9.40 21.76
N PHE A 285 0.35 9.19 22.55
CA PHE A 285 0.61 10.02 23.73
C PHE A 285 1.31 11.34 23.41
N GLY A 286 1.73 11.58 22.18
CA GLY A 286 2.60 12.72 21.90
C GLY A 286 1.93 14.04 22.21
N GLY A 287 2.61 14.94 22.91
CA GLY A 287 2.00 16.23 23.18
C GLY A 287 0.98 16.25 24.28
N ASN A 288 0.86 15.19 25.06
CA ASN A 288 -0.21 15.12 26.05
C ASN A 288 -0.03 16.22 27.10
N PRO A 289 -1.13 16.69 27.68
CA PRO A 289 -1.04 17.87 28.55
C PRO A 289 -0.16 17.72 29.77
N VAL A 290 -0.12 16.55 30.40
CA VAL A 290 0.63 16.41 31.65
C VAL A 290 2.13 16.47 31.38
N CYS A 291 2.62 15.74 30.38
CA CYS A 291 4.06 15.77 30.11
C CYS A 291 4.48 17.12 29.54
N ALA A 292 3.63 17.71 28.69
CA ALA A 292 3.93 19.05 28.18
C ALA A 292 3.95 20.08 29.30
N ALA A 293 3.04 19.94 30.27
CA ALA A 293 3.04 20.86 31.41
C ALA A 293 4.33 20.74 32.20
N ALA A 294 4.84 19.51 32.37
CA ALA A 294 6.11 19.31 33.05
C ALA A 294 7.25 19.97 32.29
N ALA A 295 7.28 19.78 30.97
CA ALA A 295 8.34 20.37 30.15
C ALA A 295 8.30 21.88 30.20
N LEU A 296 7.09 22.47 30.15
CA LEU A 296 6.97 23.91 30.28
C LEU A 296 7.54 24.40 31.60
N ALA A 297 7.29 23.67 32.69
CA ALA A 297 7.84 24.06 33.98
C ALA A 297 9.37 24.03 33.96
N VAL A 298 9.95 23.02 33.30
CA VAL A 298 11.41 22.95 33.19
C VAL A 298 11.94 24.17 32.48
N LEU A 299 11.31 24.56 31.36
CA LEU A 299 11.77 25.75 30.63
C LEU A 299 11.65 27.00 31.50
N ARG A 300 10.54 27.13 32.22
CA ARG A 300 10.38 28.28 33.11
C ARG A 300 11.49 28.36 34.14
N VAL A 301 11.85 27.22 34.75
CA VAL A 301 12.85 27.22 35.81
C VAL A 301 14.25 27.46 35.24
N LEU A 302 14.56 26.86 34.08
CA LEU A 302 15.85 27.16 33.45
C LEU A 302 16.02 28.66 33.26
N ALA A 303 14.96 29.34 32.83
CA ALA A 303 15.03 30.76 32.55
C ALA A 303 15.06 31.58 33.84
N SER A 304 14.14 31.29 34.77
CA SER A 304 14.02 32.14 35.95
C SER A 304 15.21 32.00 36.88
N ASP A 305 15.80 30.81 36.99
CA ASP A 305 16.92 30.57 37.88
C ASP A 305 18.28 30.64 37.17
N GLY A 306 18.30 31.07 35.91
CA GLY A 306 19.55 31.25 35.18
C GLY A 306 20.41 30.01 35.13
N LEU A 307 19.79 28.85 34.95
CA LEU A 307 20.51 27.58 35.06
C LEU A 307 21.38 27.28 33.85
N VAL A 308 21.09 27.87 32.69
CA VAL A 308 21.92 27.63 31.52
C VAL A 308 23.29 28.25 31.71
N ARG A 309 23.32 29.53 32.10
CA ARG A 309 24.58 30.19 32.46
C ARG A 309 25.27 29.46 33.61
N ARG A 310 24.50 29.05 34.62
CA ARG A 310 25.09 28.32 35.74
C ARG A 310 25.75 27.03 35.29
N ALA A 311 25.17 26.35 34.31
CA ALA A 311 25.78 25.12 33.81
C ALA A 311 27.16 25.39 33.24
N GLU A 312 27.31 26.51 32.54
CA GLU A 312 28.62 26.85 31.94
C GLU A 312 29.62 27.19 33.03
N VAL A 313 29.20 27.99 33.99
CA VAL A 313 30.12 28.42 35.05
C VAL A 313 30.55 27.22 35.89
N LEU A 314 29.57 26.43 36.35
CA LEU A 314 29.89 25.26 37.15
C LEU A 314 30.65 24.22 36.36
N GLY A 315 30.33 24.06 35.07
CA GLY A 315 31.07 23.12 34.25
C GLY A 315 32.54 23.50 34.12
N LYS A 316 32.82 24.80 33.90
CA LYS A 316 34.20 25.26 33.84
C LYS A 316 34.93 25.02 35.16
N SER A 317 34.28 25.37 36.27
CA SER A 317 34.92 25.18 37.56
C SER A 317 35.15 23.71 37.86
N LEU A 318 34.19 22.86 37.49
CA LEU A 318 34.31 21.43 37.71
C LEU A 318 35.46 20.85 36.90
N ARG A 319 35.53 21.18 35.62
CA ARG A 319 36.62 20.69 34.77
C ARG A 319 37.96 21.11 35.32
N HIS A 320 38.09 22.40 35.67
CA HIS A 320 39.35 22.89 36.21
C HIS A 320 39.73 22.15 37.47
N GLY A 321 38.77 21.92 38.37
CA GLY A 321 39.09 21.25 39.62
C GLY A 321 39.52 19.81 39.44
N ILE A 322 38.91 19.10 38.49
CA ILE A 322 39.35 17.73 38.23
C ILE A 322 40.76 17.73 37.65
N GLU A 323 41.04 18.65 36.73
CA GLU A 323 42.36 18.66 36.10
C GLU A 323 43.42 19.14 37.07
N ALA A 324 43.04 19.97 38.04
CA ALA A 324 44.00 20.44 39.04
C ALA A 324 44.49 19.33 39.96
N LEU A 325 43.70 18.26 40.14
CA LEU A 325 44.12 17.14 40.98
C LEU A 325 45.46 16.56 40.55
N GLY A 326 45.83 16.71 39.28
CA GLY A 326 47.05 16.11 38.77
C GLY A 326 47.11 14.60 38.94
N HIS A 327 45.98 13.92 38.91
CA HIS A 327 45.99 12.49 39.20
C HIS A 327 46.52 11.73 38.00
N PRO A 328 47.43 10.77 38.21
CA PRO A 328 48.06 10.08 37.07
C PRO A 328 47.09 9.27 36.22
N LEU A 329 45.94 8.85 36.77
CA LEU A 329 44.98 8.10 35.96
C LEU A 329 44.14 8.99 35.06
N ILE A 330 44.14 10.31 35.28
CA ILE A 330 43.30 11.22 34.51
C ILE A 330 44.10 11.79 33.35
N ASP A 331 43.68 11.45 32.12
CA ASP A 331 44.33 12.00 30.94
C ASP A 331 43.88 13.44 30.67
N HIS A 332 42.57 13.67 30.59
CA HIS A 332 42.02 15.00 30.39
C HIS A 332 40.54 14.93 30.70
N VAL A 333 39.92 16.09 30.82
CA VAL A 333 38.46 16.20 30.95
C VAL A 333 37.93 16.89 29.71
N ARG A 334 36.84 16.36 29.16
CA ARG A 334 36.28 16.98 27.97
C ARG A 334 34.78 17.17 28.16
N GLY A 335 34.19 17.88 27.20
CA GLY A 335 32.77 18.17 27.23
C GLY A 335 32.51 19.66 27.32
N ARG A 336 31.33 20.03 27.80
CA ARG A 336 30.96 21.43 27.89
C ARG A 336 29.83 21.57 28.90
N GLY A 337 29.89 22.62 29.70
CA GLY A 337 28.91 22.78 30.77
C GLY A 337 28.87 21.55 31.66
N LEU A 338 27.66 21.06 31.92
CA LEU A 338 27.48 19.92 32.80
C LEU A 338 27.26 18.62 32.02
N LEU A 339 27.90 18.48 30.87
CA LEU A 339 28.10 17.18 30.23
C LEU A 339 29.60 17.00 30.14
N LEU A 340 30.16 16.15 31.00
CA LEU A 340 31.61 16.02 31.11
C LEU A 340 32.03 14.57 31.02
N GLY A 341 33.17 14.34 30.37
CA GLY A 341 33.82 13.05 30.41
C GLY A 341 35.20 13.15 31.04
N ILE A 342 35.48 12.28 32.01
CA ILE A 342 36.84 12.15 32.55
C ILE A 342 37.50 11.01 31.79
N ALA A 343 38.41 11.37 30.88
CA ALA A 343 39.15 10.39 30.09
C ALA A 343 40.36 9.91 30.87
N LEU A 344 40.47 8.60 31.02
CA LEU A 344 41.51 7.99 31.85
C LEU A 344 42.66 7.46 31.01
N THR A 345 43.82 7.35 31.65
CA THR A 345 45.03 6.86 31.01
C THR A 345 45.08 5.34 30.93
N ALA A 346 44.09 4.64 31.50
CA ALA A 346 43.99 3.19 31.47
C ALA A 346 42.54 2.81 31.67
N PRO A 347 42.12 1.63 31.22
CA PRO A 347 40.67 1.30 31.21
C PRO A 347 40.12 0.83 32.55
N HIS A 348 40.02 1.76 33.49
CA HIS A 348 39.49 1.46 34.83
C HIS A 348 38.18 2.17 35.11
N ALA A 349 37.47 2.63 34.08
CA ALA A 349 36.28 3.45 34.32
C ALA A 349 35.17 2.63 34.98
N LYS A 350 35.00 1.37 34.59
CA LYS A 350 34.00 0.52 35.20
C LYS A 350 34.30 0.30 36.68
N ASP A 351 35.56 0.02 37.00
CA ASP A 351 35.93 -0.11 38.41
C ASP A 351 35.75 1.20 39.15
N ALA A 352 36.08 2.32 38.51
CA ALA A 352 35.91 3.63 39.15
C ALA A 352 34.43 3.94 39.38
N GLU A 353 33.55 3.43 38.52
CA GLU A 353 32.12 3.57 38.75
C GLU A 353 31.71 2.90 40.06
N ALA A 354 32.24 1.71 40.33
CA ALA A 354 31.90 1.00 41.56
C ALA A 354 32.54 1.66 42.78
N THR A 355 33.80 2.07 42.69
CA THR A 355 34.42 2.69 43.86
C THR A 355 33.83 4.08 44.10
N ALA A 356 33.37 4.76 43.05
CA ALA A 356 32.64 6.00 43.24
C ALA A 356 31.33 5.74 43.99
N ARG A 357 30.65 4.64 43.64
CA ARG A 357 29.44 4.25 44.36
C ARG A 357 29.73 3.99 45.83
N ASP A 358 30.82 3.28 46.13
CA ASP A 358 31.22 3.07 47.52
C ASP A 358 31.43 4.41 48.24
N ALA A 359 31.98 5.40 47.55
CA ALA A 359 32.20 6.71 48.14
C ALA A 359 30.96 7.59 48.15
N GLY A 360 29.83 7.10 47.63
CA GLY A 360 28.58 7.83 47.69
C GLY A 360 28.30 8.71 46.50
N TYR A 361 28.78 8.35 45.31
CA TYR A 361 28.60 9.15 44.10
C TYR A 361 28.17 8.24 42.97
N LEU A 362 27.15 8.65 42.22
CA LEU A 362 26.68 7.93 41.04
C LEU A 362 27.31 8.57 39.79
N VAL A 363 28.15 7.81 39.11
CA VAL A 363 28.75 8.21 37.84
C VAL A 363 28.55 7.07 36.84
N ASN A 364 28.98 7.32 35.60
CA ASN A 364 28.76 6.38 34.50
C ASN A 364 30.08 6.07 33.80
N ALA A 365 30.42 4.79 33.71
CA ALA A 365 31.50 4.37 32.83
C ALA A 365 30.93 4.28 31.42
N ALA A 366 31.05 5.37 30.66
CA ALA A 366 30.49 5.41 29.31
C ALA A 366 31.34 4.62 28.32
N ALA A 367 32.64 4.55 28.57
CA ALA A 367 33.59 3.76 27.79
C ALA A 367 34.55 3.10 28.77
N PRO A 368 35.34 2.10 28.36
CA PRO A 368 36.26 1.48 29.33
C PRO A 368 37.20 2.47 29.99
N ASP A 369 37.48 3.61 29.35
CA ASP A 369 38.40 4.61 29.88
C ASP A 369 37.76 5.98 30.02
N VAL A 370 36.43 6.07 30.13
CA VAL A 370 35.76 7.36 30.24
C VAL A 370 34.66 7.30 31.29
N ILE A 371 34.75 8.17 32.28
CA ILE A 371 33.69 8.38 33.27
C ILE A 371 32.84 9.56 32.81
N ARG A 372 31.54 9.32 32.59
CA ARG A 372 30.63 10.38 32.14
C ARG A 372 29.89 10.96 33.34
N LEU A 373 29.81 12.28 33.40
CA LEU A 373 29.00 13.02 34.36
C LEU A 373 27.92 13.81 33.62
N ALA A 374 26.70 13.81 34.15
CA ALA A 374 25.63 14.67 33.64
C ALA A 374 24.72 15.05 34.79
N PRO A 375 25.22 15.87 35.71
CA PRO A 375 24.47 16.09 36.95
C PRO A 375 23.27 17.01 36.72
N PRO A 376 22.30 16.98 37.63
CA PRO A 376 21.24 17.98 37.58
C PRO A 376 21.83 19.38 37.53
N LEU A 377 21.14 20.28 36.83
CA LEU A 377 21.60 21.66 36.73
C LEU A 377 21.42 22.42 38.03
N ILE A 378 20.69 21.84 38.98
CA ILE A 378 20.49 22.47 40.30
C ILE A 378 21.50 21.94 41.31
N ILE A 379 22.49 21.15 40.85
CA ILE A 379 23.43 20.55 41.78
C ILE A 379 24.17 21.65 42.55
N ALA A 380 24.47 21.37 43.82
CA ALA A 380 25.16 22.33 44.67
C ALA A 380 26.64 22.36 44.33
N GLU A 381 27.22 23.55 44.37
CA GLU A 381 28.66 23.66 44.13
C GLU A 381 29.42 22.81 45.16
N ALA A 382 28.94 22.78 46.40
CA ALA A 382 29.57 21.96 47.44
C ALA A 382 29.49 20.47 47.13
N GLN A 383 28.39 20.02 46.52
CA GLN A 383 28.30 18.62 46.12
C GLN A 383 29.34 18.30 45.06
N LEU A 384 29.58 19.22 44.13
CA LEU A 384 30.63 19.01 43.15
C LEU A 384 32.00 19.08 43.80
N ASP A 385 32.22 20.06 44.69
CA ASP A 385 33.49 20.16 45.40
C ASP A 385 33.83 18.88 46.15
N GLY A 386 32.82 18.30 46.82
CA GLY A 386 33.04 17.04 47.52
C GLY A 386 33.43 15.91 46.58
N PHE A 387 32.83 15.86 45.39
CA PHE A 387 33.21 14.84 44.42
C PHE A 387 34.65 15.01 43.99
N VAL A 388 35.04 16.24 43.66
CA VAL A 388 36.41 16.47 43.19
C VAL A 388 37.42 16.04 44.25
N ALA A 389 37.13 16.37 45.52
CA ALA A 389 38.06 16.02 46.59
C ALA A 389 38.11 14.51 46.83
N ALA A 390 37.01 13.81 46.57
CA ALA A 390 36.95 12.36 46.74
C ALA A 390 37.53 11.60 45.56
N LEU A 391 37.71 12.26 44.41
CA LEU A 391 38.09 11.54 43.20
C LEU A 391 39.44 10.85 43.28
N PRO A 392 40.50 11.45 43.85
CA PRO A 392 41.77 10.72 43.95
C PRO A 392 41.63 9.35 44.61
N ALA A 393 40.98 9.29 45.76
CA ALA A 393 40.81 8.00 46.43
C ALA A 393 39.92 7.07 45.62
N ILE A 394 38.88 7.60 44.97
CA ILE A 394 38.04 6.77 44.11
C ILE A 394 38.88 6.10 43.04
N LEU A 395 39.73 6.88 42.36
CA LEU A 395 40.57 6.29 41.32
C LEU A 395 41.63 5.38 41.91
N ASP A 396 42.19 5.74 43.06
CA ASP A 396 43.20 4.89 43.68
C ASP A 396 42.62 3.52 44.01
N ARG A 397 41.40 3.52 44.54
CA ARG A 397 40.75 2.23 44.89
C ARG A 397 40.38 1.49 43.60
N ALA A 398 40.06 2.20 42.53
CA ALA A 398 39.70 1.55 41.28
C ALA A 398 40.86 0.71 40.74
N VAL A 399 42.07 1.25 40.81
CA VAL A 399 43.28 0.53 40.42
C VAL A 399 43.70 -0.41 41.55
N THR B 9 -10.74 31.14 23.03
CA THR B 9 -11.66 30.67 21.99
C THR B 9 -11.06 29.54 21.15
N THR B 10 -11.93 28.79 20.47
CA THR B 10 -11.48 27.68 19.64
C THR B 10 -10.71 28.18 18.43
N ALA B 11 -11.15 29.30 17.85
CA ALA B 11 -10.48 29.87 16.69
C ALA B 11 -9.03 30.24 17.01
N THR B 12 -8.80 30.88 18.16
CA THR B 12 -7.44 31.30 18.51
C THR B 12 -6.54 30.10 18.77
N MET B 13 -7.07 29.09 19.44
CA MET B 13 -6.27 27.90 19.73
C MET B 13 -5.88 27.17 18.45
N ARG B 14 -6.81 27.10 17.49
CA ARG B 14 -6.50 26.45 16.21
C ARG B 14 -5.51 27.27 15.40
N GLN B 15 -5.60 28.60 15.47
CA GLN B 15 -4.61 29.42 14.79
C GLN B 15 -3.24 29.23 15.42
N ARG B 16 -3.17 29.13 16.74
CA ARG B 16 -1.89 28.88 17.39
C ARG B 16 -1.34 27.53 16.99
N TRP B 17 -2.21 26.51 16.94
CA TRP B 17 -1.79 25.19 16.47
C TRP B 17 -1.19 25.29 15.07
N GLN B 18 -1.91 25.90 14.13
CA GLN B 18 -1.45 25.93 12.75
C GLN B 18 -0.17 26.73 12.57
N ALA B 19 0.16 27.61 13.52
CA ALA B 19 1.38 28.41 13.40
C ALA B 19 2.64 27.63 13.82
N VAL B 20 2.50 26.57 14.62
CA VAL B 20 3.69 25.98 15.25
C VAL B 20 3.74 24.46 15.11
N MET B 21 2.59 23.80 15.01
CA MET B 21 2.62 22.33 14.98
C MET B 21 2.92 21.84 13.57
N MET B 22 3.63 20.71 13.48
CA MET B 22 3.68 20.05 12.18
C MET B 22 2.27 19.59 11.81
N ASN B 23 2.03 19.49 10.50
CA ASN B 23 0.70 19.18 9.99
C ASN B 23 0.47 17.67 9.80
N ASN B 24 1.11 16.82 10.61
CA ASN B 24 0.94 15.38 10.43
C ASN B 24 -0.42 14.88 10.92
N TYR B 25 -1.15 15.67 11.72
CA TYR B 25 -2.49 15.33 12.18
C TYR B 25 -3.59 16.15 11.51
N GLY B 26 -3.23 17.08 10.66
CA GLY B 26 -4.22 18.09 10.32
C GLY B 26 -4.41 19.00 11.52
N THR B 27 -5.47 19.81 11.45
CA THR B 27 -5.77 20.75 12.53
C THR B 27 -6.96 20.23 13.32
N PRO B 28 -6.82 19.99 14.63
CA PRO B 28 -7.94 19.47 15.42
C PRO B 28 -9.16 20.37 15.31
N PRO B 29 -10.35 19.79 15.14
CA PRO B 29 -11.54 20.63 15.02
C PRO B 29 -11.97 21.27 16.34
N ILE B 30 -11.63 20.70 17.49
CA ILE B 30 -12.01 21.31 18.76
C ILE B 30 -10.80 21.39 19.69
N ALA B 31 -10.85 22.38 20.58
CA ALA B 31 -9.80 22.63 21.55
C ALA B 31 -10.36 22.34 22.94
N LEU B 32 -9.77 21.37 23.62
CA LEU B 32 -10.26 20.97 24.93
C LEU B 32 -9.53 21.72 26.04
N ALA B 33 -10.29 22.10 27.06
CA ALA B 33 -9.77 22.86 28.21
C ALA B 33 -9.74 22.05 29.50
N SER B 34 -10.73 21.19 29.73
CA SER B 34 -10.78 20.47 31.00
C SER B 34 -11.54 19.17 30.80
N GLY B 35 -11.33 18.25 31.73
CA GLY B 35 -12.03 16.98 31.69
C GLY B 35 -12.23 16.45 33.09
N ASP B 36 -13.32 15.72 33.27
CA ASP B 36 -13.62 15.11 34.56
C ASP B 36 -14.46 13.87 34.28
N GLY B 37 -13.92 12.70 34.65
CA GLY B 37 -14.60 11.46 34.30
C GLY B 37 -14.67 11.29 32.80
N ALA B 38 -15.88 11.06 32.30
CA ALA B 38 -16.09 10.88 30.87
C ALA B 38 -16.66 12.12 30.20
N VAL B 39 -16.61 13.28 30.87
CA VAL B 39 -17.10 14.53 30.31
C VAL B 39 -15.93 15.47 30.12
N VAL B 40 -15.78 16.01 28.91
CA VAL B 40 -14.73 17.00 28.67
C VAL B 40 -15.39 18.31 28.26
N THR B 41 -14.66 19.41 28.46
CA THR B 41 -15.18 20.74 28.17
C THR B 41 -14.21 21.44 27.22
N ASP B 42 -14.72 22.03 26.15
CA ASP B 42 -13.83 22.73 25.25
C ASP B 42 -13.62 24.16 25.73
N VAL B 43 -12.75 24.90 25.02
CA VAL B 43 -12.36 26.23 25.47
C VAL B 43 -13.50 27.23 25.35
N ASP B 44 -14.57 26.88 24.63
CA ASP B 44 -15.75 27.73 24.52
C ASP B 44 -16.82 27.38 25.54
N GLY B 45 -16.58 26.39 26.39
CA GLY B 45 -17.50 26.00 27.44
C GLY B 45 -18.44 24.86 27.10
N ARG B 46 -18.41 24.36 25.86
CA ARG B 46 -19.24 23.22 25.49
C ARG B 46 -18.74 21.95 26.16
N THR B 47 -19.66 21.12 26.65
CA THR B 47 -19.33 19.84 27.25
C THR B 47 -19.61 18.71 26.27
N TYR B 48 -18.86 17.63 26.41
CA TYR B 48 -19.02 16.47 25.55
C TYR B 48 -18.89 15.22 26.41
N ILE B 49 -19.69 14.22 26.10
CA ILE B 49 -19.53 12.89 26.69
C ILE B 49 -18.52 12.15 25.84
N ASP B 50 -17.47 11.64 26.49
CA ASP B 50 -16.31 11.07 25.79
C ASP B 50 -16.52 9.58 25.58
N LEU B 51 -16.92 9.20 24.36
CA LEU B 51 -17.11 7.80 24.00
C LEU B 51 -15.88 7.22 23.31
N LEU B 52 -14.80 7.98 23.27
CA LEU B 52 -13.59 7.54 22.61
C LEU B 52 -12.40 7.44 23.56
N GLY B 53 -12.43 8.13 24.69
CA GLY B 53 -11.39 7.97 25.70
C GLY B 53 -10.00 8.33 25.22
N GLY B 54 -9.89 9.30 24.31
CA GLY B 54 -8.58 9.63 23.76
C GLY B 54 -8.00 8.51 22.95
N ILE B 55 -8.84 7.75 22.25
CA ILE B 55 -8.52 6.54 21.50
C ILE B 55 -8.11 5.43 22.45
N ALA B 56 -9.05 5.03 23.32
CA ALA B 56 -8.95 3.91 24.25
C ALA B 56 -7.91 4.10 25.34
N VAL B 57 -7.40 5.31 25.55
CA VAL B 57 -6.35 5.52 26.54
C VAL B 57 -6.92 5.80 27.92
N ASN B 58 -7.99 6.59 28.01
CA ASN B 58 -8.44 7.07 29.31
C ASN B 58 -9.41 6.05 29.91
N VAL B 59 -8.82 4.91 30.27
CA VAL B 59 -9.56 3.80 30.85
C VAL B 59 -10.33 4.24 32.10
N LEU B 60 -9.79 5.19 32.86
CA LEU B 60 -10.42 5.66 34.07
C LEU B 60 -10.92 7.09 33.93
N GLY B 61 -11.04 7.58 32.70
CA GLY B 61 -11.49 8.95 32.49
C GLY B 61 -10.45 9.93 32.97
N HIS B 62 -10.88 11.19 33.08
CA HIS B 62 -10.03 12.27 33.56
C HIS B 62 -10.17 12.47 35.05
N ARG B 63 -9.08 12.92 35.68
CA ARG B 63 -9.06 13.30 37.10
C ARG B 63 -9.43 12.14 38.02
N HIS B 64 -9.11 10.91 37.64
CA HIS B 64 -9.43 9.81 38.55
C HIS B 64 -8.60 9.94 39.82
N PRO B 65 -9.23 9.91 41.00
CA PRO B 65 -8.49 10.18 42.25
C PRO B 65 -7.36 9.19 42.51
N ALA B 66 -7.51 7.93 42.08
CA ALA B 66 -6.46 6.97 42.37
C ALA B 66 -5.23 7.22 41.53
N VAL B 67 -5.40 7.63 40.28
CA VAL B 67 -4.26 7.94 39.43
C VAL B 67 -3.59 9.21 39.90
N ILE B 68 -4.39 10.23 40.22
CA ILE B 68 -3.83 11.48 40.73
C ILE B 68 -3.05 11.23 42.02
N GLU B 69 -3.59 10.43 42.93
CA GLU B 69 -2.89 10.14 44.18
C GLU B 69 -1.60 9.38 43.92
N ALA B 70 -1.65 8.38 43.04
CA ALA B 70 -0.45 7.58 42.78
C ALA B 70 0.66 8.44 42.16
N VAL B 71 0.30 9.29 41.21
CA VAL B 71 1.31 10.11 40.52
C VAL B 71 1.85 11.18 41.47
N THR B 72 0.98 11.84 42.22
CA THR B 72 1.47 12.86 43.14
C THR B 72 2.34 12.25 44.23
N ARG B 73 1.92 11.11 44.79
CA ARG B 73 2.74 10.46 45.82
C ARG B 73 4.11 10.08 45.27
N GLN B 74 4.15 9.47 44.08
CA GLN B 74 5.43 8.98 43.56
C GLN B 74 6.34 10.14 43.16
N MET B 75 5.78 11.20 42.60
CA MET B 75 6.62 12.36 42.25
C MET B 75 7.25 12.97 43.50
N SER B 76 6.57 12.91 44.63
CA SER B 76 7.12 13.41 45.88
C SER B 76 7.93 12.37 46.62
N THR B 77 8.21 11.24 45.98
CA THR B 77 9.04 10.19 46.55
C THR B 77 10.30 9.99 45.73
N LEU B 78 10.15 9.63 44.45
CA LEU B 78 11.27 9.32 43.59
C LEU B 78 10.78 9.36 42.15
N GLY B 79 11.45 10.14 41.32
CA GLY B 79 11.07 10.24 39.91
C GLY B 79 11.95 9.34 39.06
N HIS B 80 12.20 9.75 37.84
CA HIS B 80 13.02 8.97 36.88
C HIS B 80 14.38 8.60 37.48
N THR B 81 14.83 7.36 37.27
CA THR B 81 16.20 7.01 37.71
C THR B 81 17.03 6.42 36.57
N SER B 82 16.34 5.77 35.62
CA SER B 82 16.83 4.92 34.50
C SER B 82 16.98 3.49 35.01
N ASN B 83 17.17 2.57 34.08
CA ASN B 83 17.27 1.14 34.42
C ASN B 83 18.68 0.76 34.91
N LEU B 84 19.54 1.74 35.16
CA LEU B 84 20.83 1.44 35.82
C LEU B 84 20.49 1.12 37.28
N TYR B 85 19.27 1.43 37.74
CA TYR B 85 18.87 1.24 39.13
C TYR B 85 17.54 0.52 39.17
N ALA B 86 17.38 -0.36 40.15
CA ALA B 86 16.09 -1.01 40.34
C ALA B 86 15.20 -0.10 41.19
N THR B 87 13.92 -0.05 40.84
CA THR B 87 12.94 0.76 41.55
C THR B 87 11.63 -0.02 41.68
N GLU B 88 10.93 0.24 42.79
CA GLU B 88 9.81 -0.62 43.17
C GLU B 88 8.63 -0.57 42.20
N PRO B 89 8.14 0.60 41.76
CA PRO B 89 6.89 0.58 40.98
C PRO B 89 6.97 -0.26 39.70
N GLY B 90 8.06 -0.12 38.94
CA GLY B 90 8.20 -0.93 37.73
C GLY B 90 8.24 -2.43 38.02
N ILE B 91 8.94 -2.82 39.10
CA ILE B 91 9.02 -4.23 39.44
C ILE B 91 7.63 -4.75 39.84
N ALA B 92 6.94 -4.02 40.71
CA ALA B 92 5.61 -4.43 41.13
C ALA B 92 4.65 -4.49 39.95
N LEU B 93 4.75 -3.51 39.03
CA LEU B 93 3.89 -3.51 37.85
C LEU B 93 4.15 -4.72 36.97
N ALA B 94 5.44 -5.05 36.76
CA ALA B 94 5.77 -6.23 36.00
C ALA B 94 5.20 -7.48 36.66
N GLU B 95 5.34 -7.59 37.98
CA GLU B 95 4.74 -8.69 38.72
C GLU B 95 3.24 -8.76 38.49
N GLU B 96 2.56 -7.62 38.57
CA GLU B 96 1.10 -7.62 38.41
C GLU B 96 0.68 -8.00 37.00
N LEU B 97 1.39 -7.51 35.98
CA LEU B 97 1.05 -7.86 34.61
C LEU B 97 1.29 -9.34 34.33
N VAL B 98 2.36 -9.91 34.89
CA VAL B 98 2.63 -11.33 34.71
C VAL B 98 1.52 -12.16 35.34
N ALA B 99 1.09 -11.77 36.54
CA ALA B 99 -0.02 -12.47 37.19
C ALA B 99 -1.28 -12.41 36.34
N LEU B 100 -1.56 -11.25 35.75
CA LEU B 100 -2.78 -11.12 34.96
C LEU B 100 -2.72 -11.95 33.68
N LEU B 101 -1.53 -12.07 33.07
CA LEU B 101 -1.42 -12.89 31.88
C LEU B 101 -1.69 -14.35 32.19
N GLY B 102 -1.19 -14.83 33.31
CA GLY B 102 -1.50 -16.17 33.77
C GLY B 102 -0.87 -17.26 32.94
N ALA B 103 0.31 -17.03 32.38
CA ALA B 103 0.95 -18.05 31.56
C ALA B 103 1.54 -19.15 32.41
N ASP B 104 1.66 -20.34 31.81
CA ASP B 104 2.19 -21.49 32.52
C ASP B 104 3.72 -21.48 32.62
N GLN B 105 4.39 -20.78 31.71
CA GLN B 105 5.84 -20.68 31.73
C GLN B 105 6.26 -19.32 32.28
N ARG B 106 7.55 -19.20 32.58
CA ARG B 106 8.08 -17.94 33.08
C ARG B 106 7.86 -16.83 32.08
N THR B 107 7.35 -15.70 32.56
CA THR B 107 7.08 -14.53 31.74
C THR B 107 7.96 -13.37 32.22
N ARG B 108 8.59 -12.67 31.27
CA ARG B 108 9.41 -11.52 31.59
C ARG B 108 8.90 -10.27 30.88
N VAL B 109 9.25 -9.11 31.44
CA VAL B 109 8.63 -7.84 31.06
C VAL B 109 9.70 -6.83 30.65
N PHE B 110 9.47 -6.14 29.53
CA PHE B 110 10.24 -4.97 29.13
C PHE B 110 9.31 -3.78 29.04
N PHE B 111 9.69 -2.67 29.68
CA PHE B 111 8.87 -1.46 29.64
C PHE B 111 9.42 -0.44 28.65
N CYS B 112 8.51 0.35 28.10
CA CYS B 112 8.87 1.41 27.18
C CYS B 112 7.79 2.48 27.30
N ASN B 113 7.63 3.28 26.26
CA ASN B 113 6.80 4.48 26.35
C ASN B 113 5.57 4.50 25.47
N SER B 114 5.41 3.56 24.55
CA SER B 114 4.35 3.68 23.56
C SER B 114 4.05 2.31 22.99
N GLY B 115 2.94 2.23 22.25
CA GLY B 115 2.64 0.98 21.57
C GLY B 115 3.59 0.68 20.44
N ALA B 116 4.00 1.71 19.69
CA ALA B 116 5.00 1.49 18.66
C ALA B 116 6.28 0.95 19.26
N GLU B 117 6.73 1.53 20.38
CA GLU B 117 7.95 1.02 21.00
C GLU B 117 7.78 -0.40 21.51
N ALA B 118 6.59 -0.74 22.04
CA ALA B 118 6.38 -2.10 22.52
C ALA B 118 6.47 -3.09 21.36
N ASN B 119 5.91 -2.73 20.21
CA ASN B 119 6.02 -3.60 19.04
C ASN B 119 7.42 -3.57 18.43
N GLU B 120 8.17 -2.47 18.60
CA GLU B 120 9.58 -2.48 18.18
C GLU B 120 10.36 -3.48 19.01
N ALA B 121 10.06 -3.56 20.32
CA ALA B 121 10.73 -4.54 21.16
C ALA B 121 10.40 -5.95 20.71
N ALA B 122 9.12 -6.21 20.40
CA ALA B 122 8.73 -7.51 19.90
C ALA B 122 9.39 -7.81 18.54
N PHE B 123 9.49 -6.81 17.68
CA PHE B 123 10.19 -6.96 16.40
C PHE B 123 11.63 -7.40 16.63
N LYS B 124 12.33 -6.71 17.53
CA LYS B 124 13.71 -7.07 17.81
C LYS B 124 13.80 -8.46 18.43
N LEU B 125 12.85 -8.81 19.31
CA LEU B 125 12.79 -10.18 19.83
C LEU B 125 12.72 -11.17 18.69
N SER B 126 11.90 -10.87 17.71
CA SER B 126 11.73 -11.80 16.57
C SER B 126 13.07 -12.01 15.83
N ARG B 127 13.90 -10.99 15.79
CA ARG B 127 15.20 -11.10 15.08
C ARG B 127 16.10 -12.11 15.80
N LEU B 128 15.97 -12.21 17.11
CA LEU B 128 16.84 -13.08 17.89
C LEU B 128 16.48 -14.55 17.77
N THR B 129 15.40 -14.88 17.05
CA THR B 129 15.08 -16.26 16.71
C THR B 129 15.97 -16.79 15.60
N GLY B 130 16.69 -15.91 14.91
CA GLY B 130 17.46 -16.29 13.74
C GLY B 130 16.69 -16.29 12.45
N ARG B 131 15.42 -15.86 12.47
CA ARG B 131 14.60 -15.77 11.28
C ARG B 131 14.29 -14.30 11.02
N THR B 132 14.07 -13.96 9.76
CA THR B 132 13.79 -12.56 9.42
C THR B 132 12.44 -12.34 8.75
N LYS B 133 11.69 -13.39 8.45
CA LYS B 133 10.37 -13.22 7.86
C LYS B 133 9.31 -13.01 8.95
N LEU B 134 8.42 -12.06 8.68
CA LEU B 134 7.35 -11.72 9.60
C LEU B 134 6.04 -11.72 8.84
N VAL B 135 4.95 -12.04 9.55
CA VAL B 135 3.61 -12.06 8.98
C VAL B 135 2.70 -11.20 9.82
N ALA B 136 1.92 -10.35 9.16
CA ALA B 136 0.92 -9.51 9.79
C ALA B 136 -0.30 -9.47 8.89
N ALA B 137 -1.32 -8.70 9.26
CA ALA B 137 -2.58 -8.70 8.54
C ALA B 137 -2.76 -7.41 7.75
N HIS B 138 -3.32 -7.52 6.54
CA HIS B 138 -3.80 -6.33 5.85
C HIS B 138 -4.69 -5.52 6.78
N ASP B 139 -4.47 -4.21 6.78
CA ASP B 139 -5.21 -3.20 7.54
C ASP B 139 -4.86 -3.19 9.02
N ALA B 140 -3.96 -4.06 9.49
CA ALA B 140 -3.56 -4.01 10.88
C ALA B 140 -2.86 -2.69 11.19
N PHE B 141 -2.93 -2.27 12.46
CA PHE B 141 -2.15 -1.11 12.91
C PHE B 141 -1.29 -1.53 14.08
N HIS B 142 0.02 -1.34 13.95
CA HIS B 142 0.95 -1.72 15.01
C HIS B 142 1.86 -0.57 15.42
N GLY B 143 1.67 0.60 14.84
CA GLY B 143 2.60 1.69 15.18
C GLY B 143 3.20 2.38 13.97
N ARG B 144 3.84 3.51 14.21
CA ARG B 144 4.33 4.42 13.14
C ARG B 144 5.85 4.58 13.13
N THR B 145 6.56 3.92 14.02
CA THR B 145 8.04 3.90 13.95
C THR B 145 8.47 2.96 12.80
N MET B 146 9.71 3.04 12.33
CA MET B 146 10.12 2.26 11.12
C MET B 146 9.85 0.76 11.23
N GLY B 147 10.13 0.16 12.37
CA GLY B 147 9.86 -1.26 12.52
C GLY B 147 8.37 -1.57 12.64
N SER B 148 7.69 -0.89 13.56
CA SER B 148 6.26 -1.13 13.72
CA SER B 148 6.27 -1.17 13.72
C SER B 148 5.48 -0.76 12.48
N LEU B 149 5.96 0.22 11.71
CA LEU B 149 5.28 0.62 10.48
C LEU B 149 5.39 -0.46 9.41
N ALA B 150 6.49 -1.22 9.41
CA ALA B 150 6.60 -2.35 8.49
C ALA B 150 5.55 -3.41 8.79
N LEU B 151 5.21 -3.58 10.06
CA LEU B 151 4.20 -4.56 10.47
C LEU B 151 2.79 -4.04 10.20
N THR B 152 2.57 -2.75 10.40
CA THR B 152 1.32 -2.12 10.01
C THR B 152 0.99 -2.45 8.56
N GLY B 153 -0.27 -2.79 8.32
CA GLY B 153 -0.70 -3.24 7.01
C GLY B 153 -1.55 -2.22 6.27
N GLN B 154 -1.08 -0.96 6.28
CA GLN B 154 -1.81 0.17 5.72
C GLN B 154 -0.90 0.89 4.72
N PRO B 155 -0.98 0.52 3.44
CA PRO B 155 0.00 1.02 2.46
C PRO B 155 0.07 2.53 2.36
N ALA B 156 -1.04 3.25 2.56
CA ALA B 156 -1.01 4.70 2.46
C ALA B 156 -0.07 5.31 3.50
N LYS B 157 0.03 4.65 4.66
CA LYS B 157 0.91 5.16 5.75
C LYS B 157 2.34 4.66 5.56
N GLN B 158 2.56 3.65 4.72
CA GLN B 158 3.87 3.02 4.58
C GLN B 158 4.65 3.50 3.36
N THR B 159 3.98 3.59 2.20
CA THR B 159 4.64 3.86 0.92
C THR B 159 5.57 5.07 0.93
N PRO B 160 5.20 6.25 1.47
CA PRO B 160 6.13 7.38 1.42
C PRO B 160 7.41 7.15 2.18
N PHE B 161 7.46 6.10 2.99
CA PHE B 161 8.62 5.87 3.87
C PHE B 161 9.44 4.66 3.45
N ALA B 162 9.08 4.02 2.34
CA ALA B 162 9.83 2.84 1.89
C ALA B 162 11.25 3.24 1.49
N PRO B 163 12.24 2.35 1.62
CA PRO B 163 12.01 1.00 2.12
C PRO B 163 11.93 0.84 3.65
N LEU B 164 11.02 -0.02 4.09
CA LEU B 164 10.87 -0.33 5.53
C LEU B 164 11.62 -1.61 5.86
N PRO B 165 11.92 -1.89 7.13
CA PRO B 165 12.61 -3.12 7.51
C PRO B 165 11.82 -4.38 7.10
N GLY B 166 12.55 -5.41 6.68
CA GLY B 166 11.93 -6.62 6.14
C GLY B 166 11.91 -7.76 7.12
N ASP B 167 11.45 -8.93 6.70
CA ASP B 167 10.72 -9.16 5.42
C ASP B 167 9.29 -9.51 5.79
N VAL B 168 8.38 -8.58 5.58
CA VAL B 168 6.98 -8.73 6.07
C VAL B 168 6.01 -9.14 4.97
N THR B 169 5.23 -10.15 5.25
CA THR B 169 4.16 -10.60 4.34
C THR B 169 2.84 -10.30 5.03
N HIS B 170 1.95 -9.60 4.35
CA HIS B 170 0.63 -9.33 4.91
C HIS B 170 -0.39 -10.29 4.30
N VAL B 171 -1.32 -10.77 5.14
CA VAL B 171 -2.38 -11.68 4.73
C VAL B 171 -3.73 -11.13 5.19
N GLY B 172 -4.80 -11.68 4.60
CA GLY B 172 -6.11 -11.24 5.03
C GLY B 172 -6.39 -11.56 6.49
N TYR B 173 -6.90 -10.58 7.24
CA TYR B 173 -7.22 -10.82 8.63
C TYR B 173 -8.33 -11.86 8.76
N GLY B 174 -8.16 -12.79 9.69
CA GLY B 174 -9.20 -13.78 9.95
C GLY B 174 -9.26 -14.94 8.98
N ASP B 175 -8.36 -14.99 7.99
CA ASP B 175 -8.34 -16.04 6.98
C ASP B 175 -7.34 -17.11 7.43
N VAL B 176 -7.85 -18.26 7.88
CA VAL B 176 -6.98 -19.29 8.45
C VAL B 176 -6.08 -19.90 7.39
N ASP B 177 -6.63 -20.22 6.21
CA ASP B 177 -5.82 -20.84 5.17
C ASP B 177 -4.71 -19.91 4.70
N ALA B 178 -5.03 -18.63 4.53
CA ALA B 178 -4.02 -17.66 4.14
C ALA B 178 -2.89 -17.58 5.16
N LEU B 179 -3.24 -17.65 6.44
CA LEU B 179 -2.20 -17.61 7.48
C LEU B 179 -1.36 -18.87 7.47
N ALA B 180 -1.99 -20.04 7.33
CA ALA B 180 -1.24 -21.28 7.28
C ALA B 180 -0.28 -21.30 6.10
N ALA B 181 -0.72 -20.76 4.95
CA ALA B 181 0.13 -20.72 3.76
C ALA B 181 1.31 -19.76 3.93
N ALA B 182 1.12 -18.67 4.67
CA ALA B 182 2.18 -17.68 4.79
C ALA B 182 3.23 -18.06 5.83
N VAL B 183 2.82 -18.79 6.85
CA VAL B 183 3.76 -19.14 7.95
C VAL B 183 4.54 -20.39 7.56
N ASP B 184 5.85 -20.31 7.62
CA ASP B 184 6.75 -21.43 7.29
C ASP B 184 7.92 -21.47 8.28
N ASP B 185 8.90 -22.33 8.04
CA ASP B 185 10.04 -22.46 8.98
C ASP B 185 11.00 -21.29 8.85
N HIS B 186 10.74 -20.34 7.98
CA HIS B 186 11.55 -19.15 8.01
C HIS B 186 10.84 -17.97 8.68
N THR B 187 9.66 -18.21 9.25
CA THR B 187 8.87 -17.13 9.83
C THR B 187 9.29 -16.89 11.27
N ALA B 188 9.79 -15.69 11.55
CA ALA B 188 10.20 -15.35 12.91
C ALA B 188 8.98 -15.19 13.81
N ALA B 189 7.93 -14.55 13.31
CA ALA B 189 6.82 -14.21 14.18
C ALA B 189 5.62 -13.83 13.33
N VAL B 190 4.45 -14.01 13.90
CA VAL B 190 3.18 -13.49 13.37
C VAL B 190 2.69 -12.45 14.37
N PHE B 191 2.33 -11.27 13.87
CA PHE B 191 1.72 -10.21 14.69
C PHE B 191 0.24 -10.13 14.37
N LEU B 192 -0.60 -10.18 15.41
CA LEU B 192 -2.04 -10.02 15.24
C LEU B 192 -2.61 -9.16 16.36
N GLU B 193 -3.56 -8.25 15.99
CA GLU B 193 -4.48 -7.67 16.95
C GLU B 193 -5.64 -8.65 17.19
N PRO B 194 -6.04 -8.89 18.44
CA PRO B 194 -7.19 -9.80 18.67
C PRO B 194 -8.48 -9.27 18.09
N ILE B 195 -8.59 -7.94 17.97
CA ILE B 195 -9.62 -7.23 17.23
C ILE B 195 -8.90 -6.06 16.58
N MET B 196 -9.05 -5.89 15.27
CA MET B 196 -8.32 -4.82 14.60
C MET B 196 -9.02 -3.49 14.89
N GLY B 197 -8.35 -2.61 15.63
CA GLY B 197 -9.04 -1.44 16.13
C GLY B 197 -9.09 -0.30 15.15
N GLU B 198 -7.93 0.21 14.80
CA GLU B 198 -7.79 1.40 13.92
C GLU B 198 -8.52 1.19 12.59
N SER B 199 -8.60 -0.04 12.11
CA SER B 199 -9.25 -0.23 10.79
C SER B 199 -10.78 -0.34 10.89
N GLY B 200 -11.36 -0.46 12.06
CA GLY B 200 -12.82 -0.49 12.12
C GLY B 200 -13.37 -1.52 13.08
N VAL B 201 -12.65 -1.82 14.15
CA VAL B 201 -13.10 -2.81 15.17
C VAL B 201 -13.48 -4.10 14.44
N VAL B 202 -12.52 -4.65 13.72
CA VAL B 202 -12.73 -5.86 12.92
C VAL B 202 -12.49 -7.07 13.82
N VAL B 203 -13.52 -7.85 14.07
CA VAL B 203 -13.46 -9.01 14.94
C VAL B 203 -13.20 -10.25 14.09
N PRO B 204 -12.25 -11.11 14.43
CA PRO B 204 -11.96 -12.26 13.59
C PRO B 204 -12.99 -13.35 13.79
N PRO B 205 -13.08 -14.31 12.87
CA PRO B 205 -14.01 -15.43 13.04
C PRO B 205 -13.65 -16.24 14.28
N ALA B 206 -14.66 -16.85 14.89
CA ALA B 206 -14.42 -17.77 15.98
C ALA B 206 -13.38 -18.81 15.57
N GLY B 207 -12.45 -19.09 16.48
CA GLY B 207 -11.42 -20.08 16.21
C GLY B 207 -10.16 -19.55 15.57
N TYR B 208 -10.16 -18.30 15.09
CA TYR B 208 -9.01 -17.79 14.34
C TYR B 208 -7.76 -17.68 15.21
N LEU B 209 -7.87 -17.07 16.40
CA LEU B 209 -6.68 -16.90 17.22
C LEU B 209 -6.14 -18.24 17.71
N ALA B 210 -7.03 -19.21 17.97
CA ALA B 210 -6.57 -20.56 18.30
C ALA B 210 -5.82 -21.18 17.13
N ALA B 211 -6.35 -21.00 15.91
CA ALA B 211 -5.64 -21.48 14.72
C ALA B 211 -4.28 -20.81 14.59
N ALA B 212 -4.23 -19.48 14.75
CA ALA B 212 -2.95 -18.78 14.68
C ALA B 212 -1.95 -19.33 15.69
N ARG B 213 -2.41 -19.64 16.90
CA ARG B 213 -1.52 -20.21 17.91
C ARG B 213 -1.02 -21.57 17.47
N ASP B 214 -1.88 -22.37 16.85
CA ASP B 214 -1.46 -23.70 16.41
C ASP B 214 -0.49 -23.61 15.24
N ILE B 215 -0.84 -22.80 14.23
CA ILE B 215 0.03 -22.61 13.07
C ILE B 215 1.42 -22.16 13.50
N THR B 216 1.49 -21.13 14.35
CA THR B 216 2.80 -20.61 14.73
C THR B 216 3.59 -21.64 15.53
N ALA B 217 2.91 -22.33 16.42
CA ALA B 217 3.61 -23.30 17.30
C ALA B 217 4.18 -24.44 16.45
N ARG B 218 3.43 -24.89 15.46
CA ARG B 218 3.92 -26.00 14.60
C ARG B 218 5.11 -25.54 13.76
N ARG B 219 5.13 -24.28 13.37
CA ARG B 219 6.19 -23.79 12.46
C ARG B 219 7.36 -23.14 13.20
N GLY B 220 7.36 -23.12 14.52
CA GLY B 220 8.47 -22.50 15.27
C GLY B 220 8.42 -20.97 15.24
N ALA B 221 7.27 -20.40 14.90
CA ALA B 221 7.15 -18.95 14.84
C ALA B 221 6.58 -18.41 16.15
N LEU B 222 7.02 -17.22 16.53
CA LEU B 222 6.43 -16.56 17.67
C LEU B 222 5.04 -16.05 17.31
N LEU B 223 4.09 -16.22 18.22
CA LEU B 223 2.81 -15.54 18.10
C LEU B 223 2.85 -14.30 18.99
N VAL B 224 2.75 -13.12 18.37
CA VAL B 224 2.78 -11.84 19.06
C VAL B 224 1.38 -11.26 18.96
N LEU B 225 0.73 -11.08 20.10
CA LEU B 225 -0.59 -10.45 20.14
C LEU B 225 -0.42 -9.00 20.59
N ASP B 226 -0.86 -8.09 19.74
CA ASP B 226 -0.85 -6.65 20.00
C ASP B 226 -2.15 -6.31 20.72
N GLU B 227 -2.06 -6.15 22.03
CA GLU B 227 -3.18 -5.80 22.89
C GLU B 227 -3.11 -4.34 23.32
N VAL B 228 -2.47 -3.49 22.52
CA VAL B 228 -2.32 -2.08 22.88
C VAL B 228 -3.69 -1.42 22.99
N GLN B 229 -4.61 -1.79 22.09
CA GLN B 229 -5.96 -1.22 22.10
C GLN B 229 -6.98 -2.15 22.73
N THR B 230 -6.80 -3.48 22.62
CA THR B 230 -7.80 -4.40 23.12
C THR B 230 -7.60 -4.79 24.57
N GLY B 231 -6.48 -4.41 25.18
CA GLY B 231 -6.15 -4.83 26.53
C GLY B 231 -6.77 -3.95 27.61
N MET B 232 -6.17 -4.03 28.80
CA MET B 232 -6.63 -3.28 29.97
C MET B 232 -8.08 -3.58 30.34
N GLY B 233 -8.54 -4.80 30.07
CA GLY B 233 -9.88 -5.21 30.48
C GLY B 233 -11.01 -4.69 29.63
N ARG B 234 -10.72 -4.02 28.52
CA ARG B 234 -11.75 -3.36 27.73
C ARG B 234 -12.80 -4.33 27.21
N THR B 235 -12.39 -5.54 26.81
CA THR B 235 -13.31 -6.49 26.20
C THR B 235 -13.96 -7.43 27.22
N GLY B 236 -13.78 -7.22 28.51
CA GLY B 236 -14.35 -8.09 29.52
C GLY B 236 -13.45 -9.21 29.97
N ALA B 237 -12.24 -9.31 29.42
CA ALA B 237 -11.13 -10.03 30.04
C ALA B 237 -9.95 -9.08 30.03
N PHE B 238 -8.98 -9.26 30.94
CA PHE B 238 -7.90 -8.29 30.98
C PHE B 238 -7.18 -8.20 29.64
N PHE B 239 -6.80 -9.35 29.09
CA PHE B 239 -6.33 -9.45 27.71
C PHE B 239 -7.44 -10.03 26.85
N ALA B 240 -7.66 -9.44 25.67
CA ALA B 240 -8.76 -9.91 24.83
C ALA B 240 -8.53 -11.33 24.34
N HIS B 241 -7.26 -11.76 24.23
CA HIS B 241 -7.00 -13.10 23.75
C HIS B 241 -7.38 -14.15 24.76
N GLN B 242 -7.57 -13.77 26.03
CA GLN B 242 -7.95 -14.73 27.05
C GLN B 242 -9.37 -15.25 26.82
N HIS B 243 -10.17 -14.56 26.01
CA HIS B 243 -11.47 -15.09 25.64
C HIS B 243 -11.35 -16.36 24.81
N ASP B 244 -10.21 -16.56 24.15
CA ASP B 244 -10.01 -17.70 23.28
C ASP B 244 -9.14 -18.78 23.91
N GLY B 245 -8.73 -18.60 25.16
CA GLY B 245 -8.03 -19.63 25.90
C GLY B 245 -6.67 -19.99 25.32
N ILE B 246 -5.98 -19.04 24.72
CA ILE B 246 -4.65 -19.28 24.18
C ILE B 246 -3.64 -18.48 24.99
N THR B 247 -2.38 -18.86 24.87
CA THR B 247 -1.29 -18.11 25.45
C THR B 247 -0.30 -17.81 24.34
N PRO B 248 -0.11 -16.55 23.96
CA PRO B 248 0.85 -16.23 22.91
C PRO B 248 2.26 -16.25 23.48
N ASP B 249 3.22 -16.04 22.60
CA ASP B 249 4.61 -15.98 23.04
C ASP B 249 5.01 -14.58 23.48
N VAL B 250 4.39 -13.57 22.87
CA VAL B 250 4.67 -12.17 23.15
C VAL B 250 3.35 -11.42 23.16
N VAL B 251 3.21 -10.49 24.11
CA VAL B 251 2.04 -9.61 24.19
C VAL B 251 2.54 -8.19 24.34
N THR B 252 1.93 -7.27 23.59
CA THR B 252 2.30 -5.87 23.75
C THR B 252 1.10 -5.07 24.28
N LEU B 253 1.41 -4.10 25.12
CA LEU B 253 0.44 -3.25 25.78
C LEU B 253 0.90 -1.80 25.72
N ALA B 254 -0.04 -0.86 25.69
CA ALA B 254 0.22 0.59 25.82
C ALA B 254 -1.14 1.27 26.01
N1 LLP B 255 -0.95 -1.05 18.12
C2 LLP B 255 -2.24 -0.85 18.25
C2' LLP B 255 -3.18 -2.00 18.06
C3 LLP B 255 -2.73 0.41 18.57
O3 LLP B 255 -4.05 0.52 18.65
C4 LLP B 255 -1.85 1.48 18.75
C4' LLP B 255 -2.41 2.78 19.12
C5 LLP B 255 -0.49 1.24 18.59
C6 LLP B 255 -0.10 -0.03 18.28
C5' LLP B 255 0.56 2.31 18.66
OP4 LLP B 255 0.60 3.09 19.88
P LLP B 255 1.42 4.42 19.98
OP1 LLP B 255 1.53 4.65 21.40
OP2 LLP B 255 2.69 4.26 19.32
OP3 LLP B 255 0.56 5.39 19.30
N LLP B 255 -1.34 2.39 25.36
CA LLP B 255 -2.59 3.18 25.44
CB LLP B 255 -3.63 2.74 24.41
CG LLP B 255 -3.26 3.20 23.01
CD LLP B 255 -4.35 3.07 21.96
CE LLP B 255 -3.98 3.76 20.65
NZ LLP B 255 -3.58 2.83 19.61
C LLP B 255 -3.11 3.29 26.89
O LLP B 255 -2.54 4.01 27.63
N GLY B 256 -4.11 2.52 27.25
CA GLY B 256 -4.69 2.66 28.60
C GLY B 256 -3.85 2.14 29.74
N LEU B 257 -2.71 1.52 29.45
CA LEU B 257 -1.90 0.91 30.50
C LEU B 257 -1.61 1.88 31.64
N GLY B 258 -1.37 3.15 31.33
CA GLY B 258 -1.05 4.17 32.31
C GLY B 258 -2.20 5.08 32.68
N GLY B 259 -3.42 4.75 32.24
CA GLY B 259 -4.54 5.64 32.48
C GLY B 259 -4.37 7.02 31.92
N GLY B 260 -3.46 7.19 30.96
CA GLY B 260 -3.18 8.50 30.40
C GLY B 260 -1.70 8.85 30.41
N LEU B 261 -0.98 8.31 31.37
CA LEU B 261 0.45 8.58 31.40
C LEU B 261 1.16 7.66 30.40
N PRO B 262 2.22 8.13 29.74
CA PRO B 262 2.83 7.34 28.65
C PRO B 262 3.61 6.15 29.19
N ILE B 263 3.18 4.96 28.81
CA ILE B 263 3.88 3.73 29.18
C ILE B 263 3.40 2.62 28.26
N GLY B 264 4.33 1.74 27.90
CA GLY B 264 4.01 0.55 27.14
C GLY B 264 4.81 -0.60 27.72
N ALA B 265 4.43 -1.81 27.32
CA ALA B 265 5.13 -2.98 27.83
C ALA B 265 5.14 -4.08 26.79
N CYS B 266 6.22 -4.86 26.82
CA CYS B 266 6.31 -6.07 26.01
C CYS B 266 6.51 -7.23 26.98
N LEU B 267 5.58 -8.18 26.96
CA LEU B 267 5.63 -9.36 27.81
C LEU B 267 6.01 -10.56 26.95
N ALA B 268 6.96 -11.37 27.39
CA ALA B 268 7.40 -12.53 26.62
C ALA B 268 7.36 -13.76 27.50
N VAL B 269 6.91 -14.88 26.92
CA VAL B 269 6.58 -16.10 27.65
C VAL B 269 7.52 -17.23 27.22
N GLY B 270 8.01 -17.98 28.19
CA GLY B 270 8.81 -19.15 27.90
C GLY B 270 10.14 -18.80 27.27
N PRO B 271 10.57 -19.59 26.27
CA PRO B 271 11.87 -19.33 25.65
C PRO B 271 12.00 -17.92 25.09
N ALA B 272 10.90 -17.34 24.61
CA ALA B 272 10.94 -15.97 24.11
C ALA B 272 11.36 -14.98 25.20
N ALA B 273 11.09 -15.30 26.46
CA ALA B 273 11.45 -14.41 27.56
C ALA B 273 12.95 -14.31 27.80
N GLU B 274 13.75 -15.22 27.24
CA GLU B 274 15.18 -15.25 27.47
C GLU B 274 16.00 -14.74 26.30
N LEU B 275 15.34 -14.36 25.18
CA LEU B 275 16.06 -13.96 23.99
C LEU B 275 16.86 -12.68 24.21
N LEU B 276 16.29 -11.71 24.92
CA LEU B 276 16.99 -10.46 25.17
C LEU B 276 18.01 -10.65 26.29
N THR B 277 19.27 -10.43 25.98
CA THR B 277 20.39 -10.52 26.91
C THR B 277 20.95 -9.12 27.18
N PRO B 278 21.80 -8.96 28.20
CA PRO B 278 22.23 -7.60 28.59
C PRO B 278 22.86 -6.84 27.43
N GLY B 279 22.42 -5.58 27.27
CA GLY B 279 22.95 -4.67 26.27
C GLY B 279 22.25 -4.70 24.93
N LEU B 280 21.29 -5.60 24.74
CA LEU B 280 20.68 -5.75 23.43
C LEU B 280 19.46 -4.86 23.20
N HIS B 281 18.89 -4.27 24.25
CA HIS B 281 17.79 -3.35 24.04
C HIS B 281 17.63 -2.49 25.28
N GLY B 282 16.93 -1.36 25.13
CA GLY B 282 16.70 -0.47 26.26
C GLY B 282 15.88 0.72 25.82
N SER B 283 15.46 1.50 26.81
CA SER B 283 14.71 2.74 26.62
C SER B 283 14.93 3.59 27.87
N THR B 284 15.41 4.83 27.70
CA THR B 284 15.78 5.65 28.85
C THR B 284 14.63 5.77 29.85
N PHE B 285 13.43 6.15 29.37
CA PHE B 285 12.30 6.36 30.27
C PHE B 285 11.59 5.08 30.68
N GLY B 286 11.92 3.93 30.08
CA GLY B 286 11.13 2.73 30.33
C GLY B 286 11.07 2.33 31.79
N GLY B 287 9.85 2.07 32.28
CA GLY B 287 9.67 1.59 33.63
C GLY B 287 9.85 2.63 34.69
N ASN B 288 9.75 3.90 34.35
CA ASN B 288 10.06 4.92 35.34
C ASN B 288 9.00 4.94 36.43
N PRO B 289 9.39 5.34 37.65
CA PRO B 289 8.49 5.17 38.80
C PRO B 289 7.15 5.87 38.66
N VAL B 290 7.09 7.07 38.08
CA VAL B 290 5.86 7.83 38.05
C VAL B 290 4.84 7.17 37.13
N CYS B 291 5.27 6.81 35.93
CA CYS B 291 4.35 6.19 34.98
C CYS B 291 3.95 4.80 35.46
N ALA B 292 4.90 4.04 36.03
CA ALA B 292 4.58 2.73 36.56
C ALA B 292 3.61 2.83 37.74
N ALA B 293 3.78 3.84 38.59
CA ALA B 293 2.84 4.06 39.70
C ALA B 293 1.44 4.34 39.18
N ALA B 294 1.33 5.11 38.10
CA ALA B 294 0.03 5.35 37.48
C ALA B 294 -0.60 4.04 37.02
N ALA B 295 0.18 3.20 36.32
CA ALA B 295 -0.33 1.95 35.81
C ALA B 295 -0.72 1.00 36.95
N LEU B 296 0.08 0.98 38.03
CA LEU B 296 -0.31 0.19 39.20
C LEU B 296 -1.66 0.64 39.75
N ALA B 297 -1.90 1.95 39.80
CA ALA B 297 -3.19 2.45 40.26
C ALA B 297 -4.33 1.98 39.37
N VAL B 298 -4.12 2.04 38.05
CA VAL B 298 -5.14 1.59 37.10
C VAL B 298 -5.50 0.13 37.36
N LEU B 299 -4.49 -0.73 37.48
CA LEU B 299 -4.74 -2.14 37.78
C LEU B 299 -5.52 -2.29 39.09
N ARG B 300 -5.19 -1.49 40.12
CA ARG B 300 -5.88 -1.59 41.40
C ARG B 300 -7.36 -1.22 41.27
N VAL B 301 -7.65 -0.12 40.56
CA VAL B 301 -9.04 0.30 40.38
C VAL B 301 -9.79 -0.72 39.55
N LEU B 302 -9.18 -1.21 38.45
CA LEU B 302 -9.84 -2.25 37.66
C LEU B 302 -10.30 -3.40 38.55
N ALA B 303 -9.42 -3.85 39.45
CA ALA B 303 -9.73 -4.97 40.31
C ALA B 303 -10.72 -4.59 41.40
N SER B 304 -10.49 -3.48 42.08
CA SER B 304 -11.35 -3.12 43.22
C SER B 304 -12.77 -2.79 42.77
N ASP B 305 -12.94 -2.11 41.64
CA ASP B 305 -14.26 -1.74 41.15
C ASP B 305 -14.83 -2.74 40.15
N GLY B 306 -14.13 -3.85 39.92
CA GLY B 306 -14.66 -4.87 39.01
C GLY B 306 -14.96 -4.34 37.62
N LEU B 307 -14.09 -3.48 37.09
CA LEU B 307 -14.38 -2.81 35.84
C LEU B 307 -14.21 -3.69 34.62
N VAL B 308 -13.47 -4.80 34.72
CA VAL B 308 -13.35 -5.69 33.59
C VAL B 308 -14.68 -6.40 33.34
N ARG B 309 -15.28 -6.95 34.39
CA ARG B 309 -16.61 -7.60 34.23
C ARG B 309 -17.64 -6.55 33.82
N ARG B 310 -17.54 -5.37 34.40
CA ARG B 310 -18.48 -4.31 34.06
C ARG B 310 -18.40 -3.93 32.58
N ALA B 311 -17.20 -3.92 32.00
CA ALA B 311 -17.07 -3.58 30.59
C ALA B 311 -17.86 -4.55 29.71
N GLU B 312 -17.90 -5.81 30.10
CA GLU B 312 -18.68 -6.77 29.30
C GLU B 312 -20.17 -6.48 29.46
N VAL B 313 -20.63 -6.22 30.67
CA VAL B 313 -22.05 -5.96 30.90
C VAL B 313 -22.48 -4.69 30.17
N LEU B 314 -21.73 -3.61 30.35
CA LEU B 314 -22.06 -2.36 29.66
C LEU B 314 -21.99 -2.54 28.15
N GLY B 315 -21.00 -3.27 27.67
CA GLY B 315 -20.86 -3.43 26.23
C GLY B 315 -21.98 -4.24 25.61
N LYS B 316 -22.47 -5.24 26.34
CA LYS B 316 -23.60 -6.03 25.82
C LYS B 316 -24.86 -5.17 25.76
N SER B 317 -25.14 -4.42 26.82
CA SER B 317 -26.35 -3.57 26.78
C SER B 317 -26.21 -2.47 25.73
N LEU B 318 -25.03 -1.90 25.54
CA LEU B 318 -24.84 -0.89 24.50
C LEU B 318 -25.05 -1.49 23.11
N ARG B 319 -24.48 -2.68 22.88
CA ARG B 319 -24.64 -3.32 21.58
C ARG B 319 -26.11 -3.66 21.32
N HIS B 320 -26.78 -4.23 22.33
CA HIS B 320 -28.21 -4.54 22.20
C HIS B 320 -29.01 -3.28 21.90
N GLY B 321 -28.71 -2.19 22.63
CA GLY B 321 -29.45 -0.95 22.44
C GLY B 321 -29.31 -0.39 21.03
N ILE B 322 -28.11 -0.45 20.46
CA ILE B 322 -27.91 0.09 19.12
C ILE B 322 -28.64 -0.76 18.09
N GLU B 323 -28.52 -2.08 18.18
CA GLU B 323 -29.20 -2.94 17.22
C GLU B 323 -30.72 -2.81 17.35
N ALA B 324 -31.21 -2.67 18.58
CA ALA B 324 -32.65 -2.53 18.81
C ALA B 324 -33.22 -1.28 18.14
N LEU B 325 -32.38 -0.30 17.82
CA LEU B 325 -32.87 0.88 17.13
C LEU B 325 -33.44 0.54 15.76
N GLY B 326 -32.85 -0.45 15.08
CA GLY B 326 -33.26 -0.79 13.73
C GLY B 326 -33.11 0.36 12.77
N HIS B 327 -32.08 1.18 12.95
CA HIS B 327 -31.88 2.31 12.04
C HIS B 327 -31.37 1.79 10.71
N PRO B 328 -31.92 2.28 9.59
CA PRO B 328 -31.52 1.72 8.28
C PRO B 328 -30.07 1.98 7.92
N LEU B 329 -29.43 2.98 8.51
CA LEU B 329 -28.04 3.27 8.19
C LEU B 329 -27.06 2.29 8.83
N ILE B 330 -27.48 1.58 9.86
CA ILE B 330 -26.60 0.67 10.59
C ILE B 330 -26.71 -0.72 9.95
N ASP B 331 -25.59 -1.23 9.45
CA ASP B 331 -25.56 -2.61 8.97
C ASP B 331 -25.48 -3.60 10.14
N HIS B 332 -24.52 -3.41 11.04
CA HIS B 332 -24.39 -4.28 12.21
C HIS B 332 -23.49 -3.60 13.23
N VAL B 333 -23.55 -4.12 14.46
CA VAL B 333 -22.66 -3.70 15.54
C VAL B 333 -21.67 -4.82 15.78
N ARG B 334 -20.41 -4.47 16.04
CA ARG B 334 -19.40 -5.50 16.27
C ARG B 334 -18.44 -5.06 17.34
N GLY B 335 -17.66 -6.03 17.81
CA GLY B 335 -16.68 -5.77 18.84
C GLY B 335 -16.99 -6.55 20.11
N ARG B 336 -16.42 -6.10 21.21
CA ARG B 336 -16.56 -6.84 22.45
C ARG B 336 -16.33 -5.91 23.63
N GLY B 337 -17.16 -6.05 24.65
CA GLY B 337 -17.02 -5.16 25.80
C GLY B 337 -17.17 -3.71 25.36
N LEU B 338 -16.23 -2.87 25.79
CA LEU B 338 -16.27 -1.44 25.46
C LEU B 338 -15.30 -1.09 24.33
N LEU B 339 -15.12 -2.00 23.38
CA LEU B 339 -14.53 -1.67 22.08
C LEU B 339 -15.58 -2.07 21.04
N LEU B 340 -16.22 -1.07 20.46
CA LEU B 340 -17.41 -1.31 19.67
C LEU B 340 -17.29 -0.56 18.35
N GLY B 341 -17.72 -1.22 17.28
CA GLY B 341 -17.78 -0.59 15.98
C GLY B 341 -19.21 -0.60 15.45
N ILE B 342 -19.69 0.55 15.02
CA ILE B 342 -21.01 0.66 14.37
C ILE B 342 -20.72 0.67 12.88
N ALA B 343 -20.96 -0.46 12.21
CA ALA B 343 -20.73 -0.55 10.78
C ALA B 343 -21.98 -0.06 10.04
N LEU B 344 -21.77 0.81 9.07
CA LEU B 344 -22.88 1.49 8.41
C LEU B 344 -23.13 0.90 7.03
N THR B 345 -24.31 1.15 6.49
CA THR B 345 -24.66 0.70 5.16
C THR B 345 -24.15 1.62 4.06
N ALA B 346 -23.58 2.78 4.42
CA ALA B 346 -23.11 3.78 3.48
C ALA B 346 -21.98 4.55 4.14
N PRO B 347 -21.03 5.09 3.36
CA PRO B 347 -19.83 5.73 3.95
C PRO B 347 -20.11 7.12 4.51
N HIS B 348 -20.82 7.17 5.63
CA HIS B 348 -21.17 8.43 6.28
C HIS B 348 -20.60 8.53 7.69
N ALA B 349 -19.56 7.77 8.00
CA ALA B 349 -19.07 7.74 9.37
C ALA B 349 -18.42 9.06 9.77
N LYS B 350 -17.70 9.70 8.84
CA LYS B 350 -17.12 11.00 9.15
C LYS B 350 -18.19 12.05 9.38
N ASP B 351 -19.25 12.01 8.57
CA ASP B 351 -20.40 12.90 8.81
C ASP B 351 -21.03 12.62 10.16
N ALA B 352 -21.22 11.34 10.50
CA ALA B 352 -21.80 11.00 11.78
C ALA B 352 -20.87 11.39 12.93
N GLU B 353 -19.57 11.42 12.68
CA GLU B 353 -18.64 11.90 13.70
C GLU B 353 -18.91 13.37 14.01
N ALA B 354 -19.17 14.17 12.97
CA ALA B 354 -19.44 15.60 13.16
C ALA B 354 -20.82 15.83 13.79
N THR B 355 -21.84 15.09 13.37
CA THR B 355 -23.16 15.31 13.96
C THR B 355 -23.26 14.74 15.38
N ALA B 356 -22.48 13.71 15.71
CA ALA B 356 -22.39 13.31 17.11
C ALA B 356 -21.76 14.43 17.93
N ARG B 357 -20.74 15.08 17.37
CA ARG B 357 -20.10 16.19 18.07
C ARG B 357 -21.09 17.33 18.31
N ASP B 358 -21.94 17.61 17.32
CA ASP B 358 -22.99 18.61 17.52
C ASP B 358 -23.92 18.23 18.66
N ALA B 359 -24.15 16.92 18.84
CA ALA B 359 -25.01 16.42 19.91
C ALA B 359 -24.29 16.23 21.24
N GLY B 360 -23.00 16.57 21.34
CA GLY B 360 -22.26 16.43 22.57
C GLY B 360 -21.62 15.08 22.80
N TYR B 361 -21.28 14.34 21.75
CA TYR B 361 -20.65 13.03 21.87
C TYR B 361 -19.38 12.98 21.02
N LEU B 362 -18.29 12.47 21.61
CA LEU B 362 -17.03 12.28 20.91
C LEU B 362 -16.93 10.81 20.49
N VAL B 363 -16.97 10.58 19.19
CA VAL B 363 -16.81 9.26 18.58
C VAL B 363 -15.77 9.39 17.47
N ASN B 364 -15.41 8.26 16.86
CA ASN B 364 -14.34 8.24 15.87
C ASN B 364 -14.82 7.56 14.59
N ALA B 365 -14.60 8.22 13.45
CA ALA B 365 -14.82 7.55 12.16
C ALA B 365 -13.56 6.77 11.84
N ALA B 366 -13.55 5.49 12.24
CA ALA B 366 -12.35 4.69 12.05
C ALA B 366 -12.16 4.29 10.59
N ALA B 367 -13.25 4.13 9.86
CA ALA B 367 -13.27 3.86 8.42
C ALA B 367 -14.41 4.69 7.84
N PRO B 368 -14.48 4.87 6.51
CA PRO B 368 -15.59 5.65 5.93
C PRO B 368 -16.97 5.17 6.35
N ASP B 369 -17.10 3.91 6.74
CA ASP B 369 -18.38 3.33 7.11
C ASP B 369 -18.40 2.72 8.50
N VAL B 370 -17.45 3.06 9.38
CA VAL B 370 -17.42 2.50 10.72
C VAL B 370 -17.21 3.60 11.74
N ILE B 371 -18.08 3.64 12.74
CA ILE B 371 -17.92 4.51 13.90
C ILE B 371 -17.38 3.68 15.06
N ARG B 372 -16.21 4.06 15.56
CA ARG B 372 -15.55 3.35 16.65
C ARG B 372 -15.84 4.03 17.99
N LEU B 373 -16.23 3.23 18.97
CA LEU B 373 -16.38 3.66 20.35
C LEU B 373 -15.35 2.94 21.23
N ALA B 374 -14.71 3.68 22.13
CA ALA B 374 -13.83 3.10 23.16
C ALA B 374 -13.94 3.94 24.43
N PRO B 375 -15.09 3.94 25.08
CA PRO B 375 -15.31 4.85 26.21
C PRO B 375 -14.48 4.45 27.42
N PRO B 376 -14.27 5.38 28.34
CA PRO B 376 -13.71 5.02 29.64
C PRO B 376 -14.50 3.89 30.28
N LEU B 377 -13.80 3.01 30.99
CA LEU B 377 -14.45 1.90 31.66
C LEU B 377 -15.29 2.37 32.85
N ILE B 378 -15.08 3.61 33.32
CA ILE B 378 -15.89 4.19 34.38
C ILE B 378 -17.13 4.88 33.85
N ILE B 379 -17.38 4.82 32.54
CA ILE B 379 -18.54 5.48 31.98
C ILE B 379 -19.82 4.94 32.62
N ALA B 380 -20.80 5.82 32.77
CA ALA B 380 -22.09 5.41 33.33
C ALA B 380 -22.98 4.79 32.27
N GLU B 381 -23.73 3.76 32.65
CA GLU B 381 -24.70 3.22 31.71
C GLU B 381 -25.64 4.31 31.22
N ALA B 382 -26.00 5.24 32.12
CA ALA B 382 -26.88 6.34 31.73
C ALA B 382 -26.29 7.14 30.57
N GLN B 383 -24.98 7.40 30.60
CA GLN B 383 -24.35 8.13 29.51
C GLN B 383 -24.38 7.34 28.22
N LEU B 384 -24.21 6.01 28.30
CA LEU B 384 -24.34 5.18 27.13
C LEU B 384 -25.79 5.15 26.64
N ASP B 385 -26.74 4.99 27.56
CA ASP B 385 -28.15 5.00 27.17
C ASP B 385 -28.51 6.29 26.45
N GLY B 386 -27.99 7.42 26.95
CA GLY B 386 -28.24 8.69 26.29
C GLY B 386 -27.70 8.74 24.88
N PHE B 387 -26.52 8.16 24.65
CA PHE B 387 -26.00 8.11 23.29
C PHE B 387 -26.90 7.28 22.38
N VAL B 388 -27.35 6.12 22.85
CA VAL B 388 -28.19 5.26 22.01
C VAL B 388 -29.49 5.98 21.65
N ALA B 389 -30.09 6.68 22.61
CA ALA B 389 -31.31 7.43 22.33
C ALA B 389 -31.05 8.56 21.36
N ALA B 390 -29.86 9.17 21.42
CA ALA B 390 -29.51 10.25 20.51
C ALA B 390 -29.09 9.75 19.14
N LEU B 391 -28.72 8.48 19.01
CA LEU B 391 -28.12 8.00 17.77
C LEU B 391 -29.03 8.07 16.55
N PRO B 392 -30.34 7.78 16.62
CA PRO B 392 -31.15 7.91 15.40
C PRO B 392 -31.07 9.30 14.80
N ALA B 393 -31.19 10.35 15.63
CA ALA B 393 -31.08 11.71 15.13
C ALA B 393 -29.67 12.01 14.60
N ILE B 394 -28.63 11.52 15.30
CA ILE B 394 -27.27 11.73 14.83
C ILE B 394 -27.09 11.14 13.44
N LEU B 395 -27.60 9.92 13.23
CA LEU B 395 -27.43 9.25 11.96
C LEU B 395 -28.32 9.86 10.88
N ASP B 396 -29.53 10.28 11.24
CA ASP B 396 -30.39 10.98 10.29
C ASP B 396 -29.70 12.23 9.75
N ARG B 397 -29.18 13.07 10.66
CA ARG B 397 -28.49 14.28 10.25
C ARG B 397 -27.24 13.97 9.42
N ALA B 398 -26.58 12.84 9.70
CA ALA B 398 -25.35 12.49 8.99
C ALA B 398 -25.58 12.40 7.48
N VAL B 399 -26.71 11.86 7.06
CA VAL B 399 -27.00 11.81 5.63
C VAL B 399 -27.62 13.12 5.16
N THR C 9 -17.57 22.58 -25.88
CA THR C 9 -16.62 23.14 -24.88
C THR C 9 -16.17 22.10 -23.86
N THR C 10 -15.06 22.40 -23.19
CA THR C 10 -14.45 21.47 -22.22
C THR C 10 -15.38 21.20 -21.05
N ALA C 11 -16.10 22.21 -20.58
CA ALA C 11 -16.95 21.99 -19.42
C ALA C 11 -18.08 21.00 -19.73
N THR C 12 -18.69 21.11 -20.91
CA THR C 12 -19.75 20.19 -21.28
C THR C 12 -19.22 18.77 -21.47
N MET C 13 -18.05 18.64 -22.10
CA MET C 13 -17.44 17.31 -22.26
C MET C 13 -17.12 16.69 -20.92
N ARG C 14 -16.57 17.49 -19.99
CA ARG C 14 -16.27 16.97 -18.66
C ARG C 14 -17.54 16.66 -17.89
N GLN C 15 -18.58 17.47 -18.06
CA GLN C 15 -19.86 17.18 -17.42
C GLN C 15 -20.44 15.88 -17.95
N ARG C 16 -20.34 15.64 -19.25
CA ARG C 16 -20.82 14.37 -19.79
C ARG C 16 -20.02 13.20 -19.25
N TRP C 17 -18.70 13.36 -19.15
CA TRP C 17 -17.86 12.32 -18.55
C TRP C 17 -18.32 12.00 -17.13
N GLN C 18 -18.54 13.04 -16.32
CA GLN C 18 -18.91 12.82 -14.93
C GLN C 18 -20.30 12.22 -14.78
N ALA C 19 -21.15 12.34 -15.80
CA ALA C 19 -22.48 11.76 -15.70
C ALA C 19 -22.51 10.27 -16.00
N VAL C 20 -21.53 9.74 -16.73
CA VAL C 20 -21.65 8.37 -17.23
C VAL C 20 -20.43 7.50 -16.98
N MET C 21 -19.23 8.04 -16.83
CA MET C 21 -18.06 7.18 -16.70
C MET C 21 -17.85 6.80 -15.24
N MET C 22 -17.35 5.59 -15.02
CA MET C 22 -16.91 5.26 -13.68
C MET C 22 -15.75 6.18 -13.32
N ASN C 23 -15.57 6.40 -12.01
CA ASN C 23 -14.61 7.37 -11.52
C ASN C 23 -13.26 6.74 -11.19
N ASN C 24 -12.88 5.67 -11.87
CA ASN C 24 -11.61 5.00 -11.58
C ASN C 24 -10.40 5.79 -12.10
N TYR C 25 -10.61 6.76 -12.99
CA TYR C 25 -9.54 7.64 -13.44
C TYR C 25 -9.64 9.05 -12.91
N GLY C 26 -10.64 9.34 -12.10
CA GLY C 26 -10.94 10.74 -11.87
C GLY C 26 -11.54 11.35 -13.14
N THR C 27 -11.63 12.68 -13.15
CA THR C 27 -12.18 13.38 -14.31
C THR C 27 -11.04 14.01 -15.10
N PRO C 28 -10.91 13.70 -16.39
CA PRO C 28 -9.85 14.33 -17.20
C PRO C 28 -9.96 15.84 -17.18
N PRO C 29 -8.81 16.54 -17.15
CA PRO C 29 -8.84 18.01 -17.10
C PRO C 29 -9.14 18.64 -18.45
N ILE C 30 -8.83 17.96 -19.55
CA ILE C 30 -9.12 18.49 -20.87
C ILE C 30 -9.77 17.40 -21.71
N ALA C 31 -10.39 17.85 -22.80
CA ALA C 31 -11.10 16.98 -23.74
C ALA C 31 -10.49 17.17 -25.12
N LEU C 32 -9.89 16.11 -25.64
CA LEU C 32 -9.24 16.19 -26.93
C LEU C 32 -10.21 15.93 -28.08
N ALA C 33 -10.08 16.74 -29.12
CA ALA C 33 -10.93 16.67 -30.30
C ALA C 33 -10.23 16.08 -31.52
N SER C 34 -8.96 16.42 -31.74
CA SER C 34 -8.27 15.90 -32.91
C SER C 34 -6.79 15.82 -32.61
N GLY C 35 -6.09 15.10 -33.48
CA GLY C 35 -4.63 14.98 -33.37
C GLY C 35 -4.02 14.74 -34.73
N ASP C 36 -2.76 15.16 -34.87
CA ASP C 36 -2.03 14.97 -36.10
C ASP C 36 -0.56 14.98 -35.75
N GLY C 37 0.12 13.86 -35.99
CA GLY C 37 1.51 13.76 -35.57
C GLY C 37 1.59 13.85 -34.06
N ALA C 38 2.41 14.77 -33.56
CA ALA C 38 2.61 14.98 -32.14
C ALA C 38 1.86 16.19 -31.59
N VAL C 39 0.88 16.72 -32.34
CA VAL C 39 0.09 17.86 -31.91
C VAL C 39 -1.36 17.43 -31.79
N VAL C 40 -1.97 17.69 -30.63
CA VAL C 40 -3.37 17.40 -30.41
C VAL C 40 -4.10 18.72 -30.14
N THR C 41 -5.38 18.74 -30.47
CA THR C 41 -6.21 19.92 -30.31
C THR C 41 -7.39 19.57 -29.41
N ASP C 42 -7.67 20.42 -28.42
CA ASP C 42 -8.79 20.16 -27.55
C ASP C 42 -10.07 20.76 -28.13
N VAL C 43 -11.19 20.54 -27.45
CA VAL C 43 -12.49 20.95 -27.99
C VAL C 43 -12.67 22.47 -27.97
N ASP C 44 -11.77 23.19 -27.29
CA ASP C 44 -11.73 24.65 -27.32
C ASP C 44 -10.78 25.19 -28.37
N GLY C 45 -10.12 24.33 -29.14
CA GLY C 45 -9.21 24.78 -30.17
C GLY C 45 -7.79 25.01 -29.71
N ARG C 46 -7.49 24.82 -28.43
CA ARG C 46 -6.11 24.91 -27.96
C ARG C 46 -5.31 23.72 -28.47
N THR C 47 -4.03 23.96 -28.78
CA THR C 47 -3.17 22.91 -29.29
C THR C 47 -2.09 22.59 -28.26
N TYR C 48 -1.65 21.33 -28.27
CA TYR C 48 -0.64 20.86 -27.34
C TYR C 48 0.35 20.00 -28.10
N ILE C 49 1.60 20.10 -27.69
CA ILE C 49 2.64 19.19 -28.15
C ILE C 49 2.62 17.99 -27.22
N ASP C 50 2.51 16.80 -27.80
CA ASP C 50 2.32 15.57 -27.03
C ASP C 50 3.68 14.95 -26.72
N LEU C 51 4.14 15.11 -25.48
CA LEU C 51 5.36 14.48 -25.01
C LEU C 51 5.10 13.21 -24.22
N LEU C 52 3.87 12.71 -24.27
CA LEU C 52 3.49 11.49 -23.48
C LEU C 52 2.99 10.37 -24.41
N GLY C 53 2.48 10.71 -25.58
CA GLY C 53 1.99 9.74 -26.57
C GLY C 53 0.90 8.85 -26.04
N GLY C 54 0.04 9.38 -25.18
CA GLY C 54 -1.05 8.58 -24.62
C GLY C 54 -0.52 7.45 -23.78
N ILE C 55 0.56 7.74 -23.05
CA ILE C 55 1.36 6.85 -22.16
C ILE C 55 2.13 5.81 -22.99
N ALA C 56 3.04 6.30 -23.84
CA ALA C 56 3.96 5.50 -24.69
C ALA C 56 3.24 4.65 -25.75
N VAL C 57 2.02 4.97 -26.12
CA VAL C 57 1.32 4.13 -27.12
C VAL C 57 1.49 4.68 -28.53
N ASN C 58 1.37 6.00 -28.68
CA ASN C 58 1.38 6.63 -30.02
C ASN C 58 2.81 6.75 -30.54
N VAL C 59 3.42 5.62 -30.78
CA VAL C 59 4.80 5.61 -31.25
C VAL C 59 4.95 6.38 -32.56
N LEU C 60 3.91 6.36 -33.40
CA LEU C 60 3.91 7.07 -34.68
C LEU C 60 3.02 8.32 -34.67
N GLY C 61 2.61 8.75 -33.50
CA GLY C 61 1.73 9.92 -33.42
C GLY C 61 0.33 9.63 -33.94
N HIS C 62 -0.41 10.69 -34.21
CA HIS C 62 -1.79 10.55 -34.73
C HIS C 62 -1.82 10.62 -36.25
N ARG C 63 -2.83 10.01 -36.85
CA ARG C 63 -3.06 10.05 -38.31
C ARG C 63 -1.85 9.58 -39.11
N HIS C 64 -1.08 8.63 -38.61
CA HIS C 64 0.05 8.22 -39.45
C HIS C 64 -0.49 7.51 -40.69
N PRO C 65 -0.07 7.94 -41.89
CA PRO C 65 -0.64 7.37 -43.12
C PRO C 65 -0.44 5.87 -43.26
N ALA C 66 0.67 5.34 -42.75
CA ALA C 66 0.92 3.91 -42.92
C ALA C 66 -0.03 3.07 -42.08
N VAL C 67 -0.33 3.50 -40.86
CA VAL C 67 -1.25 2.75 -40.01
C VAL C 67 -2.66 2.84 -40.58
N ILE C 68 -3.05 4.04 -41.04
CA ILE C 68 -4.38 4.23 -41.60
C ILE C 68 -4.56 3.35 -42.83
N GLU C 69 -3.55 3.33 -43.71
CA GLU C 69 -3.62 2.49 -44.90
C GLU C 69 -3.75 1.02 -44.54
N ALA C 70 -2.94 0.55 -43.58
CA ALA C 70 -2.96 -0.86 -43.24
C ALA C 70 -4.32 -1.27 -42.65
N VAL C 71 -4.84 -0.44 -41.76
CA VAL C 71 -6.14 -0.78 -41.11
C VAL C 71 -7.27 -0.71 -42.14
N THR C 72 -7.28 0.31 -42.96
CA THR C 72 -8.35 0.46 -43.97
C THR C 72 -8.30 -0.72 -44.94
N ARG C 73 -7.09 -1.11 -45.36
CA ARG C 73 -6.95 -2.21 -46.31
C ARG C 73 -7.38 -3.52 -45.69
N GLN C 74 -6.98 -3.79 -44.44
CA GLN C 74 -7.34 -5.07 -43.83
C GLN C 74 -8.84 -5.13 -43.56
N MET C 75 -9.43 -4.02 -43.12
CA MET C 75 -10.86 -4.01 -42.86
C MET C 75 -11.65 -4.32 -44.13
N SER C 76 -11.13 -3.91 -45.28
CA SER C 76 -11.80 -4.17 -46.54
C SER C 76 -11.44 -5.53 -47.12
N THR C 77 -10.70 -6.34 -46.38
CA THR C 77 -10.30 -7.68 -46.81
C THR C 77 -10.88 -8.75 -45.91
N LEU C 78 -10.57 -8.69 -44.61
CA LEU C 78 -10.97 -9.73 -43.66
C LEU C 78 -10.82 -9.15 -42.26
N GLY C 79 -11.89 -9.18 -41.50
CA GLY C 79 -11.79 -8.71 -40.12
C GLY C 79 -11.58 -9.87 -39.16
N HIS C 80 -12.07 -9.69 -37.94
CA HIS C 80 -11.97 -10.72 -36.90
C HIS C 80 -12.42 -12.10 -37.38
N THR C 81 -11.66 -13.14 -37.06
CA THR C 81 -12.14 -14.50 -37.39
C THR C 81 -12.17 -15.41 -36.16
N SER C 82 -11.30 -15.13 -35.18
CA SER C 82 -10.95 -15.93 -33.96
C SER C 82 -9.84 -16.92 -34.34
N ASN C 83 -9.23 -17.51 -33.34
CA ASN C 83 -8.10 -18.44 -33.56
C ASN C 83 -8.57 -19.85 -33.95
N LEU C 84 -9.85 -20.03 -34.24
CA LEU C 84 -10.29 -21.31 -34.82
C LEU C 84 -9.78 -21.40 -36.27
N TYR C 85 -9.41 -20.26 -36.86
CA TYR C 85 -8.89 -20.12 -38.23
C TYR C 85 -7.53 -19.41 -38.23
N ALA C 86 -6.65 -19.83 -39.14
CA ALA C 86 -5.36 -19.17 -39.32
C ALA C 86 -5.52 -17.98 -40.26
N THR C 87 -4.88 -16.86 -39.93
CA THR C 87 -4.96 -15.65 -40.78
C THR C 87 -3.55 -15.08 -40.93
N GLU C 88 -3.31 -14.47 -42.07
CA GLU C 88 -1.97 -13.97 -42.47
C GLU C 88 -1.38 -12.90 -41.55
N PRO C 89 -2.06 -11.78 -41.25
CA PRO C 89 -1.41 -10.72 -40.51
C PRO C 89 -0.82 -11.14 -39.16
N GLY C 90 -1.56 -11.93 -38.39
CA GLY C 90 -1.04 -12.37 -37.10
C GLY C 90 0.17 -13.26 -37.28
N ILE C 91 0.13 -14.15 -38.26
CA ILE C 91 1.27 -15.01 -38.51
C ILE C 91 2.48 -14.18 -38.94
N ALA C 92 2.26 -13.25 -39.86
CA ALA C 92 3.35 -12.40 -40.32
C ALA C 92 3.91 -11.54 -39.17
N LEU C 93 3.02 -11.01 -38.33
CA LEU C 93 3.48 -10.22 -37.18
C LEU C 93 4.30 -11.06 -36.21
N ALA C 94 3.84 -12.29 -35.93
CA ALA C 94 4.60 -13.18 -35.05
C ALA C 94 5.98 -13.44 -35.63
N GLU C 95 6.05 -13.71 -36.93
CA GLU C 95 7.34 -13.93 -37.59
C GLU C 95 8.24 -12.70 -37.43
N GLU C 96 7.70 -11.50 -37.67
CA GLU C 96 8.47 -10.26 -37.56
C GLU C 96 8.97 -10.03 -36.14
N LEU C 97 8.11 -10.24 -35.14
CA LEU C 97 8.53 -10.03 -33.76
C LEU C 97 9.60 -11.04 -33.34
N VAL C 98 9.46 -12.30 -33.75
CA VAL C 98 10.49 -13.30 -33.45
C VAL C 98 11.81 -12.90 -34.09
N ALA C 99 11.77 -12.41 -35.33
CA ALA C 99 13.01 -11.95 -35.96
C ALA C 99 13.63 -10.79 -35.19
N LEU C 100 12.81 -9.85 -34.72
CA LEU C 100 13.34 -8.71 -33.98
C LEU C 100 13.91 -9.14 -32.63
N LEU C 101 13.38 -10.19 -32.02
CA LEU C 101 13.93 -10.65 -30.75
C LEU C 101 15.30 -11.28 -30.93
N GLY C 102 15.48 -11.97 -32.06
CA GLY C 102 16.79 -12.59 -32.41
C GLY C 102 17.30 -13.53 -31.35
N ALA C 103 16.42 -14.38 -30.82
CA ALA C 103 16.84 -15.35 -29.81
C ALA C 103 17.59 -16.50 -30.47
N ASP C 104 18.38 -17.20 -29.68
CA ASP C 104 19.20 -18.35 -30.11
C ASP C 104 18.39 -19.64 -30.12
N GLN C 105 17.14 -19.60 -29.68
CA GLN C 105 16.31 -20.82 -29.69
C GLN C 105 14.96 -20.51 -30.35
N ARG C 106 14.15 -21.53 -30.57
CA ARG C 106 12.82 -21.33 -31.15
C ARG C 106 12.00 -20.44 -30.24
N THR C 107 11.30 -19.49 -30.85
CA THR C 107 10.46 -18.54 -30.13
C THR C 107 9.03 -18.68 -30.67
N ARG C 108 8.06 -18.68 -29.76
CA ARG C 108 6.66 -18.76 -30.12
C ARG C 108 5.88 -17.61 -29.53
N VAL C 109 4.75 -17.29 -30.16
CA VAL C 109 4.02 -16.05 -29.90
C VAL C 109 2.59 -16.36 -29.51
N PHE C 110 2.10 -15.66 -28.48
CA PHE C 110 0.67 -15.60 -28.15
C PHE C 110 0.20 -14.15 -28.19
N PHE C 111 -0.90 -13.89 -28.90
CA PHE C 111 -1.43 -12.54 -29.01
C PHE C 111 -2.60 -12.32 -28.06
N CYS C 112 -2.71 -11.09 -27.58
CA CYS C 112 -3.85 -10.71 -26.75
C CYS C 112 -4.10 -9.22 -27.00
N ASN C 113 -4.76 -8.56 -26.03
CA ASN C 113 -5.28 -7.23 -26.29
C ASN C 113 -4.66 -6.12 -25.47
N SER C 114 -3.82 -6.43 -24.50
CA SER C 114 -3.36 -5.41 -23.58
C SER C 114 -2.09 -5.90 -22.88
N GLY C 115 -1.46 -4.97 -22.16
CA GLY C 115 -0.29 -5.36 -21.39
C GLY C 115 -0.64 -6.27 -20.22
N ALA C 116 -1.73 -5.98 -19.52
CA ALA C 116 -2.16 -6.86 -18.45
C ALA C 116 -2.41 -8.28 -18.96
N GLU C 117 -3.10 -8.39 -20.10
CA GLU C 117 -3.36 -9.72 -20.65
C GLU C 117 -2.07 -10.42 -21.04
N ALA C 118 -1.10 -9.69 -21.59
CA ALA C 118 0.16 -10.34 -21.94
C ALA C 118 0.85 -10.90 -20.70
N ASN C 119 0.81 -10.16 -19.60
CA ASN C 119 1.44 -10.65 -18.38
C ASN C 119 0.60 -11.73 -17.72
N GLU C 120 -0.72 -11.73 -17.94
CA GLU C 120 -1.53 -12.85 -17.47
C GLU C 120 -1.13 -14.13 -18.19
N ALA C 121 -0.86 -14.02 -19.50
CA ALA C 121 -0.39 -15.18 -20.25
C ALA C 121 0.93 -15.67 -19.71
N ALA C 122 1.85 -14.75 -19.39
CA ALA C 122 3.13 -15.15 -18.80
C ALA C 122 2.94 -15.77 -17.41
N PHE C 123 2.03 -15.20 -16.61
CA PHE C 123 1.66 -15.76 -15.32
C PHE C 123 1.21 -17.21 -15.48
N LYS C 124 0.28 -17.44 -16.41
CA LYS C 124 -0.19 -18.79 -16.64
C LYS C 124 0.93 -19.69 -17.15
N LEU C 125 1.72 -19.21 -18.11
CA LEU C 125 2.92 -19.93 -18.52
C LEU C 125 3.72 -20.39 -17.30
N SER C 126 3.90 -19.49 -16.33
CA SER C 126 4.77 -19.85 -15.21
C SER C 126 4.17 -20.97 -14.37
N ARG C 127 2.84 -21.07 -14.30
CA ARG C 127 2.22 -22.15 -13.54
C ARG C 127 2.56 -23.51 -14.13
N LEU C 128 2.80 -23.58 -15.44
CA LEU C 128 3.00 -24.84 -16.12
C LEU C 128 4.40 -25.39 -15.93
N THR C 129 5.27 -24.64 -15.24
CA THR C 129 6.55 -25.15 -14.78
C THR C 129 6.43 -26.08 -13.58
N GLY C 130 5.24 -26.20 -13.01
CA GLY C 130 5.05 -26.94 -11.77
C GLY C 130 5.39 -26.16 -10.52
N ARG C 131 5.71 -24.88 -10.65
CA ARG C 131 6.08 -24.03 -9.52
C ARG C 131 5.06 -22.90 -9.39
N THR C 132 4.84 -22.45 -8.16
CA THR C 132 3.83 -21.42 -7.92
C THR C 132 4.39 -20.16 -7.29
N LYS C 133 5.68 -20.11 -6.98
CA LYS C 133 6.28 -18.92 -6.40
C LYS C 133 6.78 -17.99 -7.51
N LEU C 134 6.48 -16.70 -7.37
CA LEU C 134 6.88 -15.70 -8.33
C LEU C 134 7.63 -14.58 -7.59
N VAL C 135 8.51 -13.90 -8.31
CA VAL C 135 9.26 -12.76 -7.77
C VAL C 135 9.13 -11.59 -8.73
N ALA C 136 8.90 -10.40 -8.17
CA ALA C 136 8.83 -9.14 -8.91
C ALA C 136 9.44 -8.05 -8.02
N ALA C 137 9.48 -6.82 -8.53
CA ALA C 137 10.14 -5.73 -7.82
C ALA C 137 9.12 -4.80 -7.16
N HIS C 138 9.48 -4.28 -5.99
CA HIS C 138 8.71 -3.19 -5.40
C HIS C 138 8.58 -2.05 -6.41
N ASP C 139 7.37 -1.50 -6.51
CA ASP C 139 6.99 -0.37 -7.37
C ASP C 139 6.85 -0.78 -8.83
N ALA C 140 7.07 -2.05 -9.17
CA ALA C 140 6.88 -2.44 -10.56
C ALA C 140 5.42 -2.31 -10.94
N PHE C 141 5.18 -2.06 -12.23
CA PHE C 141 3.83 -2.05 -12.77
C PHE C 141 3.73 -3.09 -13.87
N HIS C 142 2.79 -4.02 -13.74
CA HIS C 142 2.63 -5.09 -14.74
C HIS C 142 1.18 -5.20 -15.21
N GLY C 143 0.32 -4.33 -14.73
CA GLY C 143 -1.09 -4.37 -15.15
C GLY C 143 -2.06 -4.40 -13.98
N ARG C 144 -3.34 -4.29 -14.27
CA ARG C 144 -4.37 -4.11 -13.23
C ARG C 144 -5.42 -5.22 -13.17
N THR C 145 -5.25 -6.27 -13.97
CA THR C 145 -6.12 -7.46 -13.83
C THR C 145 -5.65 -8.27 -12.62
N MET C 146 -6.40 -9.28 -12.20
CA MET C 146 -6.07 -9.86 -10.90
C MET C 146 -4.69 -10.54 -10.89
N GLY C 147 -4.35 -11.29 -11.93
CA GLY C 147 -3.04 -11.90 -11.98
C GLY C 147 -1.92 -10.87 -12.13
N SER C 148 -2.05 -9.97 -13.11
CA SER C 148 -1.01 -8.97 -13.33
CA SER C 148 -1.00 -8.99 -13.31
C SER C 148 -0.90 -8.03 -12.14
N LEU C 149 -2.02 -7.77 -11.45
CA LEU C 149 -2.00 -6.93 -10.25
C LEU C 149 -1.22 -7.58 -9.11
N ALA C 150 -1.24 -8.91 -9.02
CA ALA C 150 -0.42 -9.59 -8.02
C ALA C 150 1.06 -9.35 -8.29
N LEU C 151 1.45 -9.28 -9.56
CA LEU C 151 2.85 -9.01 -9.92
C LEU C 151 3.23 -7.55 -9.73
N THR C 152 2.31 -6.64 -10.01
CA THR C 152 2.52 -5.23 -9.75
C THR C 152 2.92 -5.02 -8.29
N GLY C 153 4.01 -4.28 -8.08
CA GLY C 153 4.58 -4.16 -6.74
C GLY C 153 4.16 -2.90 -6.00
N GLN C 154 2.86 -2.65 -5.97
CA GLN C 154 2.30 -1.38 -5.48
C GLN C 154 1.19 -1.68 -4.48
N PRO C 155 1.54 -1.84 -3.20
CA PRO C 155 0.53 -2.32 -2.23
C PRO C 155 -0.69 -1.45 -2.13
N ALA C 156 -0.57 -0.13 -2.35
CA ALA C 156 -1.74 0.72 -2.24
C ALA C 156 -2.76 0.39 -3.32
N LYS C 157 -2.30 -0.15 -4.45
CA LYS C 157 -3.18 -0.55 -5.53
C LYS C 157 -3.66 -1.97 -5.39
N GLN C 158 -2.93 -2.82 -4.66
CA GLN C 158 -3.26 -4.23 -4.53
C GLN C 158 -4.18 -4.52 -3.36
N THR C 159 -3.89 -3.91 -2.21
CA THR C 159 -4.54 -4.31 -0.97
C THR C 159 -6.06 -4.23 -1.01
N PRO C 160 -6.70 -3.22 -1.63
CA PRO C 160 -8.17 -3.24 -1.65
C PRO C 160 -8.76 -4.45 -2.35
N PHE C 161 -7.96 -5.13 -3.17
CA PHE C 161 -8.48 -6.28 -3.94
C PHE C 161 -7.96 -7.62 -3.43
N ALA C 162 -7.34 -7.62 -2.26
CA ALA C 162 -6.78 -8.89 -1.73
C ALA C 162 -7.92 -9.82 -1.32
N PRO C 163 -7.74 -11.15 -1.36
CA PRO C 163 -6.50 -11.76 -1.80
C PRO C 163 -6.30 -11.85 -3.32
N LEU C 164 -5.05 -11.72 -3.73
CA LEU C 164 -4.70 -11.81 -5.17
C LEU C 164 -4.08 -13.18 -5.44
N PRO C 165 -3.90 -13.57 -6.70
CA PRO C 165 -3.25 -14.83 -7.01
C PRO C 165 -1.84 -14.90 -6.42
N GLY C 166 -1.45 -16.06 -5.91
CA GLY C 166 -0.16 -16.19 -5.21
C GLY C 166 0.85 -16.98 -6.00
N ASP C 167 2.04 -17.22 -5.47
CA ASP C 167 2.64 -16.64 -4.24
C ASP C 167 3.75 -15.70 -4.69
N VAL C 168 3.53 -14.40 -4.61
CA VAL C 168 4.50 -13.41 -5.14
C VAL C 168 5.32 -12.77 -4.03
N THR C 169 6.63 -12.77 -4.20
CA THR C 169 7.56 -12.06 -3.30
C THR C 169 8.08 -10.84 -4.05
N HIS C 170 8.09 -9.69 -3.40
CA HIS C 170 8.64 -8.49 -4.02
C HIS C 170 9.98 -8.13 -3.40
N VAL C 171 10.90 -7.66 -4.23
CA VAL C 171 12.24 -7.29 -3.80
C VAL C 171 12.60 -5.91 -4.34
N GLY C 172 13.62 -5.29 -3.74
CA GLY C 172 14.04 -3.99 -4.24
C GLY C 172 14.53 -4.04 -5.68
N TYR C 173 14.04 -3.14 -6.53
CA TYR C 173 14.48 -3.09 -7.91
C TYR C 173 15.97 -2.75 -7.99
N GLY C 174 16.70 -3.49 -8.82
CA GLY C 174 18.11 -3.23 -8.99
C GLY C 174 19.02 -3.87 -7.97
N ASP C 175 18.47 -4.55 -6.96
CA ASP C 175 19.23 -5.10 -5.85
C ASP C 175 19.57 -6.56 -6.15
N VAL C 176 20.82 -6.80 -6.56
CA VAL C 176 21.21 -8.15 -6.99
C VAL C 176 21.13 -9.13 -5.83
N ASP C 177 21.67 -8.75 -4.67
CA ASP C 177 21.67 -9.67 -3.55
C ASP C 177 20.25 -10.04 -3.12
N ALA C 178 19.34 -9.05 -3.11
CA ALA C 178 17.97 -9.34 -2.71
C ALA C 178 17.31 -10.29 -3.70
N LEU C 179 17.61 -10.12 -4.98
CA LEU C 179 17.06 -11.00 -6.01
C LEU C 179 17.60 -12.43 -5.85
N ALA C 180 18.92 -12.55 -5.68
CA ALA C 180 19.51 -13.88 -5.49
C ALA C 180 18.92 -14.57 -4.26
N ALA C 181 18.65 -13.81 -3.20
CA ALA C 181 18.11 -14.40 -1.97
C ALA C 181 16.67 -14.87 -2.16
N ALA C 182 15.92 -14.22 -3.03
CA ALA C 182 14.50 -14.51 -3.19
C ALA C 182 14.21 -15.61 -4.21
N VAL C 183 15.12 -15.85 -5.15
CA VAL C 183 14.90 -16.83 -6.21
C VAL C 183 15.51 -18.15 -5.77
N ASP C 184 14.71 -19.21 -5.81
CA ASP C 184 15.18 -20.53 -5.40
C ASP C 184 14.57 -21.58 -6.34
N ASP C 185 14.74 -22.84 -5.98
CA ASP C 185 14.31 -23.96 -6.81
C ASP C 185 12.81 -24.14 -6.85
N HIS C 186 12.06 -23.31 -6.13
CA HIS C 186 10.61 -23.32 -6.19
C HIS C 186 10.05 -22.10 -6.90
N THR C 187 10.92 -21.23 -7.42
CA THR C 187 10.47 -20.01 -8.06
C THR C 187 10.12 -20.30 -9.52
N ALA C 188 8.86 -20.09 -9.89
CA ALA C 188 8.46 -20.31 -11.27
C ALA C 188 9.06 -19.27 -12.19
N ALA C 189 9.05 -18.01 -11.78
CA ALA C 189 9.40 -16.93 -12.69
C ALA C 189 9.76 -15.69 -11.90
N VAL C 190 10.63 -14.87 -12.51
CA VAL C 190 10.95 -13.53 -12.09
C VAL C 190 10.45 -12.57 -13.15
N PHE C 191 9.65 -11.58 -12.75
CA PHE C 191 9.14 -10.55 -13.65
C PHE C 191 9.92 -9.27 -13.40
N LEU C 192 10.43 -8.66 -14.47
CA LEU C 192 11.13 -7.38 -14.35
C LEU C 192 10.84 -6.50 -15.57
N GLU C 193 10.59 -5.19 -15.30
CA GLU C 193 10.68 -4.18 -16.35
C GLU C 193 12.15 -3.79 -16.55
N PRO C 194 12.61 -3.65 -17.80
CA PRO C 194 14.02 -3.25 -18.00
C PRO C 194 14.29 -1.83 -17.53
N ILE C 195 13.27 -0.99 -17.54
CA ILE C 195 13.21 0.32 -16.87
C ILE C 195 11.80 0.41 -16.32
N MET C 196 11.65 0.73 -15.03
CA MET C 196 10.30 0.83 -14.47
C MET C 196 9.67 2.14 -14.94
N GLY C 197 8.57 2.06 -15.66
CA GLY C 197 8.04 3.26 -16.26
C GLY C 197 7.03 3.97 -15.37
N GLU C 198 5.93 3.30 -15.04
CA GLU C 198 4.82 3.91 -14.29
C GLU C 198 5.29 4.51 -12.96
N SER C 199 6.36 3.98 -12.38
CA SER C 199 6.82 4.47 -11.07
C SER C 199 7.77 5.66 -11.19
N GLY C 200 8.26 5.98 -12.37
CA GLY C 200 9.13 7.15 -12.47
C GLY C 200 10.35 6.98 -13.35
N VAL C 201 10.29 6.10 -14.33
CA VAL C 201 11.41 5.85 -15.27
C VAL C 201 12.67 5.52 -14.45
N VAL C 202 12.58 4.47 -13.66
CA VAL C 202 13.67 4.04 -12.80
C VAL C 202 14.57 3.10 -13.60
N VAL C 203 15.83 3.48 -13.78
CA VAL C 203 16.78 2.70 -14.56
C VAL C 203 17.59 1.84 -13.60
N PRO C 204 17.74 0.54 -13.88
CA PRO C 204 18.48 -0.35 -12.98
C PRO C 204 19.98 -0.13 -13.12
N PRO C 205 20.76 -0.52 -12.12
CA PRO C 205 22.22 -0.43 -12.24
C PRO C 205 22.73 -1.25 -13.41
N ALA C 206 23.92 -0.86 -13.89
CA ALA C 206 24.59 -1.66 -14.91
C ALA C 206 24.76 -3.09 -14.39
N GLY C 207 24.54 -4.06 -15.28
CA GLY C 207 24.68 -5.45 -14.93
C GLY C 207 23.50 -6.11 -14.25
N TYR C 208 22.43 -5.36 -13.93
CA TYR C 208 21.36 -5.94 -13.13
C TYR C 208 20.58 -7.00 -13.91
N LEU C 209 20.20 -6.68 -15.16
CA LEU C 209 19.41 -7.64 -15.93
C LEU C 209 20.22 -8.87 -16.26
N ALA C 210 21.51 -8.70 -16.50
CA ALA C 210 22.39 -9.86 -16.71
C ALA C 210 22.46 -10.71 -15.44
N ALA C 211 22.58 -10.06 -14.28
CA ALA C 211 22.52 -10.79 -13.02
C ALA C 211 21.21 -11.54 -12.88
N ALA C 212 20.08 -10.88 -13.20
CA ALA C 212 18.80 -11.57 -13.12
C ALA C 212 18.77 -12.79 -14.02
N ARG C 213 19.36 -12.68 -15.22
CA ARG C 213 19.44 -13.82 -16.13
C ARG C 213 20.29 -14.93 -15.53
N ASP C 214 21.41 -14.58 -14.90
CA ASP C 214 22.27 -15.60 -14.29
C ASP C 214 21.58 -16.30 -13.13
N ILE C 215 20.87 -15.53 -12.30
CA ILE C 215 20.22 -16.07 -11.10
C ILE C 215 19.08 -17.01 -11.51
N THR C 216 18.23 -16.57 -12.44
CA THR C 216 17.11 -17.40 -12.84
C THR C 216 17.58 -18.67 -13.54
N ALA C 217 18.59 -18.57 -14.41
CA ALA C 217 19.11 -19.76 -15.09
C ALA C 217 19.61 -20.78 -14.09
N ARG C 218 20.27 -20.33 -13.02
CA ARG C 218 20.82 -21.24 -12.02
C ARG C 218 19.75 -21.91 -11.17
N ARG C 219 18.57 -21.32 -11.06
CA ARG C 219 17.51 -21.91 -10.20
C ARG C 219 16.39 -22.54 -11.03
N GLY C 220 16.52 -22.54 -12.34
CA GLY C 220 15.47 -23.11 -13.17
C GLY C 220 14.23 -22.26 -13.26
N ALA C 221 14.35 -20.97 -12.98
CA ALA C 221 13.24 -20.04 -13.02
C ALA C 221 13.19 -19.33 -14.36
N LEU C 222 11.98 -19.04 -14.83
CA LEU C 222 11.84 -18.24 -16.04
C LEU C 222 12.20 -16.79 -15.73
N LEU C 223 12.90 -16.14 -16.65
CA LEU C 223 13.06 -14.70 -16.62
C LEU C 223 12.05 -14.08 -17.58
N VAL C 224 11.13 -13.28 -17.05
CA VAL C 224 10.10 -12.60 -17.83
C VAL C 224 10.40 -11.12 -17.82
N LEU C 225 10.66 -10.54 -19.01
CA LEU C 225 10.91 -9.13 -19.15
C LEU C 225 9.66 -8.46 -19.72
N ASP C 226 9.13 -7.48 -18.97
CA ASP C 226 7.94 -6.75 -19.37
C ASP C 226 8.40 -5.54 -20.16
N GLU C 227 8.29 -5.63 -21.48
CA GLU C 227 8.66 -4.56 -22.41
C GLU C 227 7.46 -3.80 -22.93
N VAL C 228 6.37 -3.81 -22.18
CA VAL C 228 5.14 -3.18 -22.67
C VAL C 228 5.36 -1.69 -22.88
N GLN C 229 6.12 -1.05 -21.99
CA GLN C 229 6.41 0.37 -22.08
C GLN C 229 7.80 0.66 -22.64
N THR C 230 8.77 -0.23 -22.43
CA THR C 230 10.13 0.03 -22.90
C THR C 230 10.41 -0.47 -24.32
N GLY C 231 9.49 -1.21 -24.95
CA GLY C 231 9.71 -1.78 -26.26
C GLY C 231 9.44 -0.83 -27.42
N MET C 232 9.24 -1.43 -28.59
CA MET C 232 8.91 -0.72 -29.83
C MET C 232 9.98 0.30 -30.22
N GLY C 233 11.22 0.05 -29.81
CA GLY C 233 12.31 0.88 -30.22
C GLY C 233 12.50 2.14 -29.39
N ARG C 234 11.73 2.31 -28.32
CA ARG C 234 11.69 3.60 -27.64
C ARG C 234 13.04 3.97 -27.04
N THR C 235 13.82 2.98 -26.59
CA THR C 235 15.08 3.25 -25.89
C THR C 235 16.28 3.24 -26.82
N GLY C 236 16.08 3.14 -28.13
CA GLY C 236 17.18 3.08 -29.05
C GLY C 236 17.64 1.67 -29.42
N ALA C 237 17.00 0.65 -28.85
CA ALA C 237 17.03 -0.72 -29.36
C ALA C 237 15.59 -1.18 -29.40
N PHE C 238 15.27 -2.16 -30.27
CA PHE C 238 13.85 -2.52 -30.40
C PHE C 238 13.30 -2.98 -29.06
N PHE C 239 14.00 -3.89 -28.39
CA PHE C 239 13.73 -4.27 -27.02
C PHE C 239 14.76 -3.60 -26.14
N ALA C 240 14.33 -2.96 -25.05
CA ALA C 240 15.30 -2.30 -24.18
C ALA C 240 16.31 -3.29 -23.60
N HIS C 241 15.92 -4.54 -23.39
CA HIS C 241 16.86 -5.49 -22.81
C HIS C 241 17.98 -5.85 -23.77
N GLN C 242 17.84 -5.51 -25.06
CA GLN C 242 18.92 -5.83 -26.00
C GLN C 242 20.15 -4.96 -25.76
N HIS C 243 20.00 -3.83 -25.06
CA HIS C 243 21.16 -3.05 -24.64
C HIS C 243 22.09 -3.84 -23.73
N ASP C 244 21.54 -4.80 -22.99
CA ASP C 244 22.28 -5.58 -22.01
C ASP C 244 22.77 -6.91 -22.56
N GLY C 245 22.46 -7.22 -23.80
CA GLY C 245 22.98 -8.43 -24.41
C GLY C 245 22.50 -9.71 -23.78
N ILE C 246 21.27 -9.74 -23.27
CA ILE C 246 20.70 -10.96 -22.72
C ILE C 246 19.45 -11.30 -23.52
N THR C 247 19.01 -12.54 -23.39
CA THR C 247 17.72 -12.95 -23.93
C THR C 247 16.96 -13.62 -22.80
N PRO C 248 15.79 -13.13 -22.47
CA PRO C 248 15.00 -13.73 -21.40
C PRO C 248 14.25 -14.96 -21.92
N ASP C 249 13.50 -15.58 -21.03
CA ASP C 249 12.67 -16.71 -21.42
C ASP C 249 11.32 -16.26 -21.98
N VAL C 250 10.80 -15.13 -21.50
CA VAL C 250 9.48 -14.63 -21.89
C VAL C 250 9.60 -13.12 -22.02
N VAL C 251 8.99 -12.55 -23.05
CA VAL C 251 8.91 -11.10 -23.22
C VAL C 251 7.46 -10.71 -23.44
N THR C 252 7.00 -9.66 -22.77
CA THR C 252 5.65 -9.19 -23.02
C THR C 252 5.69 -7.79 -23.66
N LEU C 253 4.74 -7.54 -24.54
CA LEU C 253 4.65 -6.32 -25.30
C LEU C 253 3.19 -5.89 -25.35
N ALA C 254 2.96 -4.59 -25.45
CA ALA C 254 1.63 -3.98 -25.67
C ALA C 254 1.85 -2.48 -25.97
N1 LLP C 255 3.28 -3.38 -17.95
C2 LLP C 255 3.87 -2.22 -18.17
C2' LLP C 255 5.33 -2.10 -17.95
C3 LLP C 255 3.14 -1.12 -18.59
O3 LLP C 255 3.79 0.02 -18.75
C4 LLP C 255 1.75 -1.22 -18.79
C4' LLP C 255 1.04 -0.07 -19.32
C5 LLP C 255 1.16 -2.46 -18.56
C6 LLP C 255 1.96 -3.49 -18.13
C5' LLP C 255 -0.32 -2.69 -18.66
OP4 LLP C 255 -0.88 -2.44 -19.97
P LLP C 255 -2.43 -2.32 -20.13
OP1 LLP C 255 -2.63 -2.41 -21.56
OP2 LLP C 255 -2.78 -1.02 -19.60
OP3 LLP C 255 -3.04 -3.40 -19.39
N LLP C 255 1.00 -1.63 -25.44
CA LLP C 255 1.09 -0.16 -25.65
CB LLP C 255 2.00 0.51 -24.62
CG LLP C 255 1.42 0.52 -23.22
CD LLP C 255 2.04 1.49 -22.23
CE LLP C 255 1.18 1.67 -20.98
NZ LLP C 255 1.68 0.88 -19.86
C LLP C 255 1.34 0.20 -27.12
O LLP C 255 0.47 0.09 -27.91
N GLY C 256 2.58 0.57 -27.43
CA GLY C 256 2.87 1.00 -28.79
C GLY C 256 2.90 -0.07 -29.87
N LEU C 257 2.73 -1.34 -29.51
CA LEU C 257 2.82 -2.42 -30.50
C LEU C 257 1.91 -2.20 -31.70
N GLY C 258 0.69 -1.73 -31.47
CA GLY C 258 -0.27 -1.47 -32.53
C GLY C 258 -0.35 -0.02 -32.97
N GLY C 259 0.56 0.84 -32.52
CA GLY C 259 0.51 2.24 -32.89
C GLY C 259 -0.76 2.93 -32.46
N GLY C 260 -1.47 2.37 -31.49
CA GLY C 260 -2.75 2.93 -31.11
C GLY C 260 -3.85 1.89 -31.07
N LEU C 261 -3.78 0.90 -31.97
CA LEU C 261 -4.77 -0.18 -31.97
C LEU C 261 -4.47 -1.16 -30.84
N PRO C 262 -5.50 -1.72 -30.19
CA PRO C 262 -5.26 -2.57 -29.01
C PRO C 262 -4.72 -3.93 -29.42
N ILE C 263 -3.51 -4.23 -28.96
CA ILE C 263 -2.85 -5.51 -29.21
C ILE C 263 -1.72 -5.66 -28.21
N GLY C 264 -1.54 -6.89 -27.72
CA GLY C 264 -0.44 -7.22 -26.86
C GLY C 264 0.11 -8.56 -27.31
N ALA C 265 1.29 -8.90 -26.79
CA ALA C 265 1.90 -10.15 -27.21
C ALA C 265 2.74 -10.71 -26.08
N CYS C 266 2.78 -12.05 -26.01
CA CYS C 266 3.68 -12.74 -25.10
C CYS C 266 4.55 -13.64 -25.96
N LEU C 267 5.86 -13.38 -25.94
CA LEU C 267 6.84 -14.18 -26.65
C LEU C 267 7.54 -15.10 -25.66
N ALA C 268 7.71 -16.37 -26.03
CA ALA C 268 8.39 -17.32 -25.16
C ALA C 268 9.47 -18.04 -25.95
N VAL C 269 10.60 -18.28 -25.29
CA VAL C 269 11.82 -18.74 -25.92
C VAL C 269 12.19 -20.11 -25.38
N GLY C 270 12.60 -21.01 -26.27
CA GLY C 270 13.08 -22.30 -25.85
C GLY C 270 12.00 -23.16 -25.21
N PRO C 271 12.34 -23.87 -24.14
CA PRO C 271 11.35 -24.75 -23.51
C PRO C 271 10.08 -24.03 -23.09
N ALA C 272 10.21 -22.79 -22.59
CA ALA C 272 9.03 -22.02 -22.23
C ALA C 272 8.05 -21.88 -23.39
N ALA C 273 8.54 -21.93 -24.63
CA ALA C 273 7.65 -21.80 -25.78
C ALA C 273 6.74 -23.00 -25.96
N GLU C 274 7.04 -24.13 -25.30
CA GLU C 274 6.27 -25.35 -25.49
C GLU C 274 5.30 -25.62 -24.36
N LEU C 275 5.26 -24.76 -23.35
CA LEU C 275 4.45 -25.04 -22.15
C LEU C 275 2.97 -24.97 -22.44
N LEU C 276 2.52 -23.98 -23.21
CA LEU C 276 1.10 -23.84 -23.49
C LEU C 276 0.73 -24.83 -24.58
N THR C 277 -0.12 -25.79 -24.25
CA THR C 277 -0.58 -26.82 -25.15
C THR C 277 -2.05 -26.59 -25.47
N PRO C 278 -2.62 -27.30 -26.45
CA PRO C 278 -3.96 -26.95 -26.93
C PRO C 278 -5.01 -26.95 -25.83
N GLY C 279 -5.80 -25.88 -25.78
CA GLY C 279 -6.88 -25.76 -24.82
C GLY C 279 -6.52 -25.07 -23.52
N LEU C 280 -5.25 -24.74 -23.30
CA LEU C 280 -4.82 -24.22 -22.00
C LEU C 280 -4.94 -22.72 -21.86
N HIS C 281 -5.06 -21.98 -22.97
CA HIS C 281 -5.22 -20.54 -22.88
C HIS C 281 -5.80 -20.03 -24.20
N GLY C 282 -6.37 -18.83 -24.15
CA GLY C 282 -6.89 -18.21 -25.35
C GLY C 282 -7.42 -16.82 -25.05
N SER C 283 -7.72 -16.10 -26.13
CA SER C 283 -8.34 -14.77 -26.06
C SER C 283 -9.11 -14.57 -27.35
N THR C 284 -10.40 -14.23 -27.27
CA THR C 284 -11.23 -14.18 -28.47
C THR C 284 -10.63 -13.26 -29.53
N PHE C 285 -10.27 -12.03 -29.15
CA PHE C 285 -9.80 -11.03 -30.09
C PHE C 285 -8.32 -11.18 -30.44
N GLY C 286 -7.59 -12.06 -29.74
CA GLY C 286 -6.15 -12.13 -29.90
C GLY C 286 -5.72 -12.44 -31.32
N GLY C 287 -4.78 -11.65 -31.82
CA GLY C 287 -4.24 -11.87 -33.15
C GLY C 287 -5.16 -11.48 -34.28
N ASN C 288 -6.15 -10.64 -34.04
CA ASN C 288 -7.10 -10.39 -35.11
C ASN C 288 -6.43 -9.63 -36.25
N PRO C 289 -6.93 -9.81 -37.47
CA PRO C 289 -6.19 -9.29 -38.63
C PRO C 289 -6.02 -7.78 -38.63
N VAL C 290 -7.02 -7.04 -38.15
CA VAL C 290 -6.93 -5.58 -38.26
C VAL C 290 -5.87 -5.03 -37.31
N CYS C 291 -5.88 -5.48 -36.05
CA CYS C 291 -4.87 -4.98 -35.12
C CYS C 291 -3.47 -5.47 -35.50
N ALA C 292 -3.38 -6.69 -36.02
CA ALA C 292 -2.07 -7.19 -36.42
C ALA C 292 -1.56 -6.44 -37.64
N ALA C 293 -2.46 -6.05 -38.56
CA ALA C 293 -2.05 -5.26 -39.71
C ALA C 293 -1.53 -3.90 -39.27
N ALA C 294 -2.18 -3.28 -38.27
CA ALA C 294 -1.66 -2.04 -37.71
C ALA C 294 -0.26 -2.22 -37.17
N ALA C 295 -0.05 -3.28 -36.38
CA ALA C 295 1.26 -3.52 -35.78
C ALA C 295 2.33 -3.74 -36.84
N LEU C 296 2.01 -4.53 -37.88
CA LEU C 296 2.93 -4.71 -38.98
C LEU C 296 3.33 -3.38 -39.59
N ALA C 297 2.36 -2.48 -39.80
CA ALA C 297 2.70 -1.17 -40.37
C ALA C 297 3.65 -0.41 -39.46
N VAL C 298 3.43 -0.47 -38.14
CA VAL C 298 4.32 0.19 -37.19
C VAL C 298 5.74 -0.33 -37.36
N LEU C 299 5.91 -1.64 -37.43
CA LEU C 299 7.24 -2.21 -37.57
C LEU C 299 7.88 -1.77 -38.89
N ARG C 300 7.08 -1.71 -39.96
CA ARG C 300 7.60 -1.25 -41.25
C ARG C 300 8.12 0.17 -41.18
N VAL C 301 7.37 1.07 -40.52
CA VAL C 301 7.76 2.46 -40.44
C VAL C 301 8.96 2.63 -39.51
N LEU C 302 8.99 1.88 -38.39
CA LEU C 302 10.15 1.91 -37.51
C LEU C 302 11.42 1.67 -38.32
N ALA C 303 11.38 0.67 -39.19
CA ALA C 303 12.56 0.32 -39.98
C ALA C 303 12.80 1.31 -41.11
N SER C 304 11.77 1.65 -41.86
CA SER C 304 11.96 2.45 -43.07
C SER C 304 12.37 3.89 -42.75
N ASP C 305 11.91 4.43 -41.61
CA ASP C 305 12.23 5.79 -41.21
C ASP C 305 13.33 5.86 -40.17
N GLY C 306 13.96 4.73 -39.83
CA GLY C 306 15.04 4.73 -38.86
C GLY C 306 14.68 5.29 -37.50
N LEU C 307 13.49 4.95 -36.99
CA LEU C 307 13.01 5.62 -35.79
C LEU C 307 13.65 5.09 -34.51
N VAL C 308 14.21 3.87 -34.53
CA VAL C 308 14.89 3.37 -33.35
C VAL C 308 16.14 4.19 -33.08
N ARG C 309 16.90 4.47 -34.14
CA ARG C 309 18.12 5.29 -33.94
C ARG C 309 17.70 6.74 -33.68
N ARG C 310 16.62 7.18 -34.30
CA ARG C 310 16.13 8.54 -34.02
C ARG C 310 15.77 8.70 -32.54
N ALA C 311 15.15 7.69 -31.93
CA ALA C 311 14.85 7.78 -30.50
C ALA C 311 16.10 7.92 -29.66
N GLU C 312 17.16 7.17 -29.99
CA GLU C 312 18.41 7.31 -29.26
C GLU C 312 18.95 8.73 -29.36
N VAL C 313 18.93 9.31 -30.55
CA VAL C 313 19.54 10.62 -30.77
C VAL C 313 18.70 11.71 -30.13
N LEU C 314 17.38 11.70 -30.35
CA LEU C 314 16.52 12.72 -29.76
C LEU C 314 16.52 12.59 -28.24
N GLY C 315 16.59 11.37 -27.71
CA GLY C 315 16.61 11.19 -26.28
C GLY C 315 17.85 11.77 -25.63
N LYS C 316 19.00 11.56 -26.24
CA LYS C 316 20.28 12.08 -25.69
C LYS C 316 20.25 13.60 -25.65
N SER C 317 19.87 14.23 -26.76
CA SER C 317 19.89 15.71 -26.78
C SER C 317 18.81 16.30 -25.88
N LEU C 318 17.71 15.58 -25.69
CA LEU C 318 16.64 16.08 -24.80
C LEU C 318 17.15 16.00 -23.36
N ARG C 319 17.78 14.91 -22.98
CA ARG C 319 18.28 14.74 -21.61
C ARG C 319 19.35 15.81 -21.33
N HIS C 320 20.20 16.06 -22.30
CA HIS C 320 21.31 17.03 -22.11
C HIS C 320 20.71 18.42 -21.96
N GLY C 321 19.78 18.76 -22.85
CA GLY C 321 19.17 20.09 -22.77
C GLY C 321 18.49 20.36 -21.45
N ILE C 322 17.76 19.36 -20.93
CA ILE C 322 17.11 19.53 -19.63
C ILE C 322 18.15 19.68 -18.53
N GLU C 323 19.27 18.98 -18.66
CA GLU C 323 20.34 19.11 -17.68
C GLU C 323 21.06 20.44 -17.84
N ALA C 324 21.19 20.95 -19.07
CA ALA C 324 21.86 22.23 -19.27
C ALA C 324 21.10 23.39 -18.63
N LEU C 325 19.80 23.25 -18.38
CA LEU C 325 19.05 24.34 -17.75
C LEU C 325 19.61 24.68 -16.37
N GLY C 326 20.17 23.69 -15.67
CA GLY C 326 20.62 23.92 -14.31
C GLY C 326 19.55 24.42 -13.37
N HIS C 327 18.30 24.03 -13.61
CA HIS C 327 17.20 24.54 -12.80
C HIS C 327 17.24 23.93 -11.41
N PRO C 328 17.05 24.74 -10.36
CA PRO C 328 17.20 24.21 -8.99
C PRO C 328 16.16 23.16 -8.60
N LEU C 329 15.03 23.08 -9.31
CA LEU C 329 14.02 22.09 -8.95
C LEU C 329 14.31 20.72 -9.52
N ILE C 330 15.17 20.64 -10.52
CA ILE C 330 15.53 19.37 -11.15
C ILE C 330 16.71 18.76 -10.39
N ASP C 331 16.56 17.51 -9.96
CA ASP C 331 17.69 16.72 -9.48
C ASP C 331 18.54 16.22 -10.63
N HIS C 332 17.92 15.48 -11.54
CA HIS C 332 18.60 14.82 -12.63
C HIS C 332 17.55 14.29 -13.58
N VAL C 333 17.99 13.96 -14.78
CA VAL C 333 17.18 13.28 -15.77
C VAL C 333 17.65 11.83 -15.83
N ARG C 334 16.71 10.93 -16.07
CA ARG C 334 17.09 9.53 -16.21
C ARG C 334 16.23 8.88 -17.27
N GLY C 335 16.67 7.70 -17.70
CA GLY C 335 15.97 6.95 -18.72
C GLY C 335 16.88 6.63 -19.88
N ARG C 336 16.28 6.31 -21.03
CA ARG C 336 17.03 5.94 -22.21
C ARG C 336 16.18 6.22 -23.44
N GLY C 337 16.81 6.77 -24.47
CA GLY C 337 16.07 7.10 -25.68
C GLY C 337 14.93 8.05 -25.37
N LEU C 338 13.75 7.73 -25.87
CA LEU C 338 12.58 8.59 -25.65
C LEU C 338 11.65 8.04 -24.58
N LEU C 339 12.22 7.42 -23.54
CA LEU C 339 11.56 7.21 -22.25
C LEU C 339 12.40 7.92 -21.19
N LEU C 340 11.91 9.06 -20.70
CA LEU C 340 12.71 9.93 -19.85
C LEU C 340 11.93 10.31 -18.61
N GLY C 341 12.64 10.42 -17.50
CA GLY C 341 12.06 10.92 -16.26
C GLY C 341 12.85 12.12 -15.77
N ILE C 342 12.13 13.15 -15.35
CA ILE C 342 12.73 14.33 -14.72
C ILE C 342 12.47 14.22 -13.22
N ALA C 343 13.52 13.91 -12.46
CA ALA C 343 13.39 13.79 -11.02
C ALA C 343 13.56 15.16 -10.39
N LEU C 344 12.65 15.52 -9.49
CA LEU C 344 12.61 16.85 -8.91
C LEU C 344 13.10 16.84 -7.46
N THR C 345 13.67 17.98 -7.04
CA THR C 345 14.15 18.13 -5.68
C THR C 345 13.02 18.24 -4.67
N ALA C 346 11.82 18.57 -5.14
CA ALA C 346 10.64 18.75 -4.30
C ALA C 346 9.45 18.14 -5.03
N PRO C 347 8.46 17.64 -4.29
CA PRO C 347 7.31 16.94 -4.94
C PRO C 347 6.31 17.89 -5.59
N HIS C 348 6.73 18.51 -6.69
CA HIS C 348 5.87 19.42 -7.44
C HIS C 348 5.54 18.88 -8.84
N ALA C 349 5.64 17.56 -9.01
CA ALA C 349 5.42 16.99 -10.33
C ALA C 349 3.98 17.17 -10.80
N LYS C 350 3.02 16.99 -9.90
CA LYS C 350 1.62 17.11 -10.31
C LYS C 350 1.29 18.55 -10.69
N ASP C 351 1.82 19.53 -9.95
CA ASP C 351 1.61 20.92 -10.32
C ASP C 351 2.34 21.25 -11.62
N ALA C 352 3.54 20.70 -11.83
CA ALA C 352 4.23 20.95 -13.08
C ALA C 352 3.54 20.29 -14.26
N GLU C 353 2.84 19.18 -14.01
CA GLU C 353 2.04 18.59 -15.08
C GLU C 353 0.97 19.56 -15.53
N ALA C 354 0.32 20.24 -14.58
CA ALA C 354 -0.72 21.21 -14.93
C ALA C 354 -0.13 22.44 -15.61
N THR C 355 0.96 22.99 -15.06
CA THR C 355 1.56 24.17 -15.69
C THR C 355 2.16 23.85 -17.05
N ALA C 356 2.68 22.63 -17.26
CA ALA C 356 3.14 22.26 -18.59
C ALA C 356 1.99 22.23 -19.57
N ARG C 357 0.84 21.68 -19.15
CA ARG C 357 -0.31 21.61 -20.02
C ARG C 357 -0.79 23.01 -20.39
N ASP C 358 -0.84 23.91 -19.41
CA ASP C 358 -1.13 25.32 -19.67
C ASP C 358 -0.18 25.88 -20.72
N ALA C 359 1.12 25.60 -20.59
CA ALA C 359 2.13 26.04 -21.54
C ALA C 359 2.06 25.31 -22.88
N GLY C 360 1.20 24.32 -23.04
CA GLY C 360 1.07 23.64 -24.31
C GLY C 360 1.83 22.35 -24.47
N TYR C 361 2.15 21.66 -23.38
CA TYR C 361 2.91 20.41 -23.43
C TYR C 361 2.26 19.36 -22.55
N LEU C 362 2.02 18.18 -23.11
CA LEU C 362 1.44 17.07 -22.37
C LEU C 362 2.55 16.20 -21.81
N VAL C 363 2.63 16.11 -20.48
CA VAL C 363 3.59 15.29 -19.77
C VAL C 363 2.83 14.56 -18.67
N ASN C 364 3.54 13.73 -17.91
CA ASN C 364 2.92 12.87 -16.92
C ASN C 364 3.63 12.97 -15.58
N ALA C 365 2.86 13.19 -14.51
CA ALA C 365 3.41 13.16 -13.16
C ALA C 365 3.35 11.71 -12.70
N ALA C 366 4.43 10.98 -12.99
CA ALA C 366 4.49 9.55 -12.68
C ALA C 366 4.58 9.30 -11.18
N ALA C 367 5.25 10.19 -10.47
CA ALA C 367 5.41 10.13 -9.03
C ALA C 367 5.36 11.56 -8.53
N PRO C 368 5.13 11.76 -7.22
CA PRO C 368 5.09 13.14 -6.70
C PRO C 368 6.29 13.99 -7.12
N ASP C 369 7.44 13.38 -7.42
CA ASP C 369 8.64 14.12 -7.77
C ASP C 369 9.26 13.70 -9.11
N VAL C 370 8.51 13.05 -10.00
CA VAL C 370 9.06 12.70 -11.31
C VAL C 370 8.06 13.06 -12.40
N ILE C 371 8.55 13.74 -13.43
CA ILE C 371 7.79 14.00 -14.64
C ILE C 371 8.25 12.99 -15.69
N ARG C 372 7.31 12.20 -16.22
CA ARG C 372 7.63 11.18 -17.22
C ARG C 372 7.31 11.71 -18.60
N LEU C 373 8.24 11.53 -19.53
CA LEU C 373 8.07 11.83 -20.95
C LEU C 373 8.14 10.54 -21.75
N ALA C 374 7.24 10.40 -22.72
CA ALA C 374 7.27 9.29 -23.68
C ALA C 374 6.69 9.76 -25.01
N PRO C 375 7.39 10.65 -25.71
CA PRO C 375 6.82 11.25 -26.90
C PRO C 375 6.80 10.28 -28.07
N PRO C 376 5.97 10.57 -29.08
CA PRO C 376 6.03 9.80 -30.32
C PRO C 376 7.44 9.83 -30.89
N LEU C 377 7.82 8.75 -31.55
CA LEU C 377 9.17 8.68 -32.11
C LEU C 377 9.34 9.59 -33.32
N ILE C 378 8.23 10.09 -33.86
CA ILE C 378 8.26 11.02 -34.99
C ILE C 378 8.28 12.47 -34.53
N ILE C 379 8.37 12.71 -33.23
CA ILE C 379 8.37 14.09 -32.73
C ILE C 379 9.58 14.82 -33.30
N ALA C 380 9.40 16.09 -33.61
CA ALA C 380 10.48 16.89 -34.18
C ALA C 380 11.40 17.41 -33.06
N GLU C 381 12.69 17.51 -33.40
CA GLU C 381 13.62 18.10 -32.44
C GLU C 381 13.20 19.50 -32.03
N ALA C 382 12.63 20.26 -32.99
CA ALA C 382 12.14 21.60 -32.70
C ALA C 382 11.07 21.56 -31.63
N GLN C 383 10.21 20.55 -31.65
CA GLN C 383 9.18 20.43 -30.62
C GLN C 383 9.78 20.11 -29.26
N LEU C 384 10.81 19.27 -29.21
CA LEU C 384 11.47 19.02 -27.94
C LEU C 384 12.22 20.26 -27.45
N ASP C 385 12.82 21.01 -28.38
CA ASP C 385 13.55 22.22 -27.99
C ASP C 385 12.62 23.25 -27.35
N GLY C 386 11.40 23.37 -27.88
CA GLY C 386 10.43 24.27 -27.28
C GLY C 386 10.09 23.90 -25.85
N PHE C 387 9.88 22.61 -25.59
CA PHE C 387 9.60 22.17 -24.22
C PHE C 387 10.76 22.49 -23.28
N VAL C 388 12.00 22.21 -23.70
CA VAL C 388 13.13 22.48 -22.83
C VAL C 388 13.23 23.97 -22.53
N ALA C 389 12.99 24.81 -23.55
CA ALA C 389 13.05 26.25 -23.34
C ALA C 389 11.95 26.72 -22.39
N ALA C 390 10.78 26.09 -22.45
CA ALA C 390 9.64 26.49 -21.62
C ALA C 390 9.70 25.90 -20.22
N LEU C 391 10.53 24.90 -19.99
CA LEU C 391 10.53 24.17 -18.73
C LEU C 391 10.90 24.99 -17.49
N PRO C 392 11.91 25.88 -17.54
CA PRO C 392 12.18 26.69 -16.34
C PRO C 392 10.95 27.45 -15.84
N ALA C 393 10.21 28.08 -16.75
CA ALA C 393 8.99 28.80 -16.35
C ALA C 393 7.90 27.83 -15.91
N ILE C 394 7.78 26.68 -16.58
CA ILE C 394 6.82 25.67 -16.14
C ILE C 394 7.08 25.29 -14.69
N LEU C 395 8.36 25.06 -14.36
CA LEU C 395 8.70 24.66 -13.00
C LEU C 395 8.56 25.82 -12.02
N ASP C 396 8.91 27.04 -12.46
CA ASP C 396 8.74 28.19 -11.59
C ASP C 396 7.27 28.42 -11.25
N ARG C 397 6.39 28.30 -12.24
CA ARG C 397 4.96 28.44 -11.98
C ARG C 397 4.44 27.32 -11.08
N ALA C 398 4.97 26.11 -11.25
CA ALA C 398 4.53 24.99 -10.43
C ALA C 398 4.83 25.23 -8.97
N VAL C 399 5.95 25.88 -8.67
CA VAL C 399 6.29 26.25 -7.29
C VAL C 399 5.68 27.59 -6.95
N THR D 9 -1.55 -21.30 -50.27
CA THR D 9 -2.07 -22.64 -49.96
C THR D 9 -2.29 -22.86 -48.46
N THR D 10 -3.30 -23.68 -48.15
CA THR D 10 -3.64 -23.93 -46.75
C THR D 10 -2.48 -24.61 -46.03
N ALA D 11 -1.73 -25.46 -46.73
CA ALA D 11 -0.63 -26.20 -46.12
C ALA D 11 0.52 -25.28 -45.72
N THR D 12 0.94 -24.39 -46.64
CA THR D 12 1.99 -23.44 -46.27
C THR D 12 1.54 -22.54 -45.12
N MET D 13 0.30 -22.03 -45.15
CA MET D 13 -0.12 -21.14 -44.07
C MET D 13 -0.20 -21.87 -42.72
N ARG D 14 -0.70 -23.11 -42.72
CA ARG D 14 -0.66 -23.90 -41.49
C ARG D 14 0.78 -24.19 -41.06
N GLN D 15 1.67 -24.42 -42.04
CA GLN D 15 3.07 -24.67 -41.70
C GLN D 15 3.69 -23.44 -41.06
N ARG D 16 3.39 -22.24 -41.58
CA ARG D 16 3.90 -21.03 -40.96
C ARG D 16 3.33 -20.84 -39.56
N TRP D 17 2.05 -21.15 -39.37
CA TRP D 17 1.46 -21.09 -38.02
C TRP D 17 2.23 -22.00 -37.06
N GLN D 18 2.46 -23.25 -37.45
CA GLN D 18 3.12 -24.18 -36.54
C GLN D 18 4.56 -23.81 -36.24
N ALA D 19 5.18 -22.96 -37.06
CA ALA D 19 6.55 -22.55 -36.82
C ALA D 19 6.67 -21.38 -35.85
N VAL D 20 5.61 -20.58 -35.63
CA VAL D 20 5.78 -19.36 -34.85
C VAL D 20 4.76 -19.24 -33.71
N MET D 21 3.56 -19.79 -33.88
CA MET D 21 2.51 -19.56 -32.89
C MET D 21 2.67 -20.51 -31.72
N MET D 22 2.34 -20.02 -30.51
CA MET D 22 2.16 -20.94 -29.41
C MET D 22 1.03 -21.91 -29.73
N ASN D 23 1.10 -23.10 -29.13
CA ASN D 23 0.16 -24.17 -29.44
C ASN D 23 -1.02 -24.21 -28.49
N ASN D 24 -1.42 -23.05 -27.93
CA ASN D 24 -2.55 -23.03 -26.99
C ASN D 24 -3.90 -23.23 -27.68
N TYR D 25 -3.98 -23.05 -29.00
CA TYR D 25 -5.21 -23.28 -29.77
C TYR D 25 -5.14 -24.56 -30.60
N GLY D 26 -4.03 -25.27 -30.57
CA GLY D 26 -3.80 -26.24 -31.62
C GLY D 26 -3.51 -25.51 -32.92
N THR D 27 -3.54 -26.26 -34.03
CA THR D 27 -3.32 -25.68 -35.35
C THR D 27 -4.66 -25.58 -36.07
N PRO D 28 -5.10 -24.39 -36.47
CA PRO D 28 -6.40 -24.25 -37.13
C PRO D 28 -6.47 -25.13 -38.36
N PRO D 29 -7.64 -25.72 -38.64
CA PRO D 29 -7.77 -26.60 -39.80
C PRO D 29 -7.84 -25.85 -41.12
N ILE D 30 -8.27 -24.59 -41.13
CA ILE D 30 -8.28 -23.83 -42.37
C ILE D 30 -7.70 -22.43 -42.14
N ALA D 31 -7.22 -21.86 -43.23
CA ALA D 31 -6.61 -20.54 -43.26
C ALA D 31 -7.50 -19.63 -44.08
N LEU D 32 -8.04 -18.59 -43.44
CA LEU D 32 -8.96 -17.69 -44.12
C LEU D 32 -8.19 -16.51 -44.70
N ALA D 33 -8.64 -16.06 -45.87
CA ALA D 33 -8.02 -14.99 -46.63
C ALA D 33 -8.88 -13.75 -46.73
N SER D 34 -10.20 -13.91 -46.85
CA SER D 34 -11.08 -12.75 -46.96
C SER D 34 -12.45 -13.11 -46.43
N GLY D 35 -13.24 -12.08 -46.22
CA GLY D 35 -14.60 -12.27 -45.74
C GLY D 35 -15.42 -11.09 -46.20
N ASP D 36 -16.70 -11.34 -46.42
CA ASP D 36 -17.63 -10.29 -46.83
C ASP D 36 -19.02 -10.71 -46.38
N GLY D 37 -19.64 -9.89 -45.53
CA GLY D 37 -20.90 -10.29 -44.93
C GLY D 37 -20.72 -11.55 -44.13
N ALA D 38 -21.54 -12.56 -44.43
CA ALA D 38 -21.50 -13.83 -43.73
C ALA D 38 -20.76 -14.91 -44.51
N VAL D 39 -19.97 -14.55 -45.52
CA VAL D 39 -19.20 -15.52 -46.30
C VAL D 39 -17.72 -15.23 -46.11
N VAL D 40 -16.96 -16.27 -45.78
CA VAL D 40 -15.50 -16.15 -45.76
C VAL D 40 -14.91 -17.08 -46.79
N THR D 41 -13.71 -16.73 -47.24
CA THR D 41 -12.99 -17.45 -48.29
C THR D 41 -11.64 -17.88 -47.75
N ASP D 42 -11.29 -19.15 -47.93
CA ASP D 42 -9.99 -19.56 -47.44
C ASP D 42 -8.91 -19.30 -48.51
N VAL D 43 -7.66 -19.57 -48.17
CA VAL D 43 -6.54 -19.27 -49.06
C VAL D 43 -6.54 -20.13 -50.31
N ASP D 44 -7.31 -21.21 -50.33
CA ASP D 44 -7.44 -22.06 -51.49
C ASP D 44 -8.59 -21.66 -52.39
N GLY D 45 -9.40 -20.69 -51.98
CA GLY D 45 -10.53 -20.22 -52.75
C GLY D 45 -11.87 -20.79 -52.35
N ARG D 46 -11.92 -21.75 -51.41
CA ARG D 46 -13.20 -22.27 -50.94
C ARG D 46 -13.96 -21.23 -50.14
N THR D 47 -15.27 -21.18 -50.32
CA THR D 47 -16.11 -20.28 -49.53
C THR D 47 -16.92 -21.06 -48.50
N TYR D 48 -17.22 -20.37 -47.39
CA TYR D 48 -17.97 -20.93 -46.27
C TYR D 48 -18.97 -19.90 -45.79
N ILE D 49 -20.19 -20.36 -45.51
CA ILE D 49 -21.18 -19.52 -44.83
C ILE D 49 -20.87 -19.57 -43.34
N ASP D 50 -20.69 -18.40 -42.75
CA ASP D 50 -20.22 -18.28 -41.38
C ASP D 50 -21.43 -18.30 -40.44
N LEU D 51 -21.70 -19.46 -39.85
CA LEU D 51 -22.79 -19.54 -38.88
C LEU D 51 -22.31 -19.37 -37.45
N LEU D 52 -21.03 -19.03 -37.28
CA LEU D 52 -20.42 -18.91 -35.92
C LEU D 52 -20.01 -17.46 -35.63
N GLY D 53 -19.84 -16.64 -36.66
CA GLY D 53 -19.50 -15.21 -36.50
C GLY D 53 -18.20 -14.97 -35.77
N GLY D 54 -17.25 -15.89 -35.88
CA GLY D 54 -15.97 -15.75 -35.17
C GLY D 54 -16.18 -15.84 -33.67
N ILE D 55 -17.12 -16.70 -33.30
CA ILE D 55 -17.64 -16.96 -31.93
C ILE D 55 -18.44 -15.74 -31.45
N ALA D 56 -19.54 -15.45 -32.14
CA ALA D 56 -20.50 -14.38 -31.80
C ALA D 56 -19.91 -12.97 -31.83
N VAL D 57 -18.80 -12.74 -32.51
CA VAL D 57 -18.20 -11.38 -32.53
C VAL D 57 -18.68 -10.59 -33.75
N ASN D 58 -18.74 -11.25 -34.89
CA ASN D 58 -19.08 -10.51 -36.12
C ASN D 58 -20.58 -10.26 -36.23
N VAL D 59 -21.10 -9.40 -35.37
CA VAL D 59 -22.54 -9.15 -35.36
C VAL D 59 -23.01 -8.60 -36.70
N LEU D 60 -22.16 -7.83 -37.39
CA LEU D 60 -22.50 -7.25 -38.68
C LEU D 60 -21.74 -7.91 -39.82
N GLY D 61 -21.18 -9.11 -39.61
CA GLY D 61 -20.41 -9.75 -40.66
C GLY D 61 -19.11 -9.01 -40.95
N HIS D 62 -18.51 -9.39 -42.07
CA HIS D 62 -17.27 -8.78 -42.54
C HIS D 62 -17.55 -7.62 -43.50
N ARG D 63 -16.65 -6.63 -43.46
CA ARG D 63 -16.65 -5.52 -44.41
C ARG D 63 -17.95 -4.72 -44.36
N HIS D 64 -18.51 -4.57 -43.17
CA HIS D 64 -19.73 -3.77 -43.08
C HIS D 64 -19.38 -2.30 -43.30
N PRO D 65 -20.06 -1.62 -44.22
CA PRO D 65 -19.65 -0.24 -44.56
C PRO D 65 -19.79 0.74 -43.42
N ALA D 66 -20.73 0.54 -42.49
CA ALA D 66 -20.88 1.50 -41.41
C ALA D 66 -19.69 1.44 -40.45
N VAL D 67 -19.19 0.23 -40.18
CA VAL D 67 -18.04 0.08 -39.29
C VAL D 67 -16.78 0.58 -39.97
N ILE D 68 -16.59 0.22 -41.24
CA ILE D 68 -15.44 0.71 -41.99
C ILE D 68 -15.41 2.23 -42.01
N GLU D 69 -16.56 2.85 -42.29
CA GLU D 69 -16.63 4.30 -42.33
C GLU D 69 -16.29 4.92 -40.98
N ALA D 70 -16.87 4.38 -39.91
CA ALA D 70 -16.61 4.92 -38.58
C ALA D 70 -15.14 4.82 -38.21
N VAL D 71 -14.52 3.68 -38.49
CA VAL D 71 -13.13 3.50 -38.10
C VAL D 71 -12.23 4.41 -38.92
N THR D 72 -12.45 4.43 -40.25
CA THR D 72 -11.61 5.26 -41.11
C THR D 72 -11.76 6.74 -40.75
N ARG D 73 -12.98 7.19 -40.51
CA ARG D 73 -13.14 8.60 -40.15
C ARG D 73 -12.47 8.92 -38.82
N GLN D 74 -12.61 8.03 -37.83
CA GLN D 74 -12.03 8.35 -36.53
C GLN D 74 -10.51 8.31 -36.58
N MET D 75 -9.95 7.35 -37.32
CA MET D 75 -8.49 7.30 -37.44
C MET D 75 -7.95 8.54 -38.12
N SER D 76 -8.72 9.14 -39.00
CA SER D 76 -8.31 10.38 -39.65
C SER D 76 -8.66 11.62 -38.83
N THR D 77 -9.15 11.46 -37.59
CA THR D 77 -9.47 12.57 -36.72
C THR D 77 -8.64 12.58 -35.45
N LEU D 78 -8.71 11.50 -34.67
CA LEU D 78 -7.99 11.40 -33.40
C LEU D 78 -7.95 9.93 -33.02
N GLY D 79 -6.77 9.43 -32.73
CA GLY D 79 -6.67 8.02 -32.33
C GLY D 79 -6.58 7.90 -30.82
N HIS D 80 -5.87 6.89 -30.35
CA HIS D 80 -5.67 6.64 -28.90
C HIS D 80 -5.18 7.91 -28.17
N THR D 81 -5.74 8.18 -27.01
CA THR D 81 -5.23 9.32 -26.25
C THR D 81 -4.84 8.90 -24.84
N SER D 82 -5.53 7.88 -24.33
CA SER D 82 -5.57 7.36 -22.93
C SER D 82 -6.67 8.12 -22.17
N ASN D 83 -7.00 7.61 -20.99
CA ASN D 83 -8.07 8.20 -20.16
C ASN D 83 -7.56 9.36 -19.28
N LEU D 84 -6.38 9.87 -19.58
CA LEU D 84 -5.88 11.13 -18.97
C LEU D 84 -6.63 12.27 -19.65
N TYR D 85 -7.22 12.03 -20.82
CA TYR D 85 -7.99 13.01 -21.61
C TYR D 85 -9.37 12.45 -21.97
N ALA D 86 -10.37 13.29 -21.87
CA ALA D 86 -11.71 12.91 -22.28
C ALA D 86 -11.81 12.99 -23.80
N THR D 87 -12.54 12.04 -24.40
CA THR D 87 -12.74 12.05 -25.83
C THR D 87 -14.17 11.63 -26.13
N GLU D 88 -14.67 12.12 -27.26
CA GLU D 88 -16.11 12.03 -27.53
C GLU D 88 -16.60 10.60 -27.75
N PRO D 89 -15.98 9.77 -28.60
CA PRO D 89 -16.63 8.50 -28.94
C PRO D 89 -16.89 7.61 -27.73
N GLY D 90 -15.94 7.50 -26.80
CA GLY D 90 -16.16 6.68 -25.62
C GLY D 90 -17.23 7.24 -24.71
N ILE D 91 -17.28 8.57 -24.56
CA ILE D 91 -18.36 9.16 -23.77
C ILE D 91 -19.71 8.88 -24.43
N ALA D 92 -19.79 9.07 -25.74
CA ALA D 92 -21.05 8.83 -26.45
C ALA D 92 -21.46 7.36 -26.39
N LEU D 93 -20.48 6.45 -26.51
CA LEU D 93 -20.80 5.03 -26.39
C LEU D 93 -21.32 4.70 -25.00
N ALA D 94 -20.66 5.23 -23.96
CA ALA D 94 -21.12 4.99 -22.60
C ALA D 94 -22.55 5.50 -22.43
N GLU D 95 -22.85 6.69 -22.95
CA GLU D 95 -24.22 7.21 -22.88
C GLU D 95 -25.19 6.29 -23.59
N GLU D 96 -24.79 5.87 -24.77
CA GLU D 96 -25.65 4.92 -25.52
CA GLU D 96 -25.65 4.92 -25.53
C GLU D 96 -25.97 3.53 -24.86
N LEU D 97 -24.89 3.00 -24.26
CA LEU D 97 -25.04 1.74 -23.53
C LEU D 97 -25.89 1.91 -22.29
N VAL D 98 -25.71 3.03 -21.57
CA VAL D 98 -26.52 3.28 -20.39
C VAL D 98 -27.98 3.44 -20.77
N ALA D 99 -28.26 4.09 -21.90
CA ALA D 99 -29.65 4.21 -22.36
C ALA D 99 -30.26 2.87 -22.70
N LEU D 100 -29.50 2.00 -23.37
CA LEU D 100 -30.00 0.67 -23.73
C LEU D 100 -30.24 -0.20 -22.51
N LEU D 101 -29.43 -0.06 -21.46
CA LEU D 101 -29.68 -0.82 -20.24
C LEU D 101 -30.96 -0.37 -19.56
N GLY D 102 -31.23 0.94 -19.58
CA GLY D 102 -32.48 1.45 -19.04
C GLY D 102 -32.71 1.16 -17.58
N ALA D 103 -31.68 1.29 -16.76
CA ALA D 103 -31.82 1.06 -15.32
C ALA D 103 -32.47 2.26 -14.64
N ASP D 104 -33.01 2.00 -13.46
CA ASP D 104 -33.74 3.03 -12.68
C ASP D 104 -32.82 3.84 -11.77
N GLN D 105 -31.57 3.45 -11.65
CA GLN D 105 -30.60 4.25 -10.90
C GLN D 105 -29.46 4.65 -11.84
N ARG D 106 -28.61 5.54 -11.35
CA ARG D 106 -27.47 5.98 -12.16
C ARG D 106 -26.60 4.79 -12.53
N THR D 107 -26.21 4.73 -13.79
CA THR D 107 -25.35 3.67 -14.29
C THR D 107 -24.04 4.30 -14.76
N ARG D 108 -22.92 3.62 -14.47
CA ARG D 108 -21.60 4.11 -14.87
C ARG D 108 -20.86 3.02 -15.63
N VAL D 109 -19.91 3.44 -16.48
CA VAL D 109 -19.30 2.58 -17.48
C VAL D 109 -17.78 2.60 -17.34
N PHE D 110 -17.17 1.42 -17.39
CA PHE D 110 -15.72 1.27 -17.52
C PHE D 110 -15.43 0.46 -18.78
N PHE D 111 -14.55 0.97 -19.63
CA PHE D 111 -14.20 0.32 -20.88
C PHE D 111 -12.90 -0.45 -20.76
N CYS D 112 -12.82 -1.57 -21.47
CA CYS D 112 -11.59 -2.37 -21.51
C CYS D 112 -11.53 -3.04 -22.88
N ASN D 113 -10.78 -4.14 -22.99
CA ASN D 113 -10.46 -4.66 -24.32
C ASN D 113 -11.03 -6.03 -24.62
N SER D 114 -11.66 -6.69 -23.65
CA SER D 114 -12.02 -8.08 -23.84
C SER D 114 -13.06 -8.47 -22.79
N GLY D 115 -13.69 -9.63 -23.02
CA GLY D 115 -14.62 -10.17 -22.03
C GLY D 115 -13.95 -10.54 -20.72
N ALA D 116 -12.77 -11.16 -20.78
CA ALA D 116 -12.04 -11.47 -19.56
C ALA D 116 -11.75 -10.19 -18.78
N GLU D 117 -11.27 -9.14 -19.46
CA GLU D 117 -10.99 -7.89 -18.76
C GLU D 117 -12.26 -7.29 -18.17
N ALA D 118 -13.38 -7.39 -18.88
CA ALA D 118 -14.62 -6.84 -18.34
C ALA D 118 -15.02 -7.55 -17.05
N ASN D 119 -14.85 -8.88 -17.03
CA ASN D 119 -15.16 -9.63 -15.81
C ASN D 119 -14.10 -9.45 -14.73
N GLU D 120 -12.84 -9.19 -15.10
CA GLU D 120 -11.85 -8.80 -14.09
C GLU D 120 -12.26 -7.52 -13.39
N ALA D 121 -12.79 -6.55 -14.16
CA ALA D 121 -13.26 -5.33 -13.55
C ALA D 121 -14.40 -5.61 -12.60
N ALA D 122 -15.34 -6.48 -13.02
CA ALA D 122 -16.44 -6.84 -12.14
C ALA D 122 -15.94 -7.58 -10.90
N PHE D 123 -14.95 -8.46 -11.07
CA PHE D 123 -14.31 -9.14 -9.94
C PHE D 123 -13.74 -8.12 -8.96
N LYS D 124 -12.99 -7.14 -9.46
CA LYS D 124 -12.40 -6.15 -8.56
C LYS D 124 -13.47 -5.29 -7.89
N LEU D 125 -14.50 -4.91 -8.66
CA LEU D 125 -15.66 -4.25 -8.09
C LEU D 125 -16.19 -5.02 -6.88
N SER D 126 -16.33 -6.35 -7.02
CA SER D 126 -16.88 -7.16 -5.94
C SER D 126 -16.00 -7.14 -4.70
N ARG D 127 -14.69 -6.99 -4.86
CA ARG D 127 -13.81 -6.90 -3.68
C ARG D 127 -14.13 -5.66 -2.86
N LEU D 128 -14.56 -4.60 -3.52
CA LEU D 128 -14.80 -3.34 -2.83
C LEU D 128 -16.08 -3.34 -1.99
N THR D 129 -16.85 -4.43 -2.04
CA THR D 129 -17.99 -4.61 -1.13
C THR D 129 -17.56 -5.01 0.27
N GLY D 130 -16.28 -5.29 0.49
CA GLY D 130 -15.81 -5.81 1.76
C GLY D 130 -15.97 -7.30 1.93
N ARG D 131 -16.48 -8.00 0.92
CA ARG D 131 -16.67 -9.44 0.97
C ARG D 131 -15.77 -10.09 -0.08
N THR D 132 -15.40 -11.34 0.17
CA THR D 132 -14.47 -12.03 -0.72
C THR D 132 -15.04 -13.32 -1.29
N LYS D 133 -16.25 -13.71 -0.90
CA LYS D 133 -16.88 -14.93 -1.38
C LYS D 133 -17.68 -14.64 -2.64
N LEU D 134 -17.53 -15.50 -3.65
CA LEU D 134 -18.16 -15.35 -4.95
C LEU D 134 -18.87 -16.64 -5.32
N VAL D 135 -19.93 -16.53 -6.10
CA VAL D 135 -20.69 -17.69 -6.56
C VAL D 135 -20.83 -17.60 -8.07
N ALA D 136 -20.59 -18.72 -8.74
CA ALA D 136 -20.78 -18.85 -10.18
C ALA D 136 -21.31 -20.24 -10.46
N ALA D 137 -21.56 -20.55 -11.74
CA ALA D 137 -22.22 -21.80 -12.09
C ALA D 137 -21.22 -22.82 -12.62
N HIS D 138 -21.44 -24.09 -12.28
CA HIS D 138 -20.70 -25.16 -12.95
C HIS D 138 -20.87 -25.03 -14.46
N ASP D 139 -19.76 -25.18 -15.18
CA ASP D 139 -19.64 -25.08 -16.64
C ASP D 139 -19.74 -23.66 -17.18
N ALA D 140 -19.92 -22.65 -16.34
CA ALA D 140 -19.91 -21.27 -16.81
C ALA D 140 -18.58 -20.93 -17.45
N PHE D 141 -18.59 -19.99 -18.40
CA PHE D 141 -17.37 -19.45 -19.00
C PHE D 141 -17.35 -17.95 -18.83
N HIS D 142 -16.33 -17.44 -18.14
CA HIS D 142 -16.23 -16.00 -17.93
C HIS D 142 -14.90 -15.42 -18.39
N GLY D 143 -14.03 -16.22 -18.97
CA GLY D 143 -12.75 -15.74 -19.44
C GLY D 143 -11.60 -16.55 -18.86
N ARG D 144 -10.39 -16.22 -19.34
CA ARG D 144 -9.24 -17.10 -19.13
C ARG D 144 -8.06 -16.42 -18.43
N THR D 145 -8.17 -15.16 -18.06
CA THR D 145 -7.17 -14.54 -17.18
C THR D 145 -7.35 -15.05 -15.75
N MET D 146 -6.40 -14.76 -14.85
CA MET D 146 -6.41 -15.45 -13.55
C MET D 146 -7.67 -15.18 -12.74
N GLY D 147 -8.19 -13.95 -12.77
CA GLY D 147 -9.41 -13.66 -12.02
C GLY D 147 -10.63 -14.26 -12.70
N SER D 148 -10.78 -14.00 -14.00
CA SER D 148 -11.96 -14.53 -14.71
CA SER D 148 -11.95 -14.52 -14.70
C SER D 148 -11.94 -16.05 -14.77
N LEU D 149 -10.73 -16.66 -14.79
CA LEU D 149 -10.64 -18.12 -14.81
C LEU D 149 -11.15 -18.73 -13.50
N ALA D 150 -10.97 -18.01 -12.39
CA ALA D 150 -11.51 -18.49 -11.13
C ALA D 150 -13.03 -18.53 -11.15
N LEU D 151 -13.65 -17.63 -11.91
CA LEU D 151 -15.11 -17.60 -12.00
C LEU D 151 -15.62 -18.65 -12.97
N THR D 152 -14.90 -18.85 -14.06
CA THR D 152 -15.18 -19.92 -15.01
C THR D 152 -15.33 -21.25 -14.29
N GLY D 153 -16.40 -21.99 -14.62
CA GLY D 153 -16.76 -23.16 -13.84
C GLY D 153 -16.29 -24.44 -14.48
N GLN D 154 -15.03 -24.47 -14.90
CA GLN D 154 -14.51 -25.55 -15.73
C GLN D 154 -13.22 -26.09 -15.11
N PRO D 155 -13.34 -27.06 -14.20
CA PRO D 155 -12.14 -27.51 -13.47
C PRO D 155 -11.05 -28.05 -14.35
N ALA D 156 -11.42 -28.64 -15.50
CA ALA D 156 -10.41 -29.06 -16.47
C ALA D 156 -9.56 -27.88 -16.91
N LYS D 157 -10.17 -26.72 -17.12
CA LYS D 157 -9.43 -25.52 -17.52
C LYS D 157 -8.64 -24.92 -16.37
N GLN D 158 -9.12 -25.08 -15.13
CA GLN D 158 -8.59 -24.37 -13.96
C GLN D 158 -7.42 -25.09 -13.30
N THR D 159 -7.50 -26.42 -13.23
CA THR D 159 -6.52 -27.21 -12.46
C THR D 159 -5.07 -26.90 -12.81
N PRO D 160 -4.66 -26.79 -14.07
CA PRO D 160 -3.23 -26.57 -14.36
C PRO D 160 -2.70 -25.25 -13.81
N PHE D 161 -3.59 -24.31 -13.52
CA PHE D 161 -3.17 -22.94 -13.13
C PHE D 161 -3.38 -22.65 -11.65
N ALA D 162 -3.80 -23.66 -10.89
CA ALA D 162 -4.04 -23.49 -9.45
C ALA D 162 -2.75 -23.12 -8.74
N PRO D 163 -2.79 -22.29 -7.69
CA PRO D 163 -4.03 -21.74 -7.18
C PRO D 163 -4.54 -20.45 -7.84
N LEU D 164 -5.86 -20.37 -7.94
CA LEU D 164 -6.52 -19.17 -8.52
C LEU D 164 -7.03 -18.30 -7.37
N PRO D 165 -7.38 -17.03 -7.60
CA PRO D 165 -7.88 -16.19 -6.53
C PRO D 165 -9.22 -16.71 -5.99
N GLY D 166 -9.47 -16.50 -4.70
CA GLY D 166 -10.69 -17.02 -4.06
C GLY D 166 -11.73 -15.96 -3.83
N ASP D 167 -12.79 -16.29 -3.11
CA ASP D 167 -13.17 -17.66 -2.71
C ASP D 167 -14.44 -18.00 -3.50
N VAL D 168 -14.30 -18.83 -4.52
CA VAL D 168 -15.43 -19.11 -5.45
C VAL D 168 -16.08 -20.45 -5.19
N THR D 169 -17.39 -20.43 -5.08
CA THR D 169 -18.19 -21.67 -4.97
C THR D 169 -18.95 -21.79 -6.28
N HIS D 170 -19.00 -22.97 -6.85
CA HIS D 170 -19.78 -23.20 -8.09
C HIS D 170 -21.00 -24.04 -7.77
N VAL D 171 -22.12 -23.67 -8.37
CA VAL D 171 -23.39 -24.38 -8.18
C VAL D 171 -23.97 -24.75 -9.53
N GLY D 172 -24.89 -25.72 -9.52
CA GLY D 172 -25.56 -26.12 -10.74
C GLY D 172 -26.34 -25.00 -11.40
N TYR D 173 -26.08 -24.77 -12.68
CA TYR D 173 -26.75 -23.70 -13.39
C TYR D 173 -28.26 -23.92 -13.45
N GLY D 174 -29.01 -22.85 -13.21
CA GLY D 174 -30.45 -22.92 -13.28
C GLY D 174 -31.14 -23.51 -12.07
N ASP D 175 -30.39 -23.91 -11.05
CA ASP D 175 -30.93 -24.54 -9.84
C ASP D 175 -31.15 -23.46 -8.77
N VAL D 176 -32.42 -23.11 -8.52
CA VAL D 176 -32.71 -21.96 -7.68
C VAL D 176 -32.28 -22.23 -6.23
N ASP D 177 -32.62 -23.40 -5.70
CA ASP D 177 -32.31 -23.64 -4.29
C ASP D 177 -30.82 -23.87 -4.07
N ALA D 178 -30.12 -24.46 -5.05
CA ALA D 178 -28.66 -24.56 -4.95
C ALA D 178 -28.04 -23.17 -4.86
N LEU D 179 -28.53 -22.23 -5.69
CA LEU D 179 -28.02 -20.87 -5.61
C LEU D 179 -28.33 -20.24 -4.26
N ALA D 180 -29.57 -20.40 -3.77
CA ALA D 180 -29.91 -19.80 -2.49
C ALA D 180 -29.08 -20.38 -1.35
N ALA D 181 -28.72 -21.66 -1.43
CA ALA D 181 -27.93 -22.27 -0.37
C ALA D 181 -26.50 -21.73 -0.36
N ALA D 182 -25.98 -21.37 -1.53
CA ALA D 182 -24.59 -20.94 -1.64
C ALA D 182 -24.38 -19.47 -1.31
N VAL D 183 -25.45 -18.67 -1.36
CA VAL D 183 -25.36 -17.24 -1.16
C VAL D 183 -25.76 -16.89 0.28
N ASP D 184 -24.90 -16.17 0.99
CA ASP D 184 -25.23 -15.70 2.33
C ASP D 184 -24.69 -14.28 2.49
N ASP D 185 -24.70 -13.78 3.71
CA ASP D 185 -24.31 -12.39 3.94
C ASP D 185 -22.81 -12.16 3.87
N HIS D 186 -22.03 -13.18 3.47
CA HIS D 186 -20.61 -13.00 3.20
C HIS D 186 -20.31 -13.07 1.71
N THR D 187 -21.33 -13.18 0.86
CA THR D 187 -21.15 -13.29 -0.58
C THR D 187 -21.03 -11.92 -1.20
N ALA D 188 -19.88 -11.65 -1.85
CA ALA D 188 -19.70 -10.38 -2.55
C ALA D 188 -20.56 -10.32 -3.81
N ALA D 189 -20.59 -11.40 -4.58
CA ALA D 189 -21.20 -11.32 -5.90
C ALA D 189 -21.58 -12.71 -6.38
N VAL D 190 -22.64 -12.74 -7.20
CA VAL D 190 -23.00 -13.89 -8.02
C VAL D 190 -22.77 -13.52 -9.48
N PHE D 191 -22.05 -14.35 -10.20
CA PHE D 191 -21.81 -14.18 -11.63
C PHE D 191 -22.65 -15.19 -12.39
N LEU D 192 -23.40 -14.74 -13.39
CA LEU D 192 -24.20 -15.63 -14.23
C LEU D 192 -24.23 -15.16 -15.66
N GLU D 193 -24.11 -16.12 -16.58
CA GLU D 193 -24.50 -15.94 -17.98
C GLU D 193 -26.00 -16.11 -18.12
N PRO D 194 -26.70 -15.22 -18.82
CA PRO D 194 -28.15 -15.41 -19.02
C PRO D 194 -28.46 -16.64 -19.84
N ILE D 195 -27.58 -17.01 -20.75
CA ILE D 195 -27.56 -18.31 -21.40
C ILE D 195 -26.10 -18.74 -21.41
N MET D 196 -25.81 -19.95 -20.95
CA MET D 196 -24.40 -20.39 -20.91
C MET D 196 -23.97 -20.77 -22.32
N GLY D 197 -23.09 -19.98 -22.93
CA GLY D 197 -22.76 -20.18 -24.35
C GLY D 197 -21.73 -21.25 -24.65
N GLU D 198 -20.50 -21.05 -24.18
CA GLU D 198 -19.36 -21.97 -24.45
C GLU D 198 -19.64 -23.41 -24.01
N SER D 199 -20.40 -23.63 -22.96
CA SER D 199 -20.66 -25.01 -22.52
C SER D 199 -21.79 -25.68 -23.33
N GLY D 200 -22.48 -24.98 -24.23
CA GLY D 200 -23.48 -25.66 -25.03
C GLY D 200 -24.83 -24.97 -25.15
N VAL D 201 -24.86 -23.64 -25.02
CA VAL D 201 -26.08 -22.85 -25.16
C VAL D 201 -27.13 -23.39 -24.19
N VAL D 202 -26.80 -23.37 -22.91
CA VAL D 202 -27.67 -23.86 -21.86
C VAL D 202 -28.57 -22.73 -21.39
N VAL D 203 -29.88 -22.89 -21.54
CA VAL D 203 -30.86 -21.87 -21.21
C VAL D 203 -31.41 -22.20 -19.83
N PRO D 204 -31.49 -21.25 -18.90
CA PRO D 204 -31.99 -21.56 -17.56
C PRO D 204 -33.50 -21.61 -17.56
N PRO D 205 -34.13 -22.13 -16.50
CA PRO D 205 -35.60 -22.13 -16.43
C PRO D 205 -36.15 -20.72 -16.30
N ALA D 206 -37.42 -20.57 -16.71
CA ALA D 206 -38.08 -19.28 -16.52
C ALA D 206 -38.03 -18.88 -15.05
N GLY D 207 -37.84 -17.58 -14.81
CA GLY D 207 -37.73 -17.06 -13.46
C GLY D 207 -36.36 -17.17 -12.79
N TYR D 208 -35.42 -17.92 -13.39
CA TYR D 208 -34.16 -18.18 -12.69
C TYR D 208 -33.37 -16.90 -12.43
N LEU D 209 -33.20 -16.05 -13.45
CA LEU D 209 -32.45 -14.82 -13.24
C LEU D 209 -33.16 -13.90 -12.26
N ALA D 210 -34.50 -13.86 -12.31
CA ALA D 210 -35.25 -13.09 -11.33
C ALA D 210 -35.06 -13.65 -9.93
N ALA D 211 -34.96 -14.97 -9.81
CA ALA D 211 -34.67 -15.58 -8.51
C ALA D 211 -33.28 -15.20 -8.05
N ALA D 212 -32.30 -15.25 -8.95
CA ALA D 212 -30.94 -14.82 -8.61
C ALA D 212 -30.92 -13.36 -8.17
N ARG D 213 -31.71 -12.51 -8.83
CA ARG D 213 -31.80 -11.11 -8.43
C ARG D 213 -32.36 -10.97 -7.02
N ASP D 214 -33.42 -11.73 -6.70
CA ASP D 214 -34.03 -11.67 -5.37
C ASP D 214 -33.08 -12.22 -4.31
N ILE D 215 -32.47 -13.37 -4.57
CA ILE D 215 -31.56 -13.99 -3.62
C ILE D 215 -30.42 -13.04 -3.29
N THR D 216 -29.78 -12.47 -4.32
CA THR D 216 -28.64 -11.60 -4.06
C THR D 216 -29.07 -10.32 -3.35
N ALA D 217 -30.21 -9.74 -3.74
CA ALA D 217 -30.68 -8.54 -3.07
C ALA D 217 -30.94 -8.80 -1.60
N ARG D 218 -31.53 -9.97 -1.25
CA ARG D 218 -31.87 -10.23 0.15
C ARG D 218 -30.62 -10.47 1.00
N ARG D 219 -29.54 -10.94 0.39
CA ARG D 219 -28.29 -11.21 1.14
C ARG D 219 -27.26 -10.10 0.95
N GLY D 220 -27.56 -9.04 0.25
CA GLY D 220 -26.61 -7.96 0.08
C GLY D 220 -25.48 -8.26 -0.88
N ALA D 221 -25.64 -9.25 -1.75
CA ALA D 221 -24.63 -9.58 -2.75
C ALA D 221 -24.95 -8.88 -4.07
N LEU D 222 -23.89 -8.63 -4.85
CA LEU D 222 -24.08 -8.12 -6.20
C LEU D 222 -24.52 -9.24 -7.14
N LEU D 223 -25.38 -8.88 -8.09
CA LEU D 223 -25.69 -9.75 -9.22
C LEU D 223 -24.95 -9.21 -10.44
N VAL D 224 -24.04 -10.02 -10.98
CA VAL D 224 -23.27 -9.67 -12.17
C VAL D 224 -23.74 -10.57 -13.30
N LEU D 225 -24.28 -9.96 -14.36
CA LEU D 225 -24.68 -10.70 -15.56
C LEU D 225 -23.63 -10.52 -16.64
N ASP D 226 -23.04 -11.63 -17.07
CA ASP D 226 -22.03 -11.66 -18.12
C ASP D 226 -22.77 -11.80 -19.46
N GLU D 227 -22.92 -10.68 -20.17
CA GLU D 227 -23.58 -10.64 -21.48
C GLU D 227 -22.59 -10.55 -22.62
N VAL D 228 -21.36 -11.06 -22.41
CA VAL D 228 -20.33 -10.96 -23.45
C VAL D 228 -20.76 -11.71 -24.70
N GLN D 229 -21.43 -12.83 -24.54
CA GLN D 229 -21.88 -13.62 -25.68
C GLN D 229 -23.36 -13.44 -25.98
N THR D 230 -24.19 -13.17 -24.97
CA THR D 230 -25.63 -13.07 -25.18
C THR D 230 -26.09 -11.66 -25.52
N GLY D 231 -25.22 -10.66 -25.44
CA GLY D 231 -25.61 -9.29 -25.66
C GLY D 231 -25.65 -8.91 -27.13
N MET D 232 -25.64 -7.59 -27.36
CA MET D 232 -25.60 -7.00 -28.69
C MET D 232 -26.82 -7.39 -29.53
N GLY D 233 -27.94 -7.64 -28.87
CA GLY D 233 -29.20 -7.91 -29.55
C GLY D 233 -29.37 -9.31 -30.08
N ARG D 234 -28.43 -10.21 -29.78
CA ARG D 234 -28.44 -11.53 -30.40
C ARG D 234 -29.71 -12.32 -30.08
N THR D 235 -30.25 -12.15 -28.87
CA THR D 235 -31.42 -12.93 -28.44
C THR D 235 -32.75 -12.27 -28.73
N GLY D 236 -32.77 -11.14 -29.43
CA GLY D 236 -34.02 -10.43 -29.66
C GLY D 236 -34.33 -9.34 -28.66
N ALA D 237 -33.43 -9.10 -27.71
CA ALA D 237 -33.45 -7.92 -26.86
C ALA D 237 -31.99 -7.52 -26.75
N PHE D 238 -31.71 -6.22 -26.53
CA PHE D 238 -30.31 -5.82 -26.60
C PHE D 238 -29.47 -6.59 -25.58
N PHE D 239 -29.90 -6.60 -24.33
CA PHE D 239 -29.33 -7.47 -23.31
C PHE D 239 -30.28 -8.65 -23.13
N ALA D 240 -29.74 -9.86 -23.12
CA ALA D 240 -30.60 -11.03 -22.99
C ALA D 240 -31.37 -11.03 -21.67
N HIS D 241 -30.79 -10.46 -20.61
CA HIS D 241 -31.51 -10.45 -19.35
C HIS D 241 -32.73 -9.54 -19.37
N GLN D 242 -32.87 -8.69 -20.39
CA GLN D 242 -34.02 -7.81 -20.46
C GLN D 242 -35.30 -8.57 -20.82
N HIS D 243 -35.17 -9.79 -21.34
CA HIS D 243 -36.35 -10.65 -21.50
C HIS D 243 -36.96 -11.00 -20.16
N ASP D 244 -36.19 -10.85 -19.07
CA ASP D 244 -36.60 -11.29 -17.74
C ASP D 244 -36.99 -10.15 -16.81
N GLY D 245 -36.94 -8.91 -17.29
CA GLY D 245 -37.44 -7.79 -16.51
C GLY D 245 -36.70 -7.50 -15.24
N ILE D 246 -35.43 -7.89 -15.16
CA ILE D 246 -34.59 -7.59 -14.00
C ILE D 246 -33.53 -6.60 -14.43
N THR D 247 -32.97 -5.91 -13.44
CA THR D 247 -31.77 -5.10 -13.64
C THR D 247 -30.71 -5.58 -12.67
N PRO D 248 -29.59 -6.10 -13.14
CA PRO D 248 -28.53 -6.54 -12.24
C PRO D 248 -27.76 -5.33 -11.71
N ASP D 249 -26.79 -5.63 -10.85
CA ASP D 249 -25.91 -4.59 -10.34
C ASP D 249 -24.77 -4.29 -11.29
N VAL D 250 -24.32 -5.30 -12.02
CA VAL D 250 -23.18 -5.18 -12.94
C VAL D 250 -23.51 -5.98 -14.19
N VAL D 251 -23.16 -5.42 -15.37
CA VAL D 251 -23.28 -6.14 -16.63
C VAL D 251 -21.96 -6.04 -17.36
N THR D 252 -21.51 -7.14 -17.95
CA THR D 252 -20.28 -7.13 -18.74
C THR D 252 -20.58 -7.49 -20.19
N LEU D 253 -19.89 -6.80 -21.10
CA LEU D 253 -20.05 -6.93 -22.56
C LEU D 253 -18.66 -6.99 -23.20
N ALA D 254 -18.60 -7.66 -24.35
CA ALA D 254 -17.41 -7.72 -25.22
C ALA D 254 -17.83 -8.38 -26.53
N1 LLP D 255 -17.66 -14.48 -20.98
C2 LLP D 255 -18.37 -15.08 -21.92
C2' LLP D 255 -19.78 -15.45 -21.62
C3 LLP D 255 -17.84 -15.30 -23.19
O3 LLP D 255 -18.61 -15.90 -24.08
C4 LLP D 255 -16.51 -14.92 -23.48
C4' LLP D 255 -16.02 -15.11 -24.85
C5 LLP D 255 -15.77 -14.32 -22.44
C6 LLP D 255 -16.38 -14.15 -21.23
C5' LLP D 255 -14.33 -13.93 -22.58
OP4 LLP D 255 -14.06 -12.98 -23.63
P LLP D 255 -12.59 -12.76 -24.16
OP1 LLP D 255 -12.25 -13.97 -24.88
OP2 LLP D 255 -11.72 -12.61 -23.02
OP3 LLP D 255 -12.72 -11.57 -24.99
N LLP D 255 -17.00 -9.24 -27.07
CA LLP D 255 -17.27 -9.96 -28.33
CB LLP D 255 -18.01 -11.27 -28.06
CG LLP D 255 -17.11 -12.37 -27.51
CD LLP D 255 -17.66 -13.78 -27.56
CE LLP D 255 -16.62 -14.81 -27.18
NZ LLP D 255 -16.84 -15.30 -25.82
C LLP D 255 -17.83 -9.04 -29.42
O LLP D 255 -17.08 -8.27 -29.99
N GLY D 256 -19.14 -9.06 -29.66
CA GLY D 256 -19.73 -8.26 -30.74
C GLY D 256 -19.85 -6.76 -30.48
N LEU D 257 -19.49 -6.28 -29.30
CA LEU D 257 -19.62 -4.84 -28.95
C LEU D 257 -18.97 -3.95 -30.01
N GLY D 258 -17.81 -4.34 -30.50
CA GLY D 258 -17.15 -3.49 -31.48
C GLY D 258 -17.25 -3.98 -32.91
N GLY D 259 -18.19 -4.89 -33.17
CA GLY D 259 -18.34 -5.45 -34.51
C GLY D 259 -17.11 -6.12 -35.06
N GLY D 260 -16.16 -6.47 -34.20
CA GLY D 260 -14.91 -7.08 -34.62
C GLY D 260 -13.71 -6.40 -34.01
N LEU D 261 -13.81 -5.09 -33.75
CA LEU D 261 -12.71 -4.40 -33.11
C LEU D 261 -12.68 -4.73 -31.62
N PRO D 262 -11.50 -4.83 -31.01
CA PRO D 262 -11.44 -5.29 -29.60
C PRO D 262 -11.92 -4.19 -28.65
N ILE D 263 -13.01 -4.49 -27.94
CA ILE D 263 -13.53 -3.60 -26.91
C ILE D 263 -14.43 -4.40 -26.00
N GLY D 264 -14.36 -4.09 -24.70
CA GLY D 264 -15.27 -4.63 -23.71
C GLY D 264 -15.76 -3.52 -22.81
N ALA D 265 -16.78 -3.84 -22.00
CA ALA D 265 -17.30 -2.82 -21.10
C ALA D 265 -17.84 -3.48 -19.85
N CYS D 266 -17.75 -2.74 -18.74
CA CYS D 266 -18.37 -3.16 -17.49
C CYS D 266 -19.29 -2.02 -17.08
N LEU D 267 -20.60 -2.30 -17.02
CA LEU D 267 -21.59 -1.33 -16.54
C LEU D 267 -21.96 -1.68 -15.11
N ALA D 268 -22.09 -0.65 -14.26
CA ALA D 268 -22.48 -0.85 -12.87
C ALA D 268 -23.60 0.10 -12.52
N VAL D 269 -24.55 -0.39 -11.71
CA VAL D 269 -25.81 0.29 -11.43
C VAL D 269 -25.92 0.60 -9.95
N GLY D 270 -26.38 1.81 -9.64
CA GLY D 270 -26.61 2.19 -8.26
C GLY D 270 -25.33 2.32 -7.44
N PRO D 271 -25.37 1.84 -6.20
CA PRO D 271 -24.17 1.94 -5.35
C PRO D 271 -22.96 1.23 -5.92
N ALA D 272 -23.17 0.17 -6.70
CA ALA D 272 -22.04 -0.50 -7.34
C ALA D 272 -21.29 0.43 -8.27
N ALA D 273 -21.97 1.43 -8.84
CA ALA D 273 -21.34 2.33 -9.79
C ALA D 273 -20.35 3.26 -9.12
N GLU D 274 -20.44 3.41 -7.80
CA GLU D 274 -19.60 4.33 -7.05
C GLU D 274 -18.44 3.64 -6.36
N LEU D 275 -18.30 2.32 -6.52
CA LEU D 275 -17.27 1.59 -5.78
C LEU D 275 -15.86 1.95 -6.28
N LEU D 276 -15.67 2.04 -7.59
CA LEU D 276 -14.35 2.35 -8.13
C LEU D 276 -14.10 3.86 -8.01
N THR D 277 -13.08 4.22 -7.26
CA THR D 277 -12.68 5.59 -7.02
C THR D 277 -11.35 5.85 -7.73
N PRO D 278 -10.91 7.10 -7.82
CA PRO D 278 -9.74 7.40 -8.66
C PRO D 278 -8.50 6.60 -8.25
N GLY D 279 -7.86 5.99 -9.25
CA GLY D 279 -6.65 5.22 -9.04
C GLY D 279 -6.84 3.74 -8.79
N LEU D 280 -8.08 3.26 -8.63
CA LEU D 280 -8.28 1.87 -8.24
C LEU D 280 -8.33 0.91 -9.43
N HIS D 281 -8.49 1.40 -10.64
CA HIS D 281 -8.51 0.52 -11.79
C HIS D 281 -8.25 1.34 -13.05
N GLY D 282 -7.87 0.64 -14.12
CA GLY D 282 -7.60 1.30 -15.38
C GLY D 282 -7.21 0.27 -16.41
N SER D 283 -7.21 0.72 -17.66
CA SER D 283 -6.72 -0.06 -18.81
C SER D 283 -6.24 0.94 -19.86
N THR D 284 -4.98 0.82 -20.30
CA THR D 284 -4.40 1.81 -21.20
C THR D 284 -5.27 2.07 -22.43
N PHE D 285 -5.69 1.01 -23.13
CA PHE D 285 -6.43 1.15 -24.37
C PHE D 285 -7.93 1.36 -24.13
N GLY D 286 -8.42 1.31 -22.90
CA GLY D 286 -9.85 1.30 -22.67
C GLY D 286 -10.55 2.56 -23.15
N GLY D 287 -11.64 2.39 -23.88
CA GLY D 287 -12.40 3.55 -24.32
C GLY D 287 -11.76 4.34 -25.43
N ASN D 288 -10.79 3.77 -26.14
CA ASN D 288 -10.08 4.56 -27.14
C ASN D 288 -11.03 4.96 -28.29
N PRO D 289 -10.76 6.10 -28.92
CA PRO D 289 -11.74 6.62 -29.91
C PRO D 289 -12.05 5.69 -31.07
N VAL D 290 -11.08 4.94 -31.56
CA VAL D 290 -11.29 4.16 -32.77
C VAL D 290 -12.21 2.98 -32.49
N CYS D 291 -11.96 2.24 -31.39
CA CYS D 291 -12.82 1.10 -31.10
C CYS D 291 -14.19 1.57 -30.63
N ALA D 292 -14.25 2.65 -29.85
CA ALA D 292 -15.53 3.19 -29.43
C ALA D 292 -16.34 3.65 -30.64
N ALA D 293 -15.67 4.25 -31.64
CA ALA D 293 -16.36 4.65 -32.86
C ALA D 293 -16.94 3.45 -33.59
N ALA D 294 -16.21 2.34 -33.64
CA ALA D 294 -16.72 1.13 -34.26
C ALA D 294 -17.96 0.62 -33.54
N ALA D 295 -17.93 0.61 -32.20
CA ALA D 295 -19.06 0.16 -31.40
C ALA D 295 -20.27 1.08 -31.58
N LEU D 296 -20.02 2.38 -31.67
CA LEU D 296 -21.13 3.31 -31.92
C LEU D 296 -21.79 3.00 -33.24
N ALA D 297 -21.01 2.66 -34.26
CA ALA D 297 -21.57 2.30 -35.55
C ALA D 297 -22.40 1.03 -35.46
N VAL D 298 -21.94 0.04 -34.69
CA VAL D 298 -22.71 -1.18 -34.52
C VAL D 298 -24.06 -0.88 -33.88
N LEU D 299 -24.07 -0.04 -32.84
CA LEU D 299 -25.34 0.32 -32.20
C LEU D 299 -26.25 1.02 -33.20
N ARG D 300 -25.70 1.91 -34.04
CA ARG D 300 -26.52 2.61 -35.04
C ARG D 300 -27.15 1.65 -36.02
N VAL D 301 -26.38 0.67 -36.51
CA VAL D 301 -26.90 -0.26 -37.51
C VAL D 301 -27.93 -1.18 -36.90
N LEU D 302 -27.66 -1.70 -35.69
CA LEU D 302 -28.67 -2.55 -35.03
C LEU D 302 -30.01 -1.84 -34.98
N ALA D 303 -30.00 -0.55 -34.60
CA ALA D 303 -31.25 0.19 -34.52
C ALA D 303 -31.82 0.46 -35.90
N SER D 304 -31.01 0.99 -36.82
CA SER D 304 -31.53 1.45 -38.10
C SER D 304 -32.04 0.31 -38.96
N ASP D 305 -31.42 -0.87 -38.89
CA ASP D 305 -31.82 -2.00 -39.70
C ASP D 305 -32.71 -2.99 -38.93
N GLY D 306 -33.16 -2.62 -37.73
CA GLY D 306 -34.03 -3.48 -36.96
C GLY D 306 -33.47 -4.87 -36.75
N LEU D 307 -32.17 -4.97 -36.46
CA LEU D 307 -31.54 -6.28 -36.42
C LEU D 307 -31.85 -7.05 -35.15
N VAL D 308 -32.23 -6.38 -34.08
CA VAL D 308 -32.60 -7.08 -32.85
C VAL D 308 -33.88 -7.87 -33.08
N ARG D 309 -34.87 -7.23 -33.66
CA ARG D 309 -36.13 -7.93 -33.97
C ARG D 309 -35.85 -9.02 -34.99
N ARG D 310 -35.00 -8.73 -35.97
CA ARG D 310 -34.71 -9.72 -36.99
C ARG D 310 -34.05 -10.97 -36.39
N ALA D 311 -33.20 -10.79 -35.37
CA ALA D 311 -32.59 -11.95 -34.73
C ALA D 311 -33.63 -12.84 -34.08
N GLU D 312 -34.65 -12.23 -33.49
CA GLU D 312 -35.73 -13.03 -32.84
C GLU D 312 -36.52 -13.78 -33.92
N VAL D 313 -36.89 -13.07 -34.99
CA VAL D 313 -37.72 -13.69 -36.01
C VAL D 313 -36.96 -14.81 -36.72
N LEU D 314 -35.73 -14.52 -37.17
CA LEU D 314 -34.94 -15.53 -37.85
C LEU D 314 -34.55 -16.67 -36.91
N GLY D 315 -34.32 -16.36 -35.64
CA GLY D 315 -33.99 -17.42 -34.70
C GLY D 315 -35.13 -18.40 -34.51
N LYS D 316 -36.36 -17.88 -34.40
CA LYS D 316 -37.54 -18.76 -34.29
C LYS D 316 -37.68 -19.61 -35.55
N SER D 317 -37.58 -18.99 -36.73
CA SER D 317 -37.72 -19.74 -37.97
C SER D 317 -36.62 -20.78 -38.11
N LEU D 318 -35.39 -20.42 -37.70
CA LEU D 318 -34.27 -21.34 -37.82
C LEU D 318 -34.46 -22.56 -36.92
N ARG D 319 -34.88 -22.35 -35.67
CA ARG D 319 -35.02 -23.51 -34.79
C ARG D 319 -36.21 -24.36 -35.21
N HIS D 320 -37.24 -23.72 -35.73
CA HIS D 320 -38.41 -24.49 -36.22
C HIS D 320 -37.98 -25.34 -37.43
N GLY D 321 -37.19 -24.76 -38.32
CA GLY D 321 -36.77 -25.51 -39.50
C GLY D 321 -35.86 -26.68 -39.17
N ILE D 322 -34.99 -26.51 -38.18
CA ILE D 322 -34.11 -27.60 -37.78
C ILE D 322 -34.91 -28.72 -37.13
N GLU D 323 -35.82 -28.36 -36.22
CA GLU D 323 -36.65 -29.37 -35.59
C GLU D 323 -37.56 -30.06 -36.60
N ALA D 324 -38.02 -29.32 -37.62
CA ALA D 324 -38.86 -29.90 -38.65
C ALA D 324 -38.16 -30.97 -39.47
N LEU D 325 -36.82 -31.02 -39.43
CA LEU D 325 -36.11 -32.07 -40.15
C LEU D 325 -36.45 -33.45 -39.60
N GLY D 326 -36.83 -33.52 -38.33
CA GLY D 326 -37.11 -34.79 -37.68
C GLY D 326 -35.96 -35.76 -37.79
N HIS D 327 -34.74 -35.24 -37.74
CA HIS D 327 -33.58 -36.10 -37.92
C HIS D 327 -33.28 -36.86 -36.62
N PRO D 328 -32.98 -38.15 -36.71
CA PRO D 328 -32.81 -38.96 -35.48
C PRO D 328 -31.64 -38.54 -34.61
N LEU D 329 -30.61 -37.90 -35.18
CA LEU D 329 -29.48 -37.47 -34.37
C LEU D 329 -29.76 -36.19 -33.57
N ILE D 330 -30.87 -35.51 -33.84
CA ILE D 330 -31.17 -34.22 -33.22
C ILE D 330 -32.14 -34.47 -32.07
N ASP D 331 -31.68 -34.21 -30.84
CA ASP D 331 -32.56 -34.31 -29.69
C ASP D 331 -33.50 -33.13 -29.59
N HIS D 332 -32.95 -31.91 -29.61
CA HIS D 332 -33.76 -30.69 -29.60
C HIS D 332 -32.84 -29.53 -29.95
N VAL D 333 -33.45 -28.36 -30.11
CA VAL D 333 -32.74 -27.12 -30.38
C VAL D 333 -33.04 -26.15 -29.24
N ARG D 334 -31.98 -25.60 -28.68
CA ARG D 334 -32.22 -24.64 -27.60
C ARG D 334 -31.52 -23.32 -27.89
N GLY D 335 -31.81 -22.35 -27.06
CA GLY D 335 -31.24 -21.03 -27.24
C GLY D 335 -32.33 -19.99 -27.42
N ARG D 336 -31.95 -18.84 -27.95
CA ARG D 336 -32.88 -17.74 -28.16
C ARG D 336 -32.31 -16.83 -29.23
N GLY D 337 -33.17 -16.37 -30.15
CA GLY D 337 -32.67 -15.54 -31.23
C GLY D 337 -31.61 -16.26 -32.03
N LEU D 338 -30.51 -15.55 -32.30
CA LEU D 338 -29.43 -16.12 -33.09
C LEU D 338 -28.27 -16.60 -32.24
N LEU D 339 -28.56 -17.07 -31.02
CA LEU D 339 -27.66 -17.92 -30.25
C LEU D 339 -28.37 -19.27 -30.08
N LEU D 340 -27.95 -20.30 -30.81
CA LEU D 340 -28.68 -21.55 -30.82
C LEU D 340 -27.75 -22.73 -30.59
N GLY D 341 -28.24 -23.72 -29.86
CA GLY D 341 -27.54 -24.98 -29.74
C GLY D 341 -28.36 -26.12 -30.32
N ILE D 342 -27.76 -26.97 -31.13
CA ILE D 342 -28.40 -28.17 -31.63
C ILE D 342 -27.91 -29.32 -30.76
N ALA D 343 -28.77 -29.78 -29.85
CA ALA D 343 -28.41 -30.86 -28.95
C ALA D 343 -28.64 -32.20 -29.64
N LEU D 344 -27.61 -33.02 -29.69
CA LEU D 344 -27.65 -34.29 -30.41
C LEU D 344 -27.97 -35.44 -29.47
N THR D 345 -28.57 -36.50 -30.04
CA THR D 345 -28.84 -37.73 -29.30
C THR D 345 -27.60 -38.56 -29.06
N ALA D 346 -26.49 -38.23 -29.71
CA ALA D 346 -25.23 -38.95 -29.57
C ALA D 346 -24.10 -37.94 -29.65
N PRO D 347 -22.95 -38.23 -29.05
CA PRO D 347 -21.83 -37.26 -29.08
C PRO D 347 -21.06 -37.26 -30.39
N HIS D 348 -21.65 -36.64 -31.42
CA HIS D 348 -21.01 -36.53 -32.73
C HIS D 348 -20.81 -35.08 -33.17
N ALA D 349 -20.94 -34.13 -32.24
CA ALA D 349 -20.84 -32.72 -32.63
C ALA D 349 -19.48 -32.41 -33.25
N LYS D 350 -18.41 -33.00 -32.72
CA LYS D 350 -17.08 -32.72 -33.26
C LYS D 350 -16.96 -33.21 -34.70
N ASP D 351 -17.42 -34.45 -34.97
CA ASP D 351 -17.47 -34.94 -36.34
C ASP D 351 -18.40 -34.07 -37.20
N ALA D 352 -19.56 -33.68 -36.65
CA ALA D 352 -20.50 -32.85 -37.40
C ALA D 352 -19.89 -31.51 -37.75
N GLU D 353 -18.98 -30.99 -36.91
CA GLU D 353 -18.35 -29.72 -37.24
C GLU D 353 -17.45 -29.87 -38.46
N ALA D 354 -16.79 -31.01 -38.62
CA ALA D 354 -15.89 -31.22 -39.75
C ALA D 354 -16.66 -31.51 -41.05
N THR D 355 -17.74 -32.29 -40.98
CA THR D 355 -18.51 -32.53 -42.19
C THR D 355 -19.31 -31.30 -42.59
N ALA D 356 -19.72 -30.48 -41.61
CA ALA D 356 -20.33 -29.19 -41.94
C ALA D 356 -19.34 -28.31 -42.69
N ARG D 357 -18.08 -28.34 -42.26
CA ARG D 357 -17.04 -27.60 -42.96
C ARG D 357 -16.86 -28.12 -44.38
N ASP D 358 -16.90 -29.45 -44.56
CA ASP D 358 -16.85 -30.02 -45.90
C ASP D 358 -17.98 -29.50 -46.76
N ALA D 359 -19.18 -29.37 -46.19
CA ALA D 359 -20.35 -28.88 -46.89
C ALA D 359 -20.40 -27.36 -47.02
N GLY D 360 -19.39 -26.65 -46.52
CA GLY D 360 -19.32 -25.23 -46.72
C GLY D 360 -19.94 -24.38 -45.61
N TYR D 361 -20.01 -24.91 -44.39
CA TYR D 361 -20.62 -24.20 -43.27
C TYR D 361 -19.67 -24.22 -42.08
N LEU D 362 -19.57 -23.09 -41.40
CA LEU D 362 -18.72 -22.96 -40.20
C LEU D 362 -19.63 -23.00 -38.99
N VAL D 363 -19.52 -24.07 -38.19
CA VAL D 363 -20.24 -24.22 -36.94
C VAL D 363 -19.26 -24.60 -35.85
N ASN D 364 -19.75 -24.74 -34.62
CA ASN D 364 -18.91 -24.98 -33.46
C ASN D 364 -19.45 -26.15 -32.65
N ALA D 365 -18.59 -27.11 -32.35
CA ALA D 365 -18.91 -28.18 -31.40
C ALA D 365 -18.65 -27.65 -30.00
N ALA D 366 -19.69 -27.05 -29.38
CA ALA D 366 -19.51 -26.44 -28.07
C ALA D 366 -19.40 -27.50 -26.97
N ALA D 367 -20.07 -28.62 -27.14
CA ALA D 367 -19.95 -29.78 -26.25
C ALA D 367 -19.88 -31.01 -27.14
N PRO D 368 -19.50 -32.18 -26.62
CA PRO D 368 -19.47 -33.38 -27.48
C PRO D 368 -20.79 -33.68 -28.17
N ASP D 369 -21.91 -33.16 -27.65
CA ASP D 369 -23.23 -33.43 -28.22
C ASP D 369 -24.02 -32.15 -28.49
N VAL D 370 -23.35 -31.02 -28.66
CA VAL D 370 -24.04 -29.76 -28.95
C VAL D 370 -23.29 -29.02 -30.03
N ILE D 371 -24.02 -28.61 -31.06
CA ILE D 371 -23.50 -27.75 -32.11
C ILE D 371 -24.01 -26.34 -31.83
N ARG D 372 -23.10 -25.39 -31.67
CA ARG D 372 -23.46 -24.01 -31.38
C ARG D 372 -23.43 -23.19 -32.68
N LEU D 373 -24.47 -22.38 -32.88
CA LEU D 373 -24.55 -21.39 -33.94
C LEU D 373 -24.64 -20.01 -33.32
N ALA D 374 -23.93 -19.05 -33.92
CA ALA D 374 -24.05 -17.63 -33.55
C ALA D 374 -23.74 -16.80 -34.78
N PRO D 375 -24.63 -16.84 -35.78
CA PRO D 375 -24.32 -16.19 -37.06
C PRO D 375 -24.39 -14.68 -36.94
N PRO D 376 -23.79 -13.96 -37.89
CA PRO D 376 -23.99 -12.51 -37.97
C PRO D 376 -25.47 -12.19 -38.03
N LEU D 377 -25.84 -11.04 -37.46
CA LEU D 377 -27.25 -10.67 -37.48
C LEU D 377 -27.71 -10.24 -38.86
N ILE D 378 -26.78 -10.07 -39.80
CA ILE D 378 -27.09 -9.69 -41.17
C ILE D 378 -27.17 -10.91 -42.07
N ILE D 379 -27.10 -12.12 -41.49
CA ILE D 379 -27.11 -13.31 -42.34
C ILE D 379 -28.39 -13.36 -43.17
N ALA D 380 -28.26 -13.85 -44.40
CA ALA D 380 -29.41 -13.95 -45.29
C ALA D 380 -30.29 -15.12 -44.89
N GLU D 381 -31.61 -14.94 -45.01
CA GLU D 381 -32.51 -16.05 -44.73
C GLU D 381 -32.18 -17.25 -45.61
N ALA D 382 -31.82 -17.01 -46.87
CA ALA D 382 -31.48 -18.10 -47.78
C ALA D 382 -30.21 -18.81 -47.33
N GLN D 383 -29.28 -18.10 -46.70
CA GLN D 383 -28.11 -18.79 -46.17
C GLN D 383 -28.50 -19.73 -45.03
N LEU D 384 -29.39 -19.30 -44.15
CA LEU D 384 -29.90 -20.19 -43.11
C LEU D 384 -30.69 -21.36 -43.71
N ASP D 385 -31.53 -21.09 -44.72
CA ASP D 385 -32.31 -22.17 -45.34
C ASP D 385 -31.41 -23.23 -45.94
N GLY D 386 -30.35 -22.82 -46.64
CA GLY D 386 -29.43 -23.79 -47.19
C GLY D 386 -28.78 -24.66 -46.12
N PHE D 387 -28.40 -24.06 -44.98
CA PHE D 387 -27.82 -24.86 -43.91
C PHE D 387 -28.81 -25.90 -43.40
N VAL D 388 -30.05 -25.48 -43.14
CA VAL D 388 -31.05 -26.42 -42.63
C VAL D 388 -31.23 -27.58 -43.61
N ALA D 389 -31.28 -27.27 -44.91
CA ALA D 389 -31.46 -28.33 -45.90
C ALA D 389 -30.22 -29.22 -46.00
N ALA D 390 -29.04 -28.70 -45.71
CA ALA D 390 -27.82 -29.50 -45.76
C ALA D 390 -27.57 -30.27 -44.48
N LEU D 391 -28.28 -29.95 -43.40
CA LEU D 391 -27.97 -30.55 -42.10
C LEU D 391 -28.19 -32.06 -42.06
N PRO D 392 -29.25 -32.64 -42.65
CA PRO D 392 -29.36 -34.11 -42.61
C PRO D 392 -28.14 -34.82 -43.16
N ALA D 393 -27.64 -34.41 -44.33
CA ALA D 393 -26.46 -35.05 -44.90
C ALA D 393 -25.23 -34.78 -44.07
N ILE D 394 -25.11 -33.56 -43.52
CA ILE D 394 -24.00 -33.24 -42.63
C ILE D 394 -23.97 -34.22 -41.46
N LEU D 395 -25.13 -34.43 -40.82
CA LEU D 395 -25.19 -35.34 -39.68
C LEU D 395 -25.00 -36.79 -40.11
N ASP D 396 -25.57 -37.17 -41.27
CA ASP D 396 -25.42 -38.54 -41.74
C ASP D 396 -23.94 -38.86 -41.98
N ARG D 397 -23.21 -37.94 -42.62
CA ARG D 397 -21.79 -38.16 -42.85
C ARG D 397 -20.98 -38.10 -41.56
N ALA D 398 -21.48 -37.40 -40.54
CA ALA D 398 -20.79 -37.38 -39.26
C ALA D 398 -20.76 -38.77 -38.63
N VAL D 399 -21.82 -39.56 -38.83
CA VAL D 399 -21.97 -40.87 -38.22
C VAL D 399 -21.54 -42.00 -39.16
N NO3 E . 22.83 7.04 27.05
O1 NO3 E . 23.19 8.21 26.71
O2 NO3 E . 23.69 6.26 27.58
O3 NO3 E . 21.64 6.65 26.86
N NO3 F . -1.34 8.30 14.95
O1 NO3 F . -0.99 8.52 16.06
O2 NO3 F . -1.83 9.19 14.27
O3 NO3 F . -1.20 7.19 14.49
N NO3 G . 1.37 3.45 -17.25
O1 NO3 G . 1.19 4.53 -16.61
O2 NO3 G . 2.53 3.12 -17.64
O3 NO3 G . 0.37 2.69 -17.50
N NO3 H . -7.81 -21.86 -19.70
O1 NO3 H . -7.22 -22.10 -18.61
O2 NO3 H . -8.07 -20.67 -20.01
O3 NO3 H . -8.15 -22.81 -20.48
#